data_5I92
#
_entry.id   5I92
#
_cell.length_a   70.660
_cell.length_b   121.440
_cell.length_c   142.740
_cell.angle_alpha   90.000
_cell.angle_beta   93.270
_cell.angle_gamma   90.000
#
_symmetry.space_group_name_H-M   'P 1 21 1'
#
loop_
_entity.id
_entity.type
_entity.pdbx_description
1 polymer 'Glutamate-1-semialdehyde 2,1-aminomutase'
2 non-polymer GLYCEROL
3 non-polymer 1,2-ETHANEDIOL
4 non-polymer LEUCINE
5 water water
#
_entity_poly.entity_id   1
_entity_poly.type   'polypeptide(L)'
_entity_poly.pdbx_seq_one_letter_code
;MAHHHHHHMSRSETLFNNAQKHIPGGVNSPVRAFKSVGGTPLFFKHAEGAYVLDEDDKRYVDYVGSWGPMILGHSHPDVL
DAVRRQLDHGLSYGAPTALEVEMADLVCSMVPSMEMVRMVSSGTEATMSAIRLARGYTGRDSIIKFEGCYHGHSDSLLVK
AGSGALTFGVPNSPGVPAAFAKHTLTLPFNDIEAVRKTLGEVGKEVACIIVEPVAGNMNCVPPAPGFLEGLREACDEHGV
VLIFDEVMTGFRVALGGAQAYYGVTPDLSTFGKIIGGGMPVGAFGGKREIMQQISPLGPVYQAGTLSGNPLAMAAGLTTL
RLISRPGFHDELTAYTTRMLDGLQQRADAAGIPFVTTQAGGMFGLYFSGADAIVTFEDVMASDVERFKRFFHLMLDGGVY
LAPSAFEAGFTSIAHGDKELEITLNAAEKAFAALK
;
_entity_poly.pdbx_strand_id   A,B,C,D,E,F
#
# COMPACT_ATOMS: atom_id res chain seq x y z
N MET A 9 4.31 -7.68 -0.37
CA MET A 9 3.57 -7.28 -1.56
C MET A 9 2.07 -7.55 -1.42
N SER A 10 1.32 -6.50 -1.09
CA SER A 10 -0.11 -6.65 -0.82
C SER A 10 -0.87 -6.92 -2.12
N ARG A 11 -2.13 -7.36 -1.96
CA ARG A 11 -2.97 -7.58 -3.12
C ARG A 11 -3.21 -6.29 -3.88
N SER A 12 -3.39 -5.17 -3.16
CA SER A 12 -3.56 -3.89 -3.86
C SER A 12 -2.30 -3.51 -4.62
N GLU A 13 -1.12 -3.73 -4.04
CA GLU A 13 0.11 -3.40 -4.76
C GLU A 13 0.26 -4.26 -6.01
N THR A 14 -0.08 -5.55 -5.91
CA THR A 14 0.01 -6.44 -7.06
C THR A 14 -0.95 -6.00 -8.16
N LEU A 15 -2.19 -5.68 -7.78
CA LEU A 15 -3.16 -5.20 -8.77
C LEU A 15 -2.73 -3.90 -9.41
N PHE A 16 -2.21 -2.95 -8.61
CA PHE A 16 -1.75 -1.69 -9.18
C PHE A 16 -0.64 -1.91 -10.18
N ASN A 17 0.31 -2.79 -9.85
CA ASN A 17 1.37 -3.09 -10.80
C ASN A 17 0.82 -3.73 -12.07
N ASN A 18 -0.10 -4.67 -11.93
CA ASN A 18 -0.65 -5.31 -13.13
C ASN A 18 -1.49 -4.34 -13.94
N ALA A 19 -2.19 -3.43 -13.27
CA ALA A 19 -3.05 -2.46 -13.96
C ALA A 19 -2.26 -1.52 -14.86
N GLN A 20 -0.96 -1.33 -14.59
CA GLN A 20 -0.14 -0.37 -15.35
C GLN A 20 0.02 -0.75 -16.80
N LYS A 21 0.00 -2.06 -17.10
CA LYS A 21 0.33 -2.51 -18.45
C LYS A 21 -0.67 -1.99 -19.47
N HIS A 22 -1.96 -2.08 -19.17
CA HIS A 22 -2.98 -1.71 -20.15
C HIS A 22 -3.88 -0.55 -19.75
N ILE A 23 -3.76 -0.02 -18.53
CA ILE A 23 -4.50 1.16 -18.11
C ILE A 23 -3.49 2.26 -17.80
N PRO A 24 -3.58 3.43 -18.43
CA PRO A 24 -2.59 4.48 -18.15
C PRO A 24 -2.61 4.85 -16.67
N GLY A 25 -1.42 4.77 -16.05
CA GLY A 25 -1.30 5.04 -14.62
C GLY A 25 -1.96 4.02 -13.73
N GLY A 26 -2.45 2.91 -14.29
CA GLY A 26 -3.11 1.89 -13.50
C GLY A 26 -4.52 2.21 -13.04
N VAL A 27 -5.09 3.33 -13.45
CA VAL A 27 -6.40 3.73 -12.94
C VAL A 27 -7.22 4.31 -14.08
N ASN A 28 -8.56 4.14 -13.98
CA ASN A 28 -9.46 4.76 -14.94
C ASN A 28 -9.80 6.19 -14.61
N SER A 29 -9.69 6.58 -13.34
CA SER A 29 -9.95 7.93 -12.90
C SER A 29 -8.66 8.50 -12.36
N PRO A 30 -8.10 9.55 -12.97
CA PRO A 30 -6.75 9.99 -12.60
C PRO A 30 -6.50 10.22 -11.12
N VAL A 31 -7.41 10.87 -10.38
CA VAL A 31 -7.17 11.11 -8.97
C VAL A 31 -7.08 9.81 -8.17
N ARG A 32 -7.60 8.70 -8.71
CA ARG A 32 -7.55 7.43 -7.99
C ARG A 32 -6.14 6.84 -7.93
N ALA A 33 -5.16 7.44 -8.60
CA ALA A 33 -3.79 6.90 -8.58
C ALA A 33 -2.98 7.34 -7.35
N PHE A 34 -3.59 8.11 -6.43
CA PHE A 34 -2.92 8.58 -5.21
C PHE A 34 -1.77 9.55 -5.51
N LYS A 35 -1.69 10.11 -6.72
CA LYS A 35 -0.63 11.09 -6.96
C LYS A 35 -0.81 12.33 -6.09
N SER A 36 -2.03 12.63 -5.65
CA SER A 36 -2.22 13.78 -4.78
CA SER A 36 -2.25 13.78 -4.78
C SER A 36 -1.91 13.49 -3.32
N VAL A 37 -1.77 12.22 -2.92
CA VAL A 37 -1.37 11.90 -1.55
C VAL A 37 -0.12 11.06 -1.46
N GLY A 38 0.44 10.60 -2.57
CA GLY A 38 1.60 9.74 -2.53
C GLY A 38 1.21 8.30 -2.24
N GLY A 39 2.13 7.39 -2.59
CA GLY A 39 1.90 5.98 -2.33
C GLY A 39 1.12 5.31 -3.44
N THR A 40 0.74 4.07 -3.19
CA THR A 40 -0.03 3.40 -4.23
C THR A 40 -1.47 3.21 -3.79
N PRO A 41 -2.42 3.21 -4.72
CA PRO A 41 -3.84 3.23 -4.33
C PRO A 41 -4.32 1.92 -3.77
N LEU A 42 -5.33 2.02 -2.92
CA LEU A 42 -6.02 0.84 -2.44
C LEU A 42 -7.06 0.41 -3.47
N PHE A 43 -7.09 -0.89 -3.75
CA PHE A 43 -8.13 -1.47 -4.59
C PHE A 43 -9.23 -2.00 -3.67
N PHE A 44 -10.49 -1.74 -4.01
CA PHE A 44 -11.59 -2.14 -3.16
C PHE A 44 -12.40 -3.27 -3.78
N LYS A 45 -12.96 -4.11 -2.93
CA LYS A 45 -13.74 -5.25 -3.41
C LYS A 45 -15.11 -5.39 -2.76
N HIS A 46 -15.45 -4.58 -1.76
CA HIS A 46 -16.74 -4.69 -1.09
C HIS A 46 -16.99 -3.39 -0.34
N ALA A 47 -18.26 -3.05 -0.18
CA ALA A 47 -18.60 -1.92 0.67
C ALA A 47 -19.96 -2.19 1.30
N GLU A 48 -20.14 -1.68 2.51
CA GLU A 48 -21.43 -1.79 3.17
CA GLU A 48 -21.41 -1.83 3.20
C GLU A 48 -21.51 -0.74 4.25
N GLY A 49 -22.62 0.02 4.23
CA GLY A 49 -22.82 1.02 5.26
C GLY A 49 -21.75 2.08 5.18
N ALA A 50 -21.13 2.34 6.32
CA ALA A 50 -20.09 3.34 6.42
C ALA A 50 -18.70 2.79 6.10
N TYR A 51 -18.60 1.57 5.55
CA TYR A 51 -17.30 0.91 5.42
C TYR A 51 -17.01 0.48 3.99
N VAL A 52 -15.72 0.55 3.64
CA VAL A 52 -15.21 -0.01 2.40
C VAL A 52 -14.14 -1.04 2.77
N LEU A 53 -14.03 -2.09 1.96
CA LEU A 53 -13.13 -3.20 2.24
C LEU A 53 -12.11 -3.27 1.10
N ASP A 54 -10.81 -3.22 1.41
CA ASP A 54 -9.82 -3.27 0.34
C ASP A 54 -9.49 -4.73 0.01
N GLU A 55 -8.66 -4.93 -1.02
CA GLU A 55 -8.38 -6.28 -1.51
C GLU A 55 -7.60 -7.11 -0.52
N ASP A 56 -7.01 -6.50 0.50
CA ASP A 56 -6.33 -7.23 1.57
C ASP A 56 -7.21 -7.39 2.79
N ASP A 57 -8.52 -7.14 2.62
CA ASP A 57 -9.56 -7.38 3.63
C ASP A 57 -9.43 -6.47 4.85
N LYS A 58 -8.85 -5.30 4.68
CA LYS A 58 -8.91 -4.27 5.70
C LYS A 58 -10.14 -3.39 5.49
N ARG A 59 -10.83 -3.08 6.60
CA ARG A 59 -12.03 -2.25 6.57
CA ARG A 59 -12.03 -2.26 6.59
C ARG A 59 -11.68 -0.82 6.97
N TYR A 60 -12.29 0.14 6.28
CA TYR A 60 -12.09 1.54 6.58
C TYR A 60 -13.43 2.23 6.75
N VAL A 61 -13.52 3.14 7.72
CA VAL A 61 -14.62 4.10 7.73
C VAL A 61 -14.46 5.02 6.54
N ASP A 62 -15.52 5.14 5.73
CA ASP A 62 -15.43 5.77 4.41
C ASP A 62 -15.99 7.19 4.46
N TYR A 63 -15.19 8.18 4.03
CA TYR A 63 -15.65 9.55 3.89
C TYR A 63 -15.57 10.03 2.44
N VAL A 64 -15.45 9.10 1.50
CA VAL A 64 -15.54 9.40 0.09
C VAL A 64 -16.91 9.04 -0.47
N GLY A 65 -17.49 7.92 -0.02
CA GLY A 65 -18.86 7.58 -0.41
C GLY A 65 -19.03 7.52 -1.92
N SER A 66 -18.03 6.96 -2.61
CA SER A 66 -17.99 6.92 -4.07
CA SER A 66 -17.99 6.92 -4.07
C SER A 66 -18.05 8.32 -4.67
N TRP A 67 -17.58 9.32 -3.90
CA TRP A 67 -17.53 10.74 -4.28
C TRP A 67 -18.90 11.40 -4.26
N GLY A 68 -19.78 10.98 -3.36
CA GLY A 68 -21.04 11.67 -3.21
C GLY A 68 -22.32 10.84 -3.25
N PRO A 69 -22.40 9.82 -4.11
CA PRO A 69 -23.69 9.14 -4.26
C PRO A 69 -24.16 8.43 -3.02
N MET A 70 -23.26 7.93 -2.18
CA MET A 70 -23.62 6.96 -1.14
CA MET A 70 -23.66 6.96 -1.16
C MET A 70 -24.09 7.62 0.15
N ILE A 71 -24.98 8.60 0.05
CA ILE A 71 -25.49 9.28 1.24
C ILE A 71 -26.27 8.34 2.16
N LEU A 72 -26.80 7.24 1.63
CA LEU A 72 -27.47 6.24 2.46
C LEU A 72 -26.49 5.22 3.02
N GLY A 73 -25.20 5.44 2.81
CA GLY A 73 -24.22 4.40 3.01
C GLY A 73 -24.19 3.47 1.81
N HIS A 74 -23.15 2.65 1.76
CA HIS A 74 -23.02 1.69 0.68
C HIS A 74 -24.02 0.55 0.85
N SER A 75 -24.49 0.04 -0.29
CA SER A 75 -25.26 -1.21 -0.30
C SER A 75 -26.48 -1.17 0.63
N HIS A 76 -27.23 -0.07 0.60
CA HIS A 76 -28.46 -0.01 1.38
C HIS A 76 -29.41 -1.10 0.88
N PRO A 77 -29.94 -1.94 1.79
CA PRO A 77 -30.70 -3.12 1.34
C PRO A 77 -31.91 -2.79 0.48
N ASP A 78 -32.58 -1.66 0.75
CA ASP A 78 -33.75 -1.32 -0.04
C ASP A 78 -33.36 -0.88 -1.44
N VAL A 79 -32.20 -0.22 -1.57
CA VAL A 79 -31.73 0.19 -2.89
C VAL A 79 -31.30 -1.04 -3.69
N LEU A 80 -30.52 -1.93 -3.06
CA LEU A 80 -30.11 -3.16 -3.72
C LEU A 80 -31.31 -4.00 -4.13
N ASP A 81 -32.34 -4.09 -3.27
CA ASP A 81 -33.53 -4.86 -3.63
C ASP A 81 -34.24 -4.27 -4.83
N ALA A 82 -34.30 -2.93 -4.91
CA ALA A 82 -34.94 -2.29 -6.05
C ALA A 82 -34.19 -2.60 -7.32
N VAL A 83 -32.85 -2.59 -7.28
CA VAL A 83 -32.08 -2.92 -8.47
C VAL A 83 -32.27 -4.38 -8.85
N ARG A 84 -32.28 -5.28 -7.87
CA ARG A 84 -32.49 -6.70 -8.14
C ARG A 84 -33.84 -6.96 -8.81
N ARG A 85 -34.90 -6.34 -8.30
CA ARG A 85 -36.21 -6.56 -8.91
CA ARG A 85 -36.22 -6.53 -8.90
C ARG A 85 -36.25 -5.98 -10.31
N GLN A 86 -35.63 -4.81 -10.53
CA GLN A 86 -35.62 -4.23 -11.85
C GLN A 86 -34.82 -5.08 -12.84
N LEU A 87 -33.76 -5.72 -12.35
CA LEU A 87 -32.96 -6.63 -13.17
C LEU A 87 -33.81 -7.70 -13.85
N ASP A 88 -34.91 -8.12 -13.23
CA ASP A 88 -35.75 -9.16 -13.81
C ASP A 88 -36.28 -8.77 -15.19
N HIS A 89 -36.27 -7.49 -15.51
CA HIS A 89 -36.84 -7.00 -16.76
C HIS A 89 -35.80 -6.69 -17.84
N GLY A 90 -34.52 -6.90 -17.57
CA GLY A 90 -33.46 -6.62 -18.51
C GLY A 90 -32.61 -5.42 -18.10
N LEU A 91 -31.38 -5.41 -18.59
CA LEU A 91 -30.47 -4.28 -18.37
C LEU A 91 -30.90 -3.04 -19.12
N SER A 92 -31.49 -3.20 -20.29
CA SER A 92 -31.99 -2.07 -21.06
C SER A 92 -33.13 -2.54 -21.95
N TYR A 93 -34.33 -2.62 -21.40
CA TYR A 93 -35.49 -3.09 -22.13
C TYR A 93 -36.10 -2.00 -23.01
N GLY A 94 -35.29 -1.03 -23.43
CA GLY A 94 -35.64 -0.18 -24.55
C GLY A 94 -36.13 1.22 -24.17
N ALA A 95 -36.58 1.91 -25.25
CA ALA A 95 -37.20 3.21 -25.56
C ALA A 95 -37.57 4.06 -24.33
N PRO A 96 -38.60 4.91 -24.32
CA PRO A 96 -38.96 5.52 -23.03
C PRO A 96 -39.59 4.47 -22.13
N THR A 97 -39.48 4.74 -20.83
CA THR A 97 -39.99 3.85 -19.80
C THR A 97 -40.78 4.65 -18.78
N ALA A 98 -41.68 3.95 -18.10
CA ALA A 98 -42.45 4.59 -17.03
C ALA A 98 -41.56 5.06 -15.90
N LEU A 99 -40.47 4.34 -15.62
CA LEU A 99 -39.57 4.73 -14.54
C LEU A 99 -38.98 6.12 -14.80
N GLU A 100 -38.72 6.44 -16.06
CA GLU A 100 -38.16 7.75 -16.38
C GLU A 100 -39.16 8.86 -16.11
N VAL A 101 -40.44 8.62 -16.39
CA VAL A 101 -41.47 9.60 -16.05
C VAL A 101 -41.54 9.77 -14.55
N GLU A 102 -41.48 8.65 -13.81
CA GLU A 102 -41.57 8.71 -12.36
C GLU A 102 -40.41 9.50 -11.78
N MET A 103 -39.19 9.30 -12.32
CA MET A 103 -38.01 10.01 -11.87
C MET A 103 -38.12 11.50 -12.16
N ALA A 104 -38.50 11.86 -13.39
CA ALA A 104 -38.61 13.27 -13.74
C ALA A 104 -39.61 13.98 -12.86
N ASP A 105 -40.77 13.36 -12.63
CA ASP A 105 -41.78 13.94 -11.75
C ASP A 105 -41.26 14.11 -10.33
N LEU A 106 -40.53 13.10 -9.81
CA LEU A 106 -40.05 13.19 -8.43
C LEU A 106 -39.00 14.28 -8.28
N VAL A 107 -38.04 14.35 -9.21
CA VAL A 107 -37.01 15.37 -9.12
C VAL A 107 -37.62 16.76 -9.18
N CYS A 108 -38.54 16.99 -10.12
CA CYS A 108 -39.10 18.32 -10.23
C CYS A 108 -39.98 18.66 -9.04
N SER A 109 -40.55 17.67 -8.36
CA SER A 109 -41.30 17.96 -7.13
C SER A 109 -40.35 18.31 -5.99
N MET A 110 -39.19 17.65 -5.91
CA MET A 110 -38.24 17.89 -4.82
C MET A 110 -37.42 19.16 -5.01
N VAL A 111 -37.20 19.57 -6.26
CA VAL A 111 -36.37 20.74 -6.56
C VAL A 111 -37.20 21.68 -7.43
N PRO A 112 -37.93 22.61 -6.82
CA PRO A 112 -38.94 23.38 -7.57
C PRO A 112 -38.37 24.20 -8.71
N SER A 113 -37.09 24.56 -8.70
CA SER A 113 -36.53 25.30 -9.82
C SER A 113 -36.56 24.49 -11.11
N MET A 114 -36.61 23.17 -11.00
CA MET A 114 -36.65 22.26 -12.13
C MET A 114 -38.10 22.13 -12.59
N GLU A 115 -38.44 22.87 -13.62
CA GLU A 115 -39.74 22.72 -14.25
C GLU A 115 -39.74 21.62 -15.29
N MET A 116 -38.61 21.43 -15.95
CA MET A 116 -38.38 20.28 -16.81
C MET A 116 -36.96 19.78 -16.54
N VAL A 117 -36.73 18.51 -16.83
CA VAL A 117 -35.44 17.89 -16.52
C VAL A 117 -35.15 16.83 -17.58
N ARG A 118 -33.85 16.64 -17.87
CA ARG A 118 -33.36 15.60 -18.76
C ARG A 118 -32.33 14.77 -18.03
N MET A 119 -32.38 13.46 -18.25
CA MET A 119 -31.37 12.52 -17.75
C MET A 119 -30.36 12.23 -18.85
N VAL A 120 -29.07 12.24 -18.50
CA VAL A 120 -27.99 11.97 -19.45
C VAL A 120 -26.99 11.04 -18.77
N SER A 121 -25.90 10.72 -19.45
CA SER A 121 -24.98 9.71 -18.91
CA SER A 121 -25.02 9.70 -18.88
C SER A 121 -24.06 10.25 -17.82
N SER A 122 -23.82 11.55 -17.77
CA SER A 122 -22.83 12.03 -16.79
C SER A 122 -23.07 13.48 -16.46
N GLY A 123 -22.45 13.91 -15.35
CA GLY A 123 -22.42 15.31 -15.02
C GLY A 123 -21.68 16.15 -16.04
N THR A 124 -20.62 15.59 -16.64
CA THR A 124 -19.90 16.31 -17.69
C THR A 124 -20.84 16.63 -18.85
N GLU A 125 -21.64 15.67 -19.27
CA GLU A 125 -22.57 15.93 -20.36
CA GLU A 125 -22.58 15.91 -20.36
C GLU A 125 -23.73 16.81 -19.92
N ALA A 126 -24.12 16.75 -18.65
CA ALA A 126 -25.17 17.65 -18.16
C ALA A 126 -24.70 19.10 -18.27
N THR A 127 -23.45 19.36 -17.87
CA THR A 127 -22.88 20.69 -18.01
C THR A 127 -22.86 21.13 -19.46
N MET A 128 -22.36 20.28 -20.36
CA MET A 128 -22.28 20.65 -21.76
C MET A 128 -23.66 21.04 -22.28
N SER A 129 -24.69 20.26 -21.92
CA SER A 129 -26.04 20.57 -22.37
C SER A 129 -26.54 21.86 -21.75
N ALA A 130 -26.30 22.06 -20.45
CA ALA A 130 -26.85 23.23 -19.78
C ALA A 130 -26.22 24.52 -20.32
N ILE A 131 -24.91 24.51 -20.55
CA ILE A 131 -24.26 25.70 -21.09
C ILE A 131 -24.72 25.98 -22.51
N ARG A 132 -24.84 24.92 -23.33
CA ARG A 132 -25.34 25.11 -24.69
C ARG A 132 -26.75 25.71 -24.69
N LEU A 133 -27.61 25.25 -23.79
CA LEU A 133 -28.95 25.83 -23.70
C LEU A 133 -28.90 27.30 -23.30
N ALA A 134 -28.01 27.66 -22.38
CA ALA A 134 -27.89 29.06 -21.99
C ALA A 134 -27.41 29.92 -23.17
N ARG A 135 -26.40 29.44 -23.90
CA ARG A 135 -25.94 30.15 -25.10
C ARG A 135 -27.06 30.29 -26.13
N GLY A 136 -27.82 29.22 -26.37
CA GLY A 136 -28.91 29.32 -27.33
C GLY A 136 -30.00 30.28 -26.89
N TYR A 137 -30.31 30.27 -25.58
CA TYR A 137 -31.41 31.08 -25.05
C TYR A 137 -31.10 32.57 -25.12
N THR A 138 -29.86 32.95 -24.83
CA THR A 138 -29.44 34.34 -24.77
C THR A 138 -28.87 34.86 -26.08
N GLY A 139 -28.44 33.95 -26.97
CA GLY A 139 -27.73 34.38 -28.15
C GLY A 139 -26.33 34.88 -27.88
N ARG A 140 -25.76 34.59 -26.71
CA ARG A 140 -24.43 35.04 -26.34
C ARG A 140 -23.50 33.84 -26.25
N ASP A 141 -22.20 34.12 -26.34
CA ASP A 141 -21.20 33.07 -26.45
C ASP A 141 -20.39 32.82 -25.21
N SER A 142 -20.22 33.81 -24.34
CA SER A 142 -19.25 33.64 -23.27
C SER A 142 -19.88 33.14 -21.98
N ILE A 143 -19.04 32.55 -21.14
CA ILE A 143 -19.48 32.05 -19.84
C ILE A 143 -18.51 32.56 -18.79
N ILE A 144 -19.02 32.65 -17.58
CA ILE A 144 -18.21 32.91 -16.40
C ILE A 144 -18.19 31.65 -15.54
N LYS A 145 -16.99 31.20 -15.18
CA LYS A 145 -16.80 30.15 -14.20
C LYS A 145 -15.83 30.67 -13.14
N PHE A 146 -15.64 29.89 -12.08
CA PHE A 146 -14.84 30.32 -10.94
C PHE A 146 -13.63 29.41 -10.78
N GLU A 147 -12.48 30.01 -10.47
CA GLU A 147 -11.25 29.24 -10.30
C GLU A 147 -11.40 28.25 -9.14
N GLY A 148 -11.05 27.00 -9.39
CA GLY A 148 -11.21 25.93 -8.43
C GLY A 148 -12.47 25.14 -8.59
N CYS A 149 -13.43 25.60 -9.39
CA CYS A 149 -14.65 24.84 -9.62
C CYS A 149 -14.42 23.87 -10.76
N TYR A 150 -15.13 22.75 -10.70
CA TYR A 150 -15.04 21.67 -11.68
C TYR A 150 -16.43 21.32 -12.17
N HIS A 151 -16.62 21.35 -13.49
CA HIS A 151 -17.89 21.06 -14.13
C HIS A 151 -17.77 20.01 -15.23
N GLY A 152 -16.68 19.24 -15.24
CA GLY A 152 -16.42 18.32 -16.33
C GLY A 152 -15.28 18.83 -17.19
N HIS A 153 -14.53 17.88 -17.76
CA HIS A 153 -13.38 18.23 -18.59
C HIS A 153 -13.79 18.28 -20.07
N SER A 154 -14.67 19.21 -20.36
CA SER A 154 -14.93 19.60 -21.74
C SER A 154 -13.99 20.74 -22.12
N ASP A 155 -13.71 20.86 -23.42
CA ASP A 155 -12.60 21.69 -23.88
C ASP A 155 -12.72 23.13 -23.40
N SER A 156 -13.92 23.71 -23.51
CA SER A 156 -14.06 25.12 -23.19
C SER A 156 -14.01 25.39 -21.68
N LEU A 157 -13.98 24.35 -20.86
CA LEU A 157 -13.75 24.52 -19.43
C LEU A 157 -12.32 24.20 -19.01
N LEU A 158 -11.47 23.72 -19.93
CA LEU A 158 -10.07 23.43 -19.62
C LEU A 158 -9.24 24.68 -19.88
N VAL A 159 -9.49 25.70 -19.06
CA VAL A 159 -9.04 27.04 -19.36
CA VAL A 159 -9.14 27.07 -19.35
C VAL A 159 -8.65 27.74 -18.07
N LYS A 160 -7.77 28.73 -18.21
CA LYS A 160 -7.46 29.63 -17.12
C LYS A 160 -7.68 31.05 -17.62
N ALA A 161 -7.64 32.00 -16.71
CA ALA A 161 -7.89 33.38 -17.10
C ALA A 161 -6.83 33.88 -18.09
N GLY A 162 -7.28 34.64 -19.09
CA GLY A 162 -6.34 35.32 -19.97
C GLY A 162 -5.71 36.51 -19.27
N SER A 163 -4.51 36.87 -19.71
CA SER A 163 -3.84 38.03 -19.17
C SER A 163 -3.97 39.20 -20.16
N THR A 167 -9.05 38.46 -25.49
CA THR A 167 -9.24 37.03 -25.25
C THR A 167 -9.46 36.74 -23.76
N PHE A 168 -10.62 36.17 -23.44
CA PHE A 168 -11.04 36.02 -22.05
C PHE A 168 -10.31 34.89 -21.34
N GLY A 169 -10.13 33.77 -22.02
CA GLY A 169 -9.51 32.62 -21.41
C GLY A 169 -8.48 32.02 -22.35
N VAL A 170 -7.54 31.28 -21.76
CA VAL A 170 -6.56 30.49 -22.51
C VAL A 170 -6.57 29.04 -22.03
N PRO A 171 -6.20 28.08 -22.87
CA PRO A 171 -6.19 26.68 -22.42
C PRO A 171 -5.26 26.48 -21.23
N ASN A 172 -5.67 25.60 -20.33
CA ASN A 172 -4.88 25.25 -19.14
C ASN A 172 -4.14 23.94 -19.29
N SER A 173 -4.22 23.30 -20.46
CA SER A 173 -3.64 21.97 -20.64
C SER A 173 -3.53 21.69 -22.14
N PRO A 174 -2.71 20.72 -22.54
CA PRO A 174 -2.53 20.45 -23.97
C PRO A 174 -3.75 19.79 -24.60
N GLY A 175 -3.80 19.90 -25.93
CA GLY A 175 -4.84 19.27 -26.72
C GLY A 175 -6.10 20.09 -26.85
N VAL A 176 -6.07 21.33 -26.36
CA VAL A 176 -7.23 22.23 -26.34
C VAL A 176 -6.88 23.46 -27.18
N PRO A 177 -7.52 23.65 -28.33
CA PRO A 177 -7.21 24.81 -29.16
C PRO A 177 -7.49 26.11 -28.42
N ALA A 178 -6.64 27.10 -28.66
CA ALA A 178 -6.82 28.43 -28.07
C ALA A 178 -8.21 28.99 -28.35
N ALA A 179 -8.73 28.75 -29.56
CA ALA A 179 -10.05 29.28 -29.92
C ALA A 179 -11.14 28.77 -28.99
N PHE A 180 -10.96 27.58 -28.43
CA PHE A 180 -11.99 26.99 -27.59
C PHE A 180 -11.99 27.60 -26.20
N ALA A 181 -10.93 28.30 -25.83
CA ALA A 181 -10.85 28.91 -24.52
C ALA A 181 -11.27 30.37 -24.52
N LYS A 182 -11.37 31.01 -25.69
CA LYS A 182 -11.50 32.46 -25.73
C LYS A 182 -12.81 32.98 -25.14
N HIS A 183 -13.86 32.14 -25.06
CA HIS A 183 -15.16 32.59 -24.55
C HIS A 183 -15.40 32.25 -23.10
N THR A 184 -14.40 31.77 -22.37
CA THR A 184 -14.59 31.35 -21.00
C THR A 184 -13.81 32.28 -20.08
N LEU A 185 -14.53 32.97 -19.20
CA LEU A 185 -13.96 33.89 -18.22
C LEU A 185 -13.82 33.16 -16.88
N THR A 186 -12.67 33.32 -16.22
CA THR A 186 -12.43 32.68 -14.92
C THR A 186 -12.25 33.76 -13.88
N LEU A 187 -13.10 33.72 -12.85
CA LEU A 187 -13.15 34.72 -11.79
C LEU A 187 -12.94 34.05 -10.44
N PRO A 188 -12.61 34.80 -9.39
CA PRO A 188 -12.38 34.17 -8.08
C PRO A 188 -13.68 33.77 -7.41
N PHE A 189 -13.74 32.53 -6.93
CA PHE A 189 -14.88 32.09 -6.15
C PHE A 189 -15.07 33.00 -4.94
N ASN A 190 -16.33 33.31 -4.65
CA ASN A 190 -16.74 34.11 -3.50
C ASN A 190 -16.39 35.59 -3.64
N ASP A 191 -16.07 36.07 -4.84
CA ASP A 191 -15.73 37.49 -5.06
C ASP A 191 -16.85 38.12 -5.89
N ILE A 192 -17.91 38.57 -5.21
CA ILE A 192 -19.04 39.11 -5.95
C ILE A 192 -18.65 40.41 -6.65
N GLU A 193 -17.74 41.19 -6.07
CA GLU A 193 -17.40 42.45 -6.71
C GLU A 193 -16.68 42.22 -8.03
N ALA A 194 -15.88 41.16 -8.14
CA ALA A 194 -15.23 40.87 -9.41
C ALA A 194 -16.25 40.43 -10.47
N VAL A 195 -17.28 39.70 -10.05
CA VAL A 195 -18.36 39.35 -10.97
C VAL A 195 -19.08 40.60 -11.48
N ARG A 196 -19.44 41.51 -10.56
CA ARG A 196 -20.15 42.71 -10.98
C ARG A 196 -19.30 43.57 -11.90
N LYS A 197 -18.00 43.69 -11.61
CA LYS A 197 -17.12 44.46 -12.48
C LYS A 197 -17.05 43.85 -13.87
N THR A 198 -16.87 42.52 -13.94
CA THR A 198 -16.78 41.86 -15.24
C THR A 198 -18.06 42.03 -16.05
N LEU A 199 -19.23 41.83 -15.42
CA LEU A 199 -20.48 42.00 -16.16
C LEU A 199 -20.69 43.46 -16.57
N GLY A 200 -20.21 44.41 -15.76
CA GLY A 200 -20.27 45.79 -16.20
C GLY A 200 -19.46 46.07 -17.45
N GLU A 201 -18.42 45.29 -17.68
CA GLU A 201 -17.56 45.48 -18.85
C GLU A 201 -18.02 44.68 -20.06
N VAL A 202 -18.41 43.42 -19.87
CA VAL A 202 -18.68 42.54 -21.00
C VAL A 202 -19.97 41.74 -20.83
N GLY A 203 -20.89 42.24 -20.00
CA GLY A 203 -22.09 41.49 -19.67
C GLY A 203 -22.93 41.09 -20.87
N LYS A 204 -22.96 41.94 -21.90
CA LYS A 204 -23.72 41.64 -23.10
C LYS A 204 -23.18 40.44 -23.86
N GLU A 205 -21.98 39.97 -23.51
CA GLU A 205 -21.39 38.80 -24.13
C GLU A 205 -21.58 37.53 -23.32
N VAL A 206 -22.13 37.60 -22.12
CA VAL A 206 -22.08 36.48 -21.16
C VAL A 206 -23.42 35.77 -21.17
N ALA A 207 -23.42 34.53 -21.65
CA ALA A 207 -24.62 33.70 -21.68
C ALA A 207 -24.98 33.16 -20.30
N CYS A 208 -23.98 32.78 -19.50
CA CYS A 208 -24.28 32.14 -18.23
C CYS A 208 -23.14 32.32 -17.25
N ILE A 209 -23.48 32.26 -15.97
CA ILE A 209 -22.54 32.00 -14.89
C ILE A 209 -22.80 30.59 -14.39
N ILE A 210 -21.76 29.76 -14.33
CA ILE A 210 -21.88 28.43 -13.78
C ILE A 210 -21.06 28.39 -12.50
N VAL A 211 -21.61 27.78 -11.46
CA VAL A 211 -20.97 27.78 -10.15
C VAL A 211 -21.39 26.52 -9.39
N GLU A 212 -20.44 25.93 -8.66
CA GLU A 212 -20.80 24.98 -7.59
C GLU A 212 -21.21 25.81 -6.39
N PRO A 213 -22.48 25.74 -5.95
CA PRO A 213 -22.90 26.67 -4.89
C PRO A 213 -22.14 26.46 -3.60
N VAL A 214 -21.73 25.22 -3.31
CA VAL A 214 -20.65 24.91 -2.37
C VAL A 214 -19.55 24.27 -3.19
N ALA A 215 -18.36 24.86 -3.19
CA ALA A 215 -17.29 24.24 -3.97
C ALA A 215 -16.92 22.92 -3.33
N GLY A 216 -16.72 21.89 -4.16
CA GLY A 216 -16.35 20.60 -3.65
C GLY A 216 -15.08 20.04 -4.25
N ASN A 217 -14.58 20.71 -5.29
CA ASN A 217 -13.42 20.24 -6.05
C ASN A 217 -12.18 21.10 -5.83
N MET A 218 -12.19 21.95 -4.82
CA MET A 218 -11.00 22.57 -4.24
C MET A 218 -11.07 22.41 -2.73
N ASN A 219 -11.32 21.17 -2.32
CA ASN A 219 -11.85 20.85 -1.00
C ASN A 219 -13.21 21.52 -0.87
N CYS A 220 -13.79 21.53 0.32
CA CYS A 220 -15.14 22.08 0.52
C CYS A 220 -15.05 23.57 0.87
N VAL A 221 -15.57 24.43 0.01
CA VAL A 221 -15.59 25.86 0.27
C VAL A 221 -17.02 26.36 0.17
N PRO A 222 -17.69 26.56 1.31
CA PRO A 222 -19.05 27.11 1.30
C PRO A 222 -19.08 28.54 0.79
N PRO A 223 -20.22 28.99 0.28
CA PRO A 223 -20.33 30.35 -0.25
C PRO A 223 -20.29 31.38 0.87
N ALA A 224 -19.61 32.49 0.59
CA ALA A 224 -19.58 33.60 1.53
C ALA A 224 -20.95 34.26 1.62
N PRO A 225 -21.28 34.86 2.76
CA PRO A 225 -22.56 35.58 2.85
C PRO A 225 -22.72 36.57 1.71
N GLY A 226 -23.87 36.50 1.06
CA GLY A 226 -24.18 37.38 -0.04
C GLY A 226 -23.67 36.96 -1.39
N PHE A 227 -22.83 35.92 -1.48
CA PHE A 227 -22.25 35.56 -2.77
C PHE A 227 -23.31 35.02 -3.72
N LEU A 228 -24.04 33.97 -3.31
CA LEU A 228 -25.00 33.39 -4.24
C LEU A 228 -26.15 34.34 -4.52
N GLU A 229 -26.59 35.08 -3.49
CA GLU A 229 -27.61 36.09 -3.71
C GLU A 229 -27.12 37.13 -4.71
N GLY A 230 -25.85 37.52 -4.60
CA GLY A 230 -25.28 38.49 -5.51
C GLY A 230 -25.23 37.97 -6.94
N LEU A 231 -24.88 36.69 -7.11
CA LEU A 231 -24.89 36.12 -8.46
C LEU A 231 -26.29 36.17 -9.06
N ARG A 232 -27.31 35.86 -8.25
CA ARG A 232 -28.69 35.90 -8.75
C ARG A 232 -29.10 37.30 -9.17
N GLU A 233 -28.75 38.31 -8.36
CA GLU A 233 -29.09 39.69 -8.69
C GLU A 233 -28.34 40.17 -9.92
N ALA A 234 -27.05 39.83 -10.01
CA ALA A 234 -26.26 40.28 -11.14
C ALA A 234 -26.72 39.60 -12.43
N CYS A 235 -27.05 38.30 -12.36
CA CYS A 235 -27.58 37.65 -13.55
C CYS A 235 -28.91 38.26 -13.97
N ASP A 236 -29.79 38.54 -13.01
CA ASP A 236 -31.04 39.19 -13.36
C ASP A 236 -30.79 40.53 -14.04
N GLU A 237 -29.85 41.31 -13.51
CA GLU A 237 -29.59 42.64 -14.01
C GLU A 237 -29.07 42.61 -15.44
N HIS A 238 -28.23 41.62 -15.76
CA HIS A 238 -27.56 41.56 -17.05
C HIS A 238 -28.17 40.56 -18.02
N GLY A 239 -29.27 39.91 -17.66
CA GLY A 239 -29.88 38.94 -18.56
C GLY A 239 -29.07 37.67 -18.76
N VAL A 240 -28.32 37.28 -17.75
CA VAL A 240 -27.44 36.10 -17.77
C VAL A 240 -28.17 34.92 -17.15
N VAL A 241 -27.95 33.71 -17.69
CA VAL A 241 -28.50 32.49 -17.10
C VAL A 241 -27.62 32.05 -15.94
N LEU A 242 -28.22 31.86 -14.77
CA LEU A 242 -27.49 31.36 -13.61
C LEU A 242 -27.60 29.84 -13.56
N ILE A 243 -26.47 29.14 -13.60
CA ILE A 243 -26.43 27.67 -13.59
C ILE A 243 -25.76 27.21 -12.31
N PHE A 244 -26.48 26.39 -11.53
CA PHE A 244 -25.92 25.78 -10.32
C PHE A 244 -25.51 24.36 -10.66
N ASP A 245 -24.24 24.05 -10.43
CA ASP A 245 -23.71 22.70 -10.60
C ASP A 245 -23.91 22.03 -9.25
N GLU A 246 -24.95 21.20 -9.14
CA GLU A 246 -25.27 20.50 -7.90
C GLU A 246 -24.95 19.01 -8.02
N VAL A 247 -23.99 18.65 -8.85
CA VAL A 247 -23.61 17.24 -8.99
C VAL A 247 -23.19 16.68 -7.63
N MET A 248 -22.45 17.46 -6.83
CA MET A 248 -22.07 17.03 -5.49
C MET A 248 -23.01 17.54 -4.40
N THR A 249 -23.46 18.80 -4.50
CA THR A 249 -24.28 19.37 -3.44
C THR A 249 -25.71 18.85 -3.48
N GLY A 250 -26.19 18.44 -4.66
CA GLY A 250 -27.58 18.04 -4.85
C GLY A 250 -27.99 16.92 -3.93
N PHE A 251 -29.11 17.11 -3.22
CA PHE A 251 -29.65 16.15 -2.26
C PHE A 251 -28.71 15.84 -1.11
N ARG A 252 -27.62 16.59 -0.93
CA ARG A 252 -26.63 16.32 0.11
C ARG A 252 -26.43 17.47 1.07
N VAL A 253 -26.30 18.69 0.56
CA VAL A 253 -26.28 19.85 1.47
C VAL A 253 -27.62 19.98 2.18
N ALA A 254 -28.70 19.67 1.45
CA ALA A 254 -30.05 19.63 1.98
C ALA A 254 -30.85 18.77 1.02
N LEU A 255 -32.08 18.42 1.43
CA LEU A 255 -32.92 17.59 0.54
C LEU A 255 -33.12 18.29 -0.80
N GLY A 256 -33.34 19.61 -0.77
CA GLY A 256 -33.54 20.39 -1.97
C GLY A 256 -32.25 20.96 -2.54
N GLY A 257 -31.11 20.48 -2.06
CA GLY A 257 -29.82 20.88 -2.57
C GLY A 257 -29.35 22.17 -1.94
N ALA A 258 -28.19 22.64 -2.40
CA ALA A 258 -27.68 23.91 -1.92
C ALA A 258 -28.61 25.06 -2.28
N GLN A 259 -29.33 24.96 -3.41
CA GLN A 259 -30.25 26.05 -3.72
C GLN A 259 -31.34 26.18 -2.67
N ALA A 260 -31.82 25.07 -2.10
CA ALA A 260 -32.81 25.19 -1.03
C ALA A 260 -32.15 25.68 0.26
N TYR A 261 -30.99 25.12 0.58
CA TYR A 261 -30.30 25.42 1.83
C TYR A 261 -29.99 26.91 1.94
N TYR A 262 -29.50 27.50 0.87
CA TYR A 262 -29.15 28.93 0.86
C TYR A 262 -30.27 29.81 0.34
N GLY A 263 -31.33 29.22 -0.18
CA GLY A 263 -32.50 29.96 -0.62
C GLY A 263 -32.26 30.84 -1.82
N VAL A 264 -31.47 30.38 -2.79
CA VAL A 264 -31.24 31.10 -4.03
C VAL A 264 -31.65 30.20 -5.18
N THR A 265 -32.44 30.74 -6.13
CA THR A 265 -33.03 29.93 -7.20
C THR A 265 -32.26 30.14 -8.51
N PRO A 266 -31.65 29.09 -9.06
CA PRO A 266 -30.94 29.23 -10.34
C PRO A 266 -31.88 29.00 -11.51
N ASP A 267 -31.40 29.36 -12.70
CA ASP A 267 -32.19 29.17 -13.92
C ASP A 267 -32.05 27.75 -14.45
N LEU A 268 -30.86 27.18 -14.31
CA LEU A 268 -30.61 25.79 -14.64
C LEU A 268 -29.78 25.19 -13.53
N SER A 269 -29.90 23.87 -13.35
CA SER A 269 -29.07 23.13 -12.41
C SER A 269 -28.62 21.84 -13.07
N THR A 270 -27.47 21.33 -12.63
CA THR A 270 -27.03 20.00 -13.03
C THR A 270 -26.99 19.13 -11.79
N PHE A 271 -27.32 17.87 -11.97
CA PHE A 271 -27.36 16.92 -10.88
C PHE A 271 -26.65 15.66 -11.31
N GLY A 272 -26.36 14.82 -10.33
N GLY A 272 -26.15 14.92 -10.31
CA GLY A 272 -25.81 13.51 -10.60
CA GLY A 272 -25.13 13.92 -10.56
C GLY A 272 -25.72 12.76 -9.29
C GLY A 272 -25.58 12.51 -10.23
N LYS A 273 -24.82 11.78 -9.27
N LYS A 273 -24.67 11.69 -9.73
CA LYS A 273 -24.46 11.08 -8.05
CA LYS A 273 -24.93 10.26 -9.62
C LYS A 273 -25.72 10.57 -7.32
C LYS A 273 -25.85 9.89 -8.46
N ILE A 274 -26.27 11.33 -6.36
N ILE A 274 -26.03 10.78 -7.48
CA ILE A 274 -27.38 10.76 -5.59
CA ILE A 274 -26.85 10.44 -6.31
C ILE A 274 -28.61 10.37 -6.45
C ILE A 274 -28.27 10.13 -6.73
N ILE A 275 -28.80 10.93 -7.65
CA ILE A 275 -30.06 10.61 -8.35
C ILE A 275 -30.03 9.29 -9.09
N GLY A 276 -28.87 8.65 -9.23
CA GLY A 276 -28.79 7.27 -9.66
C GLY A 276 -28.54 6.28 -8.53
N GLY A 277 -28.58 6.75 -7.28
CA GLY A 277 -28.40 5.86 -6.14
C GLY A 277 -27.05 5.18 -6.06
N GLY A 278 -26.07 5.65 -6.82
CA GLY A 278 -24.77 5.00 -6.93
C GLY A 278 -24.41 4.58 -8.34
N MET A 279 -25.37 4.51 -9.22
CA MET A 279 -25.16 4.15 -10.61
CA MET A 279 -25.11 4.16 -10.59
C MET A 279 -24.87 5.40 -11.44
N PRO A 280 -24.09 5.26 -12.51
CA PRO A 280 -23.75 6.43 -13.34
C PRO A 280 -24.97 7.05 -14.00
N VAL A 281 -25.09 8.36 -13.83
CA VAL A 281 -26.16 9.12 -14.45
C VAL A 281 -25.86 10.59 -14.18
N GLY A 282 -26.44 11.47 -14.98
CA GLY A 282 -26.39 12.89 -14.72
C GLY A 282 -27.71 13.48 -15.16
N ALA A 283 -27.93 14.75 -14.83
CA ALA A 283 -29.17 15.39 -15.22
C ALA A 283 -28.98 16.89 -15.32
N PHE A 284 -29.81 17.52 -16.15
CA PHE A 284 -29.86 18.98 -16.19
C PHE A 284 -31.32 19.39 -16.29
N GLY A 285 -31.65 20.50 -15.64
CA GLY A 285 -33.03 20.94 -15.69
C GLY A 285 -33.14 22.35 -15.16
N GLY A 286 -34.35 22.88 -15.24
CA GLY A 286 -34.59 24.23 -14.77
C GLY A 286 -35.80 24.88 -15.39
N LYS A 287 -35.70 26.18 -15.64
CA LYS A 287 -36.80 26.97 -16.16
C LYS A 287 -37.35 26.40 -17.47
N ARG A 288 -38.68 26.34 -17.56
CA ARG A 288 -39.30 25.70 -18.72
CA ARG A 288 -39.35 25.73 -18.71
C ARG A 288 -38.92 26.39 -20.03
N GLU A 289 -38.92 27.73 -20.07
CA GLU A 289 -38.60 28.45 -21.30
C GLU A 289 -37.20 28.15 -21.80
N ILE A 290 -36.25 27.88 -20.91
CA ILE A 290 -34.90 27.54 -21.35
C ILE A 290 -34.84 26.09 -21.79
N MET A 291 -35.44 25.19 -21.00
CA MET A 291 -35.33 23.76 -21.27
C MET A 291 -36.06 23.37 -22.55
N GLN A 292 -37.15 24.05 -22.88
CA GLN A 292 -37.89 23.63 -24.06
C GLN A 292 -37.15 23.88 -25.36
N GLN A 293 -36.00 24.55 -25.33
CA GLN A 293 -35.18 24.64 -26.54
C GLN A 293 -34.50 23.34 -26.91
N ILE A 294 -34.44 22.37 -26.01
CA ILE A 294 -33.67 21.16 -26.28
C ILE A 294 -34.40 20.28 -27.30
N SER A 295 -33.62 19.55 -28.10
CA SER A 295 -34.20 18.58 -29.03
C SER A 295 -35.04 17.56 -28.27
N PRO A 296 -36.13 17.04 -28.88
CA PRO A 296 -36.53 17.14 -30.29
C PRO A 296 -37.47 18.28 -30.62
N LEU A 297 -38.10 18.88 -29.62
CA LEU A 297 -39.04 19.96 -29.91
C LEU A 297 -38.34 21.27 -30.19
N GLY A 298 -37.18 21.52 -29.58
CA GLY A 298 -36.40 22.70 -29.87
C GLY A 298 -35.13 22.39 -30.64
N PRO A 299 -34.37 23.43 -31.01
CA PRO A 299 -33.27 23.25 -31.95
C PRO A 299 -31.92 22.91 -31.35
N VAL A 300 -31.77 22.93 -30.02
CA VAL A 300 -30.48 22.74 -29.37
C VAL A 300 -30.25 21.26 -29.14
N TYR A 301 -29.08 20.77 -29.57
CA TYR A 301 -28.69 19.38 -29.41
C TYR A 301 -28.25 19.07 -27.99
N GLN A 302 -28.58 17.88 -27.51
CA GLN A 302 -28.25 17.43 -26.17
C GLN A 302 -26.97 16.60 -26.19
N ALA A 303 -26.08 16.85 -25.23
CA ALA A 303 -24.91 16.00 -25.01
C ALA A 303 -25.28 14.84 -24.11
N GLY A 304 -24.87 13.64 -24.48
CA GLY A 304 -24.95 12.53 -23.55
C GLY A 304 -26.26 11.81 -23.51
N THR A 305 -26.98 11.81 -24.62
CA THR A 305 -28.24 11.11 -24.71
C THR A 305 -28.08 9.64 -24.34
N LEU A 306 -28.86 9.21 -23.37
CA LEU A 306 -29.01 7.80 -23.06
C LEU A 306 -30.28 7.74 -22.21
N SER A 307 -31.37 7.31 -22.84
CA SER A 307 -32.64 7.26 -22.13
C SER A 307 -32.45 6.52 -20.81
N GLY A 308 -32.94 7.14 -19.73
CA GLY A 308 -32.74 6.68 -18.36
C GLY A 308 -32.60 5.18 -18.21
N ASN A 309 -31.36 4.74 -17.98
CA ASN A 309 -31.10 3.31 -17.85
C ASN A 309 -31.81 2.79 -16.60
N PRO A 310 -32.49 1.65 -16.68
CA PRO A 310 -33.49 1.33 -15.64
C PRO A 310 -32.91 1.02 -14.27
N LEU A 311 -31.69 0.50 -14.19
CA LEU A 311 -31.14 0.21 -12.86
C LEU A 311 -30.83 1.49 -12.11
N ALA A 312 -30.32 2.51 -12.82
CA ALA A 312 -30.08 3.80 -12.20
C ALA A 312 -31.38 4.47 -11.81
N MET A 313 -32.42 4.35 -12.64
CA MET A 313 -33.70 4.93 -12.29
C MET A 313 -34.31 4.25 -11.07
N ALA A 314 -34.21 2.92 -11.00
CA ALA A 314 -34.74 2.21 -9.83
C ALA A 314 -33.94 2.54 -8.57
N ALA A 315 -32.61 2.52 -8.66
CA ALA A 315 -31.79 2.85 -7.50
C ALA A 315 -32.00 4.29 -7.07
N GLY A 316 -32.14 5.20 -8.04
CA GLY A 316 -32.30 6.60 -7.71
C GLY A 316 -33.64 6.91 -7.09
N LEU A 317 -34.72 6.35 -7.65
CA LEU A 317 -36.06 6.53 -7.08
C LEU A 317 -36.11 6.07 -5.64
N THR A 318 -35.55 4.89 -5.36
CA THR A 318 -35.55 4.37 -3.99
C THR A 318 -34.73 5.27 -3.08
N THR A 319 -33.57 5.72 -3.56
CA THR A 319 -32.71 6.58 -2.75
C THR A 319 -33.40 7.89 -2.44
N LEU A 320 -33.99 8.54 -3.47
CA LEU A 320 -34.59 9.85 -3.26
C LEU A 320 -35.73 9.77 -2.26
N ARG A 321 -36.48 8.68 -2.29
CA ARG A 321 -37.55 8.51 -1.31
C ARG A 321 -37.01 8.29 0.08
N LEU A 322 -35.94 7.49 0.21
CA LEU A 322 -35.40 7.21 1.54
C LEU A 322 -34.83 8.46 2.19
N ILE A 323 -34.16 9.32 1.42
CA ILE A 323 -33.56 10.51 2.02
C ILE A 323 -34.58 11.60 2.29
N SER A 324 -35.82 11.41 1.88
CA SER A 324 -36.90 12.34 2.17
C SER A 324 -37.50 12.12 3.56
N ARG A 325 -37.00 11.11 4.28
CA ARG A 325 -37.44 10.87 5.64
C ARG A 325 -37.21 12.12 6.50
N PRO A 326 -38.17 12.47 7.36
CA PRO A 326 -38.01 13.68 8.18
C PRO A 326 -36.70 13.69 8.95
N GLY A 327 -36.03 14.84 8.91
CA GLY A 327 -34.83 15.06 9.69
C GLY A 327 -33.57 14.43 9.14
N PHE A 328 -33.63 13.84 7.94
CA PHE A 328 -32.48 13.13 7.38
C PHE A 328 -31.24 14.00 7.36
N HIS A 329 -31.33 15.17 6.75
CA HIS A 329 -30.13 15.98 6.60
C HIS A 329 -29.72 16.63 7.91
N ASP A 330 -30.68 16.90 8.80
CA ASP A 330 -30.32 17.37 10.13
C ASP A 330 -29.45 16.36 10.85
N GLU A 331 -29.76 15.07 10.71
CA GLU A 331 -28.96 14.02 11.34
C GLU A 331 -27.55 13.97 10.76
N LEU A 332 -27.45 14.07 9.43
CA LEU A 332 -26.14 14.11 8.78
C LEU A 332 -25.32 15.29 9.27
N THR A 333 -25.96 16.47 9.31
CA THR A 333 -25.29 17.67 9.78
C THR A 333 -24.82 17.50 11.21
N ALA A 334 -25.67 16.92 12.07
CA ALA A 334 -25.30 16.78 13.48
C ALA A 334 -24.11 15.86 13.65
N TYR A 335 -24.07 14.73 12.93
CA TYR A 335 -22.89 13.88 12.99
C TYR A 335 -21.67 14.64 12.52
N THR A 336 -21.80 15.30 11.37
CA THR A 336 -20.66 15.98 10.77
C THR A 336 -20.10 17.04 11.72
N THR A 337 -20.97 17.75 12.44
CA THR A 337 -20.50 18.75 13.37
C THR A 337 -19.74 18.13 14.55
N ARG A 338 -20.26 17.00 15.09
CA ARG A 338 -19.53 16.32 16.16
CA ARG A 338 -19.54 16.31 16.15
C ARG A 338 -18.15 15.88 15.67
N MET A 339 -18.08 15.35 14.46
CA MET A 339 -16.81 14.90 13.92
C MET A 339 -15.84 16.07 13.74
N LEU A 340 -16.28 17.15 13.11
CA LEU A 340 -15.37 18.27 12.87
C LEU A 340 -14.95 18.93 14.18
N ASP A 341 -15.87 19.04 15.14
CA ASP A 341 -15.50 19.57 16.45
C ASP A 341 -14.45 18.68 17.11
N GLY A 342 -14.61 17.36 16.99
CA GLY A 342 -13.66 16.44 17.60
C GLY A 342 -12.31 16.47 16.92
N LEU A 343 -12.29 16.61 15.58
CA LEU A 343 -11.02 16.75 14.89
C LEU A 343 -10.34 18.05 15.30
N GLN A 344 -11.10 19.14 15.38
CA GLN A 344 -10.54 20.43 15.79
C GLN A 344 -9.95 20.36 17.19
N GLN A 345 -10.69 19.74 18.11
CA GLN A 345 -10.21 19.60 19.48
C GLN A 345 -8.87 18.89 19.52
N ARG A 346 -8.75 17.80 18.76
CA ARG A 346 -7.54 16.99 18.78
C ARG A 346 -6.39 17.70 18.07
N ALA A 347 -6.68 18.45 17.01
CA ALA A 347 -5.61 19.23 16.38
C ALA A 347 -5.14 20.34 17.30
N ASP A 348 -6.08 21.01 17.97
CA ASP A 348 -5.71 22.05 18.94
C ASP A 348 -4.85 21.47 20.05
N ALA A 349 -5.25 20.31 20.59
CA ALA A 349 -4.47 19.66 21.64
C ALA A 349 -3.05 19.39 21.18
N ALA A 350 -2.87 19.05 19.92
CA ALA A 350 -1.55 18.74 19.37
C ALA A 350 -0.80 19.97 18.88
N GLY A 351 -1.38 21.16 18.99
CA GLY A 351 -0.75 22.35 18.45
C GLY A 351 -0.58 22.31 16.94
N ILE A 352 -1.57 21.78 16.24
CA ILE A 352 -1.56 21.64 14.79
CA ILE A 352 -1.56 21.65 14.79
C ILE A 352 -2.56 22.66 14.22
N PRO A 353 -2.11 23.67 13.46
CA PRO A 353 -3.07 24.58 12.82
C PRO A 353 -4.09 23.82 11.98
N PHE A 354 -5.37 24.12 12.19
CA PHE A 354 -6.40 23.28 11.60
C PHE A 354 -7.68 24.10 11.51
N VAL A 355 -8.39 23.98 10.39
CA VAL A 355 -9.70 24.62 10.29
C VAL A 355 -10.59 23.75 9.43
N THR A 356 -11.91 23.84 9.64
CA THR A 356 -12.84 23.00 8.90
C THR A 356 -13.90 23.86 8.23
N THR A 357 -14.58 23.24 7.26
CA THR A 357 -15.75 23.79 6.59
C THR A 357 -16.83 22.72 6.58
N GLN A 358 -18.09 23.16 6.52
CA GLN A 358 -19.19 22.22 6.51
C GLN A 358 -20.37 22.83 5.78
N ALA A 359 -21.08 21.99 5.00
CA ALA A 359 -22.38 22.33 4.43
C ALA A 359 -23.20 21.04 4.38
N GLY A 360 -24.08 20.85 5.37
CA GLY A 360 -24.87 19.63 5.41
C GLY A 360 -23.96 18.40 5.51
N GLY A 361 -24.10 17.50 4.55
CA GLY A 361 -23.32 16.28 4.51
C GLY A 361 -22.02 16.38 3.74
N MET A 362 -21.57 17.61 3.48
CA MET A 362 -20.26 17.88 2.89
C MET A 362 -19.37 18.57 3.92
N PHE A 363 -18.07 18.26 3.89
CA PHE A 363 -17.16 18.91 4.82
C PHE A 363 -15.78 19.04 4.21
N GLY A 364 -14.98 19.92 4.79
CA GLY A 364 -13.61 20.10 4.37
C GLY A 364 -12.67 20.15 5.55
N LEU A 365 -11.52 19.49 5.45
CA LEU A 365 -10.47 19.53 6.47
C LEU A 365 -9.29 20.29 5.90
N TYR A 366 -8.75 21.24 6.67
CA TYR A 366 -7.64 22.08 6.20
C TYR A 366 -6.58 22.21 7.27
N PHE A 367 -5.33 22.00 6.90
CA PHE A 367 -4.21 22.30 7.79
C PHE A 367 -3.80 23.74 7.49
N SER A 368 -4.41 24.66 8.23
CA SER A 368 -4.28 26.07 7.93
C SER A 368 -4.45 26.89 9.20
N GLY A 369 -3.69 27.98 9.29
CA GLY A 369 -3.92 28.93 10.35
C GLY A 369 -4.95 29.97 10.06
N ALA A 370 -5.58 29.92 8.88
CA ALA A 370 -6.59 30.91 8.53
C ALA A 370 -7.80 30.80 9.45
N ASP A 371 -8.44 31.95 9.72
CA ASP A 371 -9.65 31.92 10.54
C ASP A 371 -10.81 31.21 9.83
N ALA A 372 -10.85 31.29 8.52
CA ALA A 372 -11.86 30.58 7.74
C ALA A 372 -11.33 30.41 6.32
N ILE A 373 -11.86 29.41 5.63
CA ILE A 373 -11.51 29.14 4.24
C ILE A 373 -12.60 29.73 3.37
N VAL A 374 -12.28 30.81 2.65
CA VAL A 374 -13.27 31.55 1.87
C VAL A 374 -12.92 31.56 0.39
N THR A 375 -11.64 31.58 0.06
CA THR A 375 -11.19 31.79 -1.30
C THR A 375 -10.34 30.62 -1.76
N PHE A 376 -10.21 30.50 -3.08
CA PHE A 376 -9.29 29.53 -3.67
C PHE A 376 -7.85 29.75 -3.21
N GLU A 377 -7.46 31.00 -2.97
CA GLU A 377 -6.10 31.22 -2.47
C GLU A 377 -5.94 30.67 -1.06
N ASP A 378 -6.99 30.78 -0.24
CA ASP A 378 -6.97 30.16 1.08
C ASP A 378 -6.68 28.66 0.97
N VAL A 379 -7.35 27.98 0.04
CA VAL A 379 -7.16 26.54 -0.12
C VAL A 379 -5.72 26.24 -0.51
N MET A 380 -5.19 27.00 -1.47
CA MET A 380 -3.85 26.72 -1.98
C MET A 380 -2.78 27.04 -0.96
N ALA A 381 -3.04 28.02 -0.09
CA ALA A 381 -2.07 28.44 0.91
C ALA A 381 -1.96 27.45 2.05
N SER A 382 -2.92 26.53 2.19
CA SER A 382 -2.91 25.63 3.31
C SER A 382 -1.78 24.60 3.17
N ASP A 383 -1.55 23.86 4.25
CA ASP A 383 -0.41 22.97 4.40
C ASP A 383 -0.76 21.63 3.75
N VAL A 384 -0.62 21.60 2.42
CA VAL A 384 -1.07 20.43 1.66
C VAL A 384 -0.20 19.21 1.96
N GLU A 385 1.11 19.41 2.18
CA GLU A 385 1.97 18.26 2.46
C GLU A 385 1.59 17.61 3.79
N ARG A 386 1.18 18.40 4.77
CA ARG A 386 0.71 17.81 6.02
C ARG A 386 -0.56 17.01 5.78
N PHE A 387 -1.44 17.49 4.88
CA PHE A 387 -2.65 16.70 4.61
C PHE A 387 -2.29 15.33 4.04
N LYS A 388 -1.32 15.29 3.12
CA LYS A 388 -0.90 14.01 2.55
C LYS A 388 -0.43 13.05 3.63
N ARG A 389 0.43 13.52 4.54
CA ARG A 389 0.84 12.67 5.65
C ARG A 389 -0.35 12.25 6.50
N PHE A 390 -1.24 13.20 6.80
CA PHE A 390 -2.43 12.91 7.60
C PHE A 390 -3.26 11.82 6.94
N PHE A 391 -3.45 11.92 5.62
CA PHE A 391 -4.24 10.93 4.90
C PHE A 391 -3.73 9.51 5.18
N HIS A 392 -2.41 9.31 5.06
CA HIS A 392 -1.87 7.97 5.22
C HIS A 392 -1.91 7.52 6.66
N LEU A 393 -1.73 8.44 7.61
CA LEU A 393 -1.88 8.08 9.01
C LEU A 393 -3.32 7.68 9.32
N MET A 394 -4.30 8.33 8.67
CA MET A 394 -5.69 7.97 8.90
C MET A 394 -6.02 6.62 8.31
N LEU A 395 -5.48 6.31 7.13
CA LEU A 395 -5.57 4.95 6.59
C LEU A 395 -5.09 3.93 7.60
N ASP A 396 -3.92 4.19 8.22
CA ASP A 396 -3.39 3.27 9.23
C ASP A 396 -4.41 3.02 10.33
N GLY A 397 -5.16 4.06 10.71
CA GLY A 397 -6.17 3.96 11.75
C GLY A 397 -7.53 3.51 11.27
N GLY A 398 -7.65 3.03 10.03
CA GLY A 398 -8.90 2.49 9.55
C GLY A 398 -9.90 3.51 9.07
N VAL A 399 -9.44 4.65 8.54
CA VAL A 399 -10.29 5.72 8.04
C VAL A 399 -9.84 6.06 6.63
N TYR A 400 -10.79 6.14 5.69
CA TYR A 400 -10.51 6.46 4.30
C TYR A 400 -11.05 7.85 3.99
N LEU A 401 -10.17 8.86 4.04
CA LEU A 401 -10.56 10.19 3.61
C LEU A 401 -10.43 10.31 2.10
N ALA A 402 -10.83 11.45 1.56
CA ALA A 402 -10.59 11.74 0.16
C ALA A 402 -9.08 11.80 -0.09
N PRO A 403 -8.55 11.01 -1.04
CA PRO A 403 -7.10 10.99 -1.33
C PRO A 403 -6.60 12.22 -2.09
N SER A 404 -6.94 13.41 -1.58
CA SER A 404 -6.51 14.67 -2.16
C SER A 404 -6.79 15.79 -1.17
N ALA A 405 -5.85 16.73 -1.06
CA ALA A 405 -6.11 17.92 -0.26
C ALA A 405 -7.14 18.81 -0.92
N PHE A 406 -7.56 18.51 -2.16
CA PHE A 406 -8.43 19.37 -2.93
C PHE A 406 -9.78 18.72 -3.26
N GLU A 407 -10.23 17.79 -2.42
CA GLU A 407 -11.53 17.14 -2.60
C GLU A 407 -12.32 17.19 -1.30
N ALA A 408 -13.60 17.55 -1.39
CA ALA A 408 -14.48 17.56 -0.24
C ALA A 408 -14.70 16.15 0.29
N GLY A 409 -15.01 16.07 1.59
CA GLY A 409 -15.39 14.81 2.20
C GLY A 409 -16.89 14.73 2.36
N PHE A 410 -17.37 13.51 2.53
CA PHE A 410 -18.79 13.20 2.53
C PHE A 410 -19.14 12.29 3.69
N THR A 411 -20.21 12.63 4.41
CA THR A 411 -20.75 11.75 5.44
C THR A 411 -22.00 11.06 4.93
N SER A 412 -22.34 9.94 5.57
CA SER A 412 -23.52 9.17 5.19
C SER A 412 -24.38 8.95 6.43
N ILE A 413 -25.64 8.61 6.18
CA ILE A 413 -26.55 8.32 7.28
C ILE A 413 -26.14 7.07 8.05
N ALA A 414 -25.23 6.27 7.50
CA ALA A 414 -24.74 5.07 8.17
C ALA A 414 -23.62 5.37 9.18
N HIS A 415 -23.08 6.58 9.17
CA HIS A 415 -22.05 6.97 10.13
C HIS A 415 -22.69 7.26 11.49
N GLY A 416 -22.30 6.50 12.51
CA GLY A 416 -22.82 6.68 13.85
C GLY A 416 -21.73 6.68 14.90
N ASP A 417 -22.10 6.34 16.14
CA ASP A 417 -21.16 6.52 17.25
C ASP A 417 -19.89 5.68 17.06
N LYS A 418 -20.03 4.44 16.60
CA LYS A 418 -18.85 3.60 16.41
C LYS A 418 -17.90 4.20 15.39
N GLU A 419 -18.44 4.72 14.29
CA GLU A 419 -17.59 5.31 13.25
C GLU A 419 -16.94 6.60 13.74
N LEU A 420 -17.69 7.39 14.53
CA LEU A 420 -17.10 8.60 15.08
C LEU A 420 -15.95 8.26 16.00
N GLU A 421 -16.15 7.28 16.87
CA GLU A 421 -15.08 6.85 17.78
C GLU A 421 -13.85 6.43 17.01
N ILE A 422 -14.03 5.57 16.00
CA ILE A 422 -12.91 5.14 15.16
C ILE A 422 -12.24 6.34 14.52
N THR A 423 -13.03 7.28 13.99
CA THR A 423 -12.47 8.40 13.27
C THR A 423 -11.67 9.30 14.19
N LEU A 424 -12.23 9.61 15.37
CA LEU A 424 -11.56 10.53 16.29
C LEU A 424 -10.31 9.90 16.90
N ASN A 425 -10.39 8.60 17.25
CA ASN A 425 -9.21 7.94 17.81
C ASN A 425 -8.09 7.85 16.76
N ALA A 426 -8.44 7.56 15.51
CA ALA A 426 -7.45 7.56 14.44
C ALA A 426 -6.80 8.93 14.29
N ALA A 427 -7.60 9.99 14.36
CA ALA A 427 -7.07 11.34 14.18
C ALA A 427 -6.15 11.72 15.33
N GLU A 428 -6.51 11.35 16.56
CA GLU A 428 -5.63 11.63 17.69
C GLU A 428 -4.25 11.02 17.47
N LYS A 429 -4.21 9.76 17.04
CA LYS A 429 -2.92 9.13 16.75
C LYS A 429 -2.22 9.79 15.58
N ALA A 430 -2.97 10.21 14.56
CA ALA A 430 -2.36 10.83 13.40
C ALA A 430 -1.76 12.19 13.73
N PHE A 431 -2.47 13.01 14.51
CA PHE A 431 -1.94 14.32 14.89
C PHE A 431 -0.68 14.18 15.73
N ALA A 432 -0.60 13.14 16.56
CA ALA A 432 0.60 12.93 17.36
C ALA A 432 1.81 12.58 16.51
N ALA A 433 1.60 12.05 15.32
CA ALA A 433 2.70 11.63 14.44
C ALA A 433 3.11 12.70 13.44
N LEU A 434 2.43 13.85 13.41
CA LEU A 434 2.67 14.84 12.37
C LEU A 434 3.84 15.76 12.69
N LYS A 435 4.19 15.88 13.96
CA LYS A 435 5.36 16.62 14.41
C LYS A 435 5.80 16.09 15.77
N MET B 9 -57.54 4.93 -25.04
CA MET B 9 -56.20 5.46 -24.88
C MET B 9 -55.27 4.46 -24.20
N SER B 10 -54.21 4.07 -24.90
CA SER B 10 -53.34 3.00 -24.43
C SER B 10 -52.49 3.49 -23.25
N ARG B 11 -51.84 2.53 -22.59
CA ARG B 11 -50.94 2.89 -21.50
C ARG B 11 -49.77 3.71 -22.02
N SER B 12 -49.30 3.40 -23.24
CA SER B 12 -48.20 4.17 -23.81
C SER B 12 -48.62 5.60 -24.12
N GLU B 13 -49.83 5.78 -24.65
CA GLU B 13 -50.30 7.14 -24.94
C GLU B 13 -50.44 7.93 -23.65
N THR B 14 -50.94 7.30 -22.59
CA THR B 14 -51.10 7.96 -21.30
C THR B 14 -49.75 8.36 -20.72
N LEU B 15 -48.79 7.43 -20.72
CA LEU B 15 -47.45 7.77 -20.24
C LEU B 15 -46.82 8.88 -21.07
N PHE B 16 -47.00 8.83 -22.40
CA PHE B 16 -46.41 9.87 -23.24
C PHE B 16 -47.03 11.23 -22.92
N ASN B 17 -48.34 11.27 -22.72
CA ASN B 17 -48.98 12.53 -22.33
C ASN B 17 -48.44 13.00 -20.99
N ASN B 18 -48.34 12.11 -20.00
CA ASN B 18 -47.86 12.50 -18.69
C ASN B 18 -46.37 12.89 -18.71
N ALA B 19 -45.60 12.25 -19.58
CA ALA B 19 -44.17 12.52 -19.66
C ALA B 19 -43.87 13.95 -20.15
N GLN B 20 -44.78 14.53 -20.96
CA GLN B 20 -44.54 15.86 -21.53
C GLN B 20 -44.41 16.95 -20.50
N LYS B 21 -45.01 16.77 -19.31
CA LYS B 21 -45.06 17.85 -18.34
C LYS B 21 -43.67 18.21 -17.83
N HIS B 22 -42.86 17.21 -17.47
CA HIS B 22 -41.56 17.50 -16.89
C HIS B 22 -40.38 17.02 -17.71
N ILE B 23 -40.61 16.32 -18.83
CA ILE B 23 -39.54 15.90 -19.71
C ILE B 23 -39.74 16.56 -21.06
N PRO B 24 -38.76 17.30 -21.59
CA PRO B 24 -38.98 17.95 -22.89
C PRO B 24 -39.28 16.92 -23.97
N GLY B 25 -40.43 17.09 -24.62
CA GLY B 25 -40.86 16.13 -25.63
C GLY B 25 -41.29 14.79 -25.11
N GLY B 26 -41.37 14.62 -23.79
CA GLY B 26 -41.77 13.35 -23.23
C GLY B 26 -40.71 12.28 -23.21
N VAL B 27 -39.49 12.57 -23.66
CA VAL B 27 -38.43 11.57 -23.80
C VAL B 27 -37.09 12.13 -23.34
N ASN B 28 -36.25 11.24 -22.79
CA ASN B 28 -34.88 11.60 -22.47
C ASN B 28 -33.97 11.50 -23.69
N SER B 29 -34.33 10.66 -24.66
CA SER B 29 -33.54 10.51 -25.88
C SER B 29 -34.36 11.00 -27.05
N PRO B 30 -33.95 12.09 -27.73
CA PRO B 30 -34.81 12.69 -28.77
C PRO B 30 -35.40 11.74 -29.81
N VAL B 31 -34.64 10.77 -30.34
CA VAL B 31 -35.20 9.89 -31.37
C VAL B 31 -36.39 9.07 -30.84
N ARG B 32 -36.46 8.87 -29.53
CA ARG B 32 -37.53 8.06 -28.95
C ARG B 32 -38.88 8.73 -29.04
N ALA B 33 -38.92 10.00 -29.41
CA ALA B 33 -40.20 10.70 -29.51
C ALA B 33 -40.95 10.38 -30.80
N PHE B 34 -40.37 9.54 -31.65
CA PHE B 34 -40.96 9.11 -32.92
C PHE B 34 -41.12 10.22 -33.94
N LYS B 35 -40.42 11.35 -33.76
CA LYS B 35 -40.50 12.42 -34.76
C LYS B 35 -40.01 11.96 -36.12
N SER B 36 -39.14 10.96 -36.18
CA SER B 36 -38.63 10.52 -37.47
C SER B 36 -39.54 9.50 -38.16
N VAL B 37 -40.56 8.99 -37.49
CA VAL B 37 -41.47 8.02 -38.08
C VAL B 37 -42.94 8.39 -37.91
N GLY B 38 -43.24 9.47 -37.21
CA GLY B 38 -44.62 9.83 -36.95
C GLY B 38 -45.23 9.01 -35.81
N GLY B 39 -46.35 9.50 -35.30
CA GLY B 39 -47.09 8.79 -34.27
C GLY B 39 -46.54 9.05 -32.87
N THR B 40 -47.15 8.34 -31.88
CA THR B 40 -46.65 8.48 -30.53
C THR B 40 -45.83 7.26 -30.14
N PRO B 41 -44.79 7.46 -29.35
CA PRO B 41 -43.84 6.36 -29.09
C PRO B 41 -44.43 5.30 -28.18
N LEU B 42 -43.86 4.12 -28.28
CA LEU B 42 -44.20 3.03 -27.40
C LEU B 42 -43.32 3.10 -26.16
N PHE B 43 -43.91 2.86 -25.00
CA PHE B 43 -43.15 2.72 -23.76
C PHE B 43 -42.94 1.25 -23.49
N PHE B 44 -41.76 0.88 -23.03
CA PHE B 44 -41.43 -0.51 -22.82
C PHE B 44 -41.24 -0.81 -21.34
N LYS B 45 -41.55 -2.04 -20.96
CA LYS B 45 -41.48 -2.41 -19.56
C LYS B 45 -40.77 -3.72 -19.30
N HIS B 46 -40.37 -4.45 -20.34
CA HIS B 46 -39.76 -5.75 -20.15
C HIS B 46 -39.06 -6.13 -21.45
N ALA B 47 -37.99 -6.91 -21.34
CA ALA B 47 -37.33 -7.44 -22.53
C ALA B 47 -36.75 -8.80 -22.20
N GLU B 48 -36.74 -9.69 -23.19
CA GLU B 48 -36.17 -11.02 -22.98
C GLU B 48 -35.78 -11.58 -24.33
N GLY B 49 -34.55 -12.08 -24.43
CA GLY B 49 -34.10 -12.69 -25.69
C GLY B 49 -34.16 -11.68 -26.80
N ALA B 50 -34.81 -12.05 -27.89
CA ALA B 50 -34.95 -11.17 -29.04
C ALA B 50 -36.17 -10.26 -28.96
N TYR B 51 -36.83 -10.16 -27.80
CA TYR B 51 -38.11 -9.47 -27.72
C TYR B 51 -38.12 -8.33 -26.71
N VAL B 52 -38.93 -7.32 -27.02
CA VAL B 52 -39.27 -6.26 -26.08
C VAL B 52 -40.79 -6.22 -25.95
N LEU B 53 -41.25 -5.82 -24.77
CA LEU B 53 -42.67 -5.83 -24.41
C LEU B 53 -43.11 -4.42 -24.07
N ASP B 54 -44.17 -3.93 -24.73
CA ASP B 54 -44.57 -2.56 -24.43
C ASP B 54 -45.52 -2.54 -23.24
N GLU B 55 -45.88 -1.32 -22.82
CA GLU B 55 -46.70 -1.19 -21.61
C GLU B 55 -48.09 -1.75 -21.81
N ASP B 56 -48.52 -1.96 -23.05
CA ASP B 56 -49.81 -2.58 -23.34
C ASP B 56 -49.69 -4.07 -23.62
N ASP B 57 -48.58 -4.68 -23.21
CA ASP B 57 -48.35 -6.13 -23.24
C ASP B 57 -48.22 -6.69 -24.65
N LYS B 58 -47.88 -5.85 -25.63
CA LYS B 58 -47.56 -6.35 -26.95
C LYS B 58 -46.07 -6.62 -27.05
N ARG B 59 -45.73 -7.75 -27.65
CA ARG B 59 -44.36 -8.22 -27.74
C ARG B 59 -43.85 -8.00 -29.15
N TYR B 60 -42.62 -7.52 -29.29
CA TYR B 60 -42.04 -7.22 -30.60
C TYR B 60 -40.69 -7.89 -30.74
N VAL B 61 -40.41 -8.42 -31.92
CA VAL B 61 -39.04 -8.79 -32.25
C VAL B 61 -38.22 -7.52 -32.40
N ASP B 62 -37.12 -7.44 -31.65
CA ASP B 62 -36.34 -6.22 -31.51
C ASP B 62 -35.16 -6.22 -32.49
N TYR B 63 -35.07 -5.16 -33.29
CA TYR B 63 -33.90 -4.94 -34.15
C TYR B 63 -33.18 -3.63 -33.80
N VAL B 64 -33.44 -3.11 -32.61
CA VAL B 64 -32.70 -1.99 -32.06
C VAL B 64 -31.71 -2.46 -31.01
N GLY B 65 -32.13 -3.34 -30.11
CA GLY B 65 -31.24 -3.89 -29.10
C GLY B 65 -30.59 -2.83 -28.25
N SER B 66 -31.35 -1.79 -27.89
CA SER B 66 -30.86 -0.60 -27.19
C SER B 66 -29.72 0.09 -27.95
N TRP B 67 -29.73 -0.06 -29.28
CA TRP B 67 -28.80 0.58 -30.22
C TRP B 67 -27.43 -0.07 -30.27
N GLY B 68 -27.36 -1.39 -30.10
CA GLY B 68 -26.09 -2.06 -30.24
C GLY B 68 -25.67 -3.00 -29.13
N PRO B 69 -25.90 -2.65 -27.85
CA PRO B 69 -25.30 -3.45 -26.77
C PRO B 69 -25.82 -4.86 -26.69
N MET B 70 -27.08 -5.12 -27.04
CA MET B 70 -27.69 -6.40 -26.64
C MET B 70 -27.47 -7.50 -27.68
N ILE B 71 -26.19 -7.71 -28.03
CA ILE B 71 -25.85 -8.73 -29.01
C ILE B 71 -26.17 -10.13 -28.51
N LEU B 72 -26.24 -10.33 -27.19
CA LEU B 72 -26.59 -11.64 -26.64
C LEU B 72 -28.10 -11.82 -26.50
N GLY B 73 -28.87 -10.85 -26.97
CA GLY B 73 -30.26 -10.76 -26.59
C GLY B 73 -30.40 -10.00 -25.28
N HIS B 74 -31.64 -9.63 -24.99
CA HIS B 74 -31.93 -9.02 -23.70
C HIS B 74 -31.89 -10.09 -22.63
N SER B 75 -31.49 -9.70 -21.43
CA SER B 75 -31.61 -10.56 -20.27
C SER B 75 -30.96 -11.94 -20.46
N HIS B 76 -29.73 -11.95 -20.98
CA HIS B 76 -29.01 -13.22 -21.03
C HIS B 76 -28.75 -13.69 -19.60
N PRO B 77 -29.02 -14.95 -19.27
CA PRO B 77 -29.00 -15.34 -17.84
C PRO B 77 -27.62 -15.29 -17.20
N ASP B 78 -26.55 -15.57 -17.96
CA ASP B 78 -25.21 -15.47 -17.38
C ASP B 78 -24.85 -14.02 -17.08
N VAL B 79 -25.25 -13.10 -17.96
CA VAL B 79 -25.00 -11.70 -17.71
C VAL B 79 -25.78 -11.21 -16.51
N LEU B 80 -27.08 -11.52 -16.47
CA LEU B 80 -27.90 -11.11 -15.33
C LEU B 80 -27.35 -11.70 -14.02
N ASP B 81 -26.96 -12.98 -14.02
CA ASP B 81 -26.39 -13.58 -12.82
C ASP B 81 -25.13 -12.86 -12.37
N ALA B 82 -24.27 -12.48 -13.32
CA ALA B 82 -23.04 -11.79 -12.96
C ALA B 82 -23.34 -10.44 -12.33
N VAL B 83 -24.35 -9.72 -12.85
CA VAL B 83 -24.73 -8.46 -12.23
C VAL B 83 -25.33 -8.69 -10.86
N ARG B 84 -26.18 -9.72 -10.73
N ARG B 84 -26.17 -9.72 -10.71
CA ARG B 84 -26.81 -10.02 -9.44
CA ARG B 84 -26.80 -9.98 -9.42
C ARG B 84 -25.75 -10.31 -8.39
C ARG B 84 -25.77 -10.33 -8.36
N ARG B 85 -24.75 -11.12 -8.73
CA ARG B 85 -23.72 -11.47 -7.76
C ARG B 85 -22.89 -10.26 -7.39
N GLN B 86 -22.62 -9.38 -8.36
CA GLN B 86 -21.82 -8.19 -8.09
C GLN B 86 -22.56 -7.20 -7.21
N LEU B 87 -23.89 -7.17 -7.34
CA LEU B 87 -24.73 -6.25 -6.56
C LEU B 87 -24.49 -6.37 -5.05
N ASP B 88 -24.24 -7.59 -4.58
CA ASP B 88 -24.02 -7.82 -3.16
C ASP B 88 -22.89 -6.95 -2.61
N HIS B 89 -21.92 -6.61 -3.44
CA HIS B 89 -20.72 -5.95 -2.97
C HIS B 89 -20.79 -4.44 -3.09
N GLY B 90 -21.90 -3.89 -3.57
CA GLY B 90 -22.03 -2.45 -3.71
C GLY B 90 -22.21 -1.99 -5.14
N LEU B 91 -22.94 -0.88 -5.33
CA LEU B 91 -23.16 -0.33 -6.66
C LEU B 91 -21.94 0.39 -7.21
N SER B 92 -21.12 0.98 -6.35
CA SER B 92 -19.92 1.64 -6.85
C SER B 92 -18.99 1.93 -5.69
N TYR B 93 -17.72 2.14 -6.03
CA TYR B 93 -16.73 2.68 -5.10
C TYR B 93 -16.08 3.90 -5.74
N GLY B 94 -15.30 4.62 -4.96
CA GLY B 94 -14.59 5.74 -5.56
C GLY B 94 -13.16 5.41 -5.95
N ALA B 95 -12.85 4.14 -6.20
CA ALA B 95 -11.46 3.70 -6.20
C ALA B 95 -11.30 2.53 -7.16
N PRO B 96 -10.07 2.17 -7.49
CA PRO B 96 -9.86 1.12 -8.49
C PRO B 96 -10.33 -0.25 -8.00
N THR B 97 -10.65 -1.10 -8.96
CA THR B 97 -11.10 -2.46 -8.67
C THR B 97 -10.38 -3.46 -9.54
N ALA B 98 -10.34 -4.71 -9.06
CA ALA B 98 -9.76 -5.78 -9.88
C ALA B 98 -10.54 -5.99 -11.16
N LEU B 99 -11.87 -5.76 -11.13
CA LEU B 99 -12.67 -5.97 -12.35
C LEU B 99 -12.20 -5.08 -13.47
N GLU B 100 -11.80 -3.84 -13.14
CA GLU B 100 -11.33 -2.92 -14.16
C GLU B 100 -10.01 -3.39 -14.79
N VAL B 101 -9.15 -4.03 -13.99
CA VAL B 101 -7.93 -4.59 -14.55
C VAL B 101 -8.27 -5.75 -15.47
N GLU B 102 -9.20 -6.61 -15.05
CA GLU B 102 -9.62 -7.73 -15.90
C GLU B 102 -10.18 -7.23 -17.22
N MET B 103 -11.02 -6.19 -17.16
CA MET B 103 -11.65 -5.65 -18.37
C MET B 103 -10.61 -5.04 -19.30
N ALA B 104 -9.71 -4.21 -18.78
CA ALA B 104 -8.68 -3.63 -19.63
C ALA B 104 -7.83 -4.70 -20.30
N ASP B 105 -7.42 -5.73 -19.55
CA ASP B 105 -6.62 -6.79 -20.14
C ASP B 105 -7.40 -7.53 -21.22
N LEU B 106 -8.68 -7.83 -20.96
CA LEU B 106 -9.48 -8.58 -21.92
C LEU B 106 -9.69 -7.78 -23.21
N VAL B 107 -10.03 -6.50 -23.09
CA VAL B 107 -10.26 -5.68 -24.28
C VAL B 107 -8.99 -5.56 -25.11
N CYS B 108 -7.85 -5.34 -24.46
CA CYS B 108 -6.62 -5.20 -25.21
C CYS B 108 -6.16 -6.53 -25.81
N SER B 109 -6.56 -7.65 -25.22
CA SER B 109 -6.27 -8.95 -25.82
C SER B 109 -7.17 -9.23 -27.02
N MET B 110 -8.37 -8.69 -27.04
CA MET B 110 -9.32 -8.95 -28.12
C MET B 110 -9.17 -8.01 -29.30
N VAL B 111 -8.66 -6.80 -29.07
CA VAL B 111 -8.52 -5.79 -30.11
C VAL B 111 -7.06 -5.36 -30.13
N PRO B 112 -6.24 -5.97 -30.98
CA PRO B 112 -4.79 -5.72 -30.93
C PRO B 112 -4.37 -4.26 -31.00
N SER B 113 -5.14 -3.40 -31.69
CA SER B 113 -4.76 -2.00 -31.79
C SER B 113 -4.78 -1.29 -30.45
N MET B 114 -5.50 -1.85 -29.48
CA MET B 114 -5.62 -1.30 -28.14
C MET B 114 -4.45 -1.79 -27.29
N GLU B 115 -3.42 -0.97 -27.17
CA GLU B 115 -2.31 -1.26 -26.29
C GLU B 115 -2.55 -0.76 -24.87
N MET B 116 -3.27 0.34 -24.73
CA MET B 116 -3.83 0.79 -23.47
C MET B 116 -5.25 1.26 -23.72
N VAL B 117 -6.08 1.24 -22.66
CA VAL B 117 -7.49 1.59 -22.77
C VAL B 117 -7.92 2.28 -21.48
N ARG B 118 -8.88 3.20 -21.63
CA ARG B 118 -9.53 3.89 -20.53
C ARG B 118 -11.04 3.69 -20.61
N MET B 119 -11.67 3.49 -19.45
CA MET B 119 -13.13 3.43 -19.38
C MET B 119 -13.67 4.79 -18.97
N VAL B 120 -14.73 5.22 -19.66
CA VAL B 120 -15.40 6.47 -19.32
C VAL B 120 -16.90 6.22 -19.26
N SER B 121 -17.68 7.29 -19.09
CA SER B 121 -19.13 7.13 -18.90
C SER B 121 -19.91 6.93 -20.20
N SER B 122 -19.37 7.36 -21.34
CA SER B 122 -20.16 7.34 -22.57
C SER B 122 -19.27 7.40 -23.78
N GLY B 123 -19.85 7.03 -24.93
CA GLY B 123 -19.17 7.21 -26.20
C GLY B 123 -18.85 8.65 -26.48
N THR B 124 -19.71 9.57 -26.05
CA THR B 124 -19.44 10.99 -26.27
C THR B 124 -18.16 11.41 -25.56
N GLU B 125 -18.01 11.00 -24.30
CA GLU B 125 -16.80 11.29 -23.55
C GLU B 125 -15.57 10.62 -24.15
N ALA B 126 -15.75 9.40 -24.67
CA ALA B 126 -14.63 8.69 -25.30
C ALA B 126 -14.12 9.47 -26.50
N THR B 127 -15.04 9.95 -27.34
CA THR B 127 -14.66 10.82 -28.46
C THR B 127 -13.90 12.06 -27.99
N MET B 128 -14.45 12.78 -27.01
CA MET B 128 -13.79 13.99 -26.54
C MET B 128 -12.36 13.70 -26.11
N SER B 129 -12.17 12.59 -25.39
CA SER B 129 -10.83 12.26 -24.91
C SER B 129 -9.91 11.88 -26.04
N ALA B 130 -10.42 11.10 -26.99
CA ALA B 130 -9.57 10.60 -28.07
C ALA B 130 -9.10 11.74 -28.94
N ILE B 131 -10.01 12.65 -29.28
CA ILE B 131 -9.62 13.78 -30.13
C ILE B 131 -8.64 14.69 -29.38
N ARG B 132 -8.90 14.94 -28.10
CA ARG B 132 -7.98 15.76 -27.31
C ARG B 132 -6.60 15.13 -27.25
N LEU B 133 -6.52 13.81 -27.05
CA LEU B 133 -5.23 13.11 -27.12
C LEU B 133 -4.57 13.28 -28.48
N ALA B 134 -5.34 13.15 -29.57
CA ALA B 134 -4.72 13.32 -30.89
C ALA B 134 -4.17 14.73 -31.04
N ARG B 135 -4.93 15.73 -30.60
CA ARG B 135 -4.44 17.09 -30.65
C ARG B 135 -3.18 17.26 -29.80
N GLY B 136 -3.21 16.73 -28.58
CA GLY B 136 -2.02 16.82 -27.73
C GLY B 136 -0.81 16.12 -28.34
N TYR B 137 -1.03 14.95 -28.95
CA TYR B 137 0.06 14.16 -29.49
C TYR B 137 0.74 14.86 -30.66
N THR B 138 -0.05 15.42 -31.57
CA THR B 138 0.46 16.02 -32.80
C THR B 138 0.79 17.50 -32.66
N GLY B 139 0.25 18.18 -31.65
CA GLY B 139 0.40 19.62 -31.57
C GLY B 139 -0.42 20.39 -32.58
N ARG B 140 -1.41 19.74 -33.21
CA ARG B 140 -2.25 20.32 -34.23
C ARG B 140 -3.68 20.48 -33.72
N ASP B 141 -4.41 21.42 -34.31
CA ASP B 141 -5.71 21.82 -33.74
C ASP B 141 -6.92 21.26 -34.49
N SER B 142 -6.80 20.94 -35.78
CA SER B 142 -7.97 20.65 -36.59
C SER B 142 -8.23 19.16 -36.71
N ILE B 143 -9.50 18.83 -37.01
CA ILE B 143 -9.89 17.45 -37.23
C ILE B 143 -10.69 17.34 -38.52
N ILE B 144 -10.75 16.12 -39.05
CA ILE B 144 -11.61 15.77 -40.17
C ILE B 144 -12.63 14.78 -39.68
N LYS B 145 -13.90 15.06 -39.93
CA LYS B 145 -14.97 14.09 -39.76
C LYS B 145 -15.76 14.02 -41.05
N PHE B 146 -16.72 13.10 -41.12
CA PHE B 146 -17.46 12.87 -42.34
C PHE B 146 -18.93 13.18 -42.14
N GLU B 147 -19.54 13.77 -43.16
CA GLU B 147 -20.96 14.11 -43.07
C GLU B 147 -21.80 12.86 -42.90
N GLY B 148 -22.69 12.89 -41.92
CA GLY B 148 -23.54 11.75 -41.65
C GLY B 148 -23.05 10.86 -40.53
N CYS B 149 -21.79 11.04 -40.11
CA CYS B 149 -21.26 10.31 -38.99
C CYS B 149 -21.58 11.03 -37.68
N TYR B 150 -21.73 10.25 -36.61
CA TYR B 150 -22.06 10.77 -35.29
C TYR B 150 -21.06 10.22 -34.28
N HIS B 151 -20.46 11.11 -33.49
CA HIS B 151 -19.48 10.74 -32.49
C HIS B 151 -19.81 11.36 -31.14
N GLY B 152 -21.04 11.84 -30.98
CA GLY B 152 -21.45 12.54 -29.79
C GLY B 152 -21.69 14.02 -30.07
N HIS B 153 -22.51 14.64 -29.24
CA HIS B 153 -22.87 16.04 -29.45
C HIS B 153 -22.03 16.95 -28.56
N SER B 154 -20.73 16.93 -28.80
CA SER B 154 -19.83 17.93 -28.24
C SER B 154 -19.73 19.10 -29.22
N ASP B 155 -19.42 20.28 -28.67
CA ASP B 155 -19.61 21.52 -29.44
C ASP B 155 -18.83 21.52 -30.75
N SER B 156 -17.60 21.05 -30.74
CA SER B 156 -16.79 21.13 -31.96
C SER B 156 -17.20 20.09 -33.01
N LEU B 157 -18.14 19.19 -32.70
CA LEU B 157 -18.70 18.27 -33.68
C LEU B 157 -20.09 18.70 -34.16
N LEU B 158 -20.67 19.72 -33.54
CA LEU B 158 -21.98 20.23 -33.96
C LEU B 158 -21.77 21.29 -35.06
N VAL B 159 -21.24 20.79 -36.18
CA VAL B 159 -20.70 21.67 -37.20
CA VAL B 159 -20.61 21.62 -37.20
C VAL B 159 -20.99 21.10 -38.58
N LYS B 160 -21.02 22.00 -39.55
CA LYS B 160 -21.10 21.60 -40.95
C LYS B 160 -19.95 22.28 -41.69
N ALA B 161 -19.71 21.88 -42.95
CA ALA B 161 -18.57 22.42 -43.67
C ALA B 161 -18.68 23.94 -43.85
N GLY B 162 -17.53 24.62 -43.79
CA GLY B 162 -17.48 26.04 -44.11
C GLY B 162 -17.36 26.26 -45.61
N SER B 163 -17.97 27.35 -46.09
CA SER B 163 -18.02 27.67 -47.50
C SER B 163 -16.79 28.44 -48.00
N THR B 167 -12.59 29.76 -42.59
CA THR B 167 -12.94 28.85 -41.50
C THR B 167 -13.28 27.47 -42.04
N PHE B 168 -12.75 26.44 -41.38
CA PHE B 168 -12.99 25.07 -41.82
C PHE B 168 -14.43 24.65 -41.61
N GLY B 169 -15.05 25.07 -40.51
CA GLY B 169 -16.40 24.66 -40.21
C GLY B 169 -17.20 25.79 -39.61
N VAL B 170 -18.52 25.62 -39.63
CA VAL B 170 -19.43 26.55 -38.97
C VAL B 170 -20.44 25.76 -38.16
N PRO B 171 -21.02 26.34 -37.11
CA PRO B 171 -21.95 25.59 -36.26
C PRO B 171 -23.17 25.14 -37.04
N ASN B 172 -23.67 23.96 -36.67
CA ASN B 172 -24.83 23.38 -37.35
C ASN B 172 -26.13 23.56 -36.57
N SER B 173 -26.09 24.24 -35.43
CA SER B 173 -27.23 24.34 -34.55
C SER B 173 -26.94 25.44 -33.53
N PRO B 174 -27.96 25.93 -32.84
CA PRO B 174 -27.75 27.07 -31.94
C PRO B 174 -27.06 26.67 -30.64
N GLY B 175 -26.49 27.67 -29.98
CA GLY B 175 -25.81 27.44 -28.74
C GLY B 175 -24.36 27.03 -28.86
N VAL B 176 -23.81 27.06 -30.08
CA VAL B 176 -22.44 26.65 -30.38
C VAL B 176 -21.68 27.85 -30.95
N PRO B 177 -20.69 28.41 -30.24
CA PRO B 177 -19.95 29.54 -30.78
C PRO B 177 -19.22 29.20 -32.07
N ALA B 178 -19.19 30.18 -32.96
CA ALA B 178 -18.48 30.03 -34.23
C ALA B 178 -17.04 29.58 -34.02
N ALA B 179 -16.38 30.11 -32.99
CA ALA B 179 -14.98 29.75 -32.78
C ALA B 179 -14.82 28.26 -32.51
N PHE B 180 -15.84 27.61 -31.97
CA PHE B 180 -15.72 26.20 -31.63
C PHE B 180 -15.87 25.31 -32.86
N ALA B 181 -16.28 25.87 -33.99
CA ALA B 181 -16.42 25.15 -35.24
C ALA B 181 -15.24 25.32 -36.17
N LYS B 182 -14.35 26.28 -35.89
CA LYS B 182 -13.38 26.70 -36.90
C LYS B 182 -12.32 25.64 -37.17
N HIS B 183 -12.16 24.66 -36.28
CA HIS B 183 -11.14 23.63 -36.43
C HIS B 183 -11.69 22.29 -36.88
N THR B 184 -12.94 22.24 -37.36
CA THR B 184 -13.53 20.97 -37.74
C THR B 184 -13.88 21.00 -39.23
N LEU B 185 -13.24 20.11 -39.98
CA LEU B 185 -13.51 19.91 -41.41
C LEU B 185 -14.48 18.75 -41.58
N THR B 186 -15.46 18.93 -42.47
CA THR B 186 -16.46 17.89 -42.77
C THR B 186 -16.35 17.49 -44.23
N LEU B 187 -16.05 16.22 -44.47
CA LEU B 187 -15.82 15.66 -45.79
C LEU B 187 -16.85 14.58 -46.10
N PRO B 188 -17.01 14.19 -47.37
CA PRO B 188 -18.00 13.16 -47.71
C PRO B 188 -17.51 11.77 -47.33
N PHE B 189 -18.36 11.01 -46.63
CA PHE B 189 -18.06 9.62 -46.34
C PHE B 189 -17.84 8.85 -47.63
N ASN B 190 -16.86 7.94 -47.62
CA ASN B 190 -16.54 7.07 -48.75
C ASN B 190 -15.95 7.82 -49.94
N ASP B 191 -15.38 9.01 -49.73
CA ASP B 191 -14.75 9.80 -50.80
C ASP B 191 -13.28 9.99 -50.43
N ILE B 192 -12.43 9.01 -50.79
CA ILE B 192 -11.04 9.09 -50.40
C ILE B 192 -10.32 10.23 -51.13
N GLU B 193 -10.71 10.55 -52.36
CA GLU B 193 -10.00 11.62 -53.05
C GLU B 193 -10.21 12.97 -52.35
N ALA B 194 -11.38 13.18 -51.76
CA ALA B 194 -11.60 14.43 -51.04
C ALA B 194 -10.70 14.50 -49.82
N VAL B 195 -10.52 13.38 -49.12
CA VAL B 195 -9.59 13.31 -48.00
C VAL B 195 -8.17 13.66 -48.46
N ARG B 196 -7.71 13.02 -49.55
CA ARG B 196 -6.35 13.29 -50.01
C ARG B 196 -6.17 14.74 -50.42
N LYS B 197 -7.16 15.31 -51.11
CA LYS B 197 -7.10 16.71 -51.53
C LYS B 197 -7.02 17.64 -50.33
N THR B 198 -7.88 17.40 -49.34
CA THR B 198 -7.92 18.26 -48.16
C THR B 198 -6.60 18.20 -47.39
N LEU B 199 -6.08 16.99 -47.18
CA LEU B 199 -4.81 16.86 -46.47
C LEU B 199 -3.66 17.47 -47.28
N GLY B 200 -3.72 17.37 -48.60
CA GLY B 200 -2.74 18.06 -49.42
C GLY B 200 -2.74 19.56 -49.21
N GLU B 201 -3.90 20.13 -48.87
CA GLU B 201 -4.05 21.57 -48.68
C GLU B 201 -3.72 22.01 -47.25
N VAL B 202 -4.23 21.29 -46.25
CA VAL B 202 -4.13 21.77 -44.87
C VAL B 202 -3.70 20.65 -43.90
N GLY B 203 -3.08 19.59 -44.44
CA GLY B 203 -2.74 18.44 -43.60
C GLY B 203 -1.86 18.76 -42.40
N LYS B 204 -0.98 19.75 -42.52
CA LYS B 204 -0.14 20.15 -41.38
C LYS B 204 -0.96 20.66 -40.20
N GLU B 205 -2.23 20.99 -40.40
CA GLU B 205 -3.10 21.49 -39.34
C GLU B 205 -3.98 20.40 -38.73
N VAL B 206 -3.96 19.19 -39.27
CA VAL B 206 -4.97 18.19 -38.95
C VAL B 206 -4.39 17.19 -37.97
N ALA B 207 -4.93 17.19 -36.74
CA ALA B 207 -4.53 16.26 -35.70
C ALA B 207 -5.05 14.84 -35.94
N CYS B 208 -6.28 14.71 -36.43
CA CYS B 208 -6.89 13.40 -36.52
C CYS B 208 -7.99 13.37 -37.58
N ILE B 209 -8.22 12.18 -38.13
CA ILE B 209 -9.44 11.85 -38.84
C ILE B 209 -10.24 10.91 -37.95
N ILE B 210 -11.50 11.24 -37.68
CA ILE B 210 -12.38 10.35 -36.95
C ILE B 210 -13.43 9.83 -37.90
N VAL B 211 -13.76 8.53 -37.80
CA VAL B 211 -14.69 7.93 -38.74
C VAL B 211 -15.36 6.73 -38.07
N GLU B 212 -16.65 6.55 -38.32
CA GLU B 212 -17.29 5.26 -38.08
C GLU B 212 -16.92 4.34 -39.24
N PRO B 213 -16.19 3.25 -39.00
CA PRO B 213 -15.70 2.46 -40.15
C PRO B 213 -16.83 1.86 -40.95
N VAL B 214 -17.93 1.50 -40.29
CA VAL B 214 -19.24 1.33 -40.92
C VAL B 214 -20.12 2.42 -40.36
N ALA B 215 -20.66 3.26 -41.23
CA ALA B 215 -21.58 4.28 -40.73
C ALA B 215 -22.85 3.64 -40.22
N GLY B 216 -23.33 4.11 -39.08
CA GLY B 216 -24.52 3.54 -38.49
C GLY B 216 -25.55 4.58 -38.10
N ASN B 217 -25.19 5.86 -38.23
CA ASN B 217 -26.06 6.96 -37.84
C ASN B 217 -26.54 7.78 -39.04
N MET B 218 -26.38 7.24 -40.24
CA MET B 218 -27.10 7.67 -41.44
C MET B 218 -27.66 6.43 -42.11
N ASN B 219 -28.33 5.61 -41.31
CA ASN B 219 -28.59 4.21 -41.60
C ASN B 219 -27.24 3.50 -41.69
N CYS B 220 -27.22 2.25 -42.14
CA CYS B 220 -25.99 1.47 -42.18
C CYS B 220 -25.32 1.62 -43.55
N VAL B 221 -24.14 2.22 -43.59
CA VAL B 221 -23.38 2.43 -44.82
C VAL B 221 -21.99 1.83 -44.64
N PRO B 222 -21.74 0.67 -45.22
CA PRO B 222 -20.42 0.06 -45.14
C PRO B 222 -19.40 0.86 -45.94
N PRO B 223 -18.12 0.70 -45.63
CA PRO B 223 -17.08 1.44 -46.36
C PRO B 223 -16.89 0.91 -47.78
N ALA B 224 -16.66 1.83 -48.70
CA ALA B 224 -16.38 1.45 -50.08
C ALA B 224 -14.99 0.81 -50.17
N PRO B 225 -14.78 -0.03 -51.17
CA PRO B 225 -13.44 -0.59 -51.39
C PRO B 225 -12.38 0.50 -51.40
N GLY B 226 -11.32 0.29 -50.60
CA GLY B 226 -10.20 1.21 -50.57
C GLY B 226 -10.36 2.40 -49.64
N PHE B 227 -11.55 2.62 -49.08
CA PHE B 227 -11.75 3.85 -48.31
C PHE B 227 -10.97 3.81 -47.00
N LEU B 228 -11.19 2.77 -46.19
CA LEU B 228 -10.51 2.70 -44.90
C LEU B 228 -9.01 2.51 -45.08
N GLU B 229 -8.61 1.69 -46.07
CA GLU B 229 -7.20 1.54 -46.35
C GLU B 229 -6.60 2.86 -46.80
N GLY B 230 -7.36 3.64 -47.57
CA GLY B 230 -6.89 4.95 -47.99
C GLY B 230 -6.77 5.93 -46.83
N LEU B 231 -7.68 5.84 -45.86
CA LEU B 231 -7.55 6.69 -44.69
C LEU B 231 -6.30 6.37 -43.91
N ARG B 232 -6.01 5.07 -43.74
CA ARG B 232 -4.79 4.66 -43.04
C ARG B 232 -3.55 5.18 -43.75
N GLU B 233 -3.52 5.06 -45.07
CA GLU B 233 -2.34 5.50 -45.82
C GLU B 233 -2.20 7.02 -45.80
N ALA B 234 -3.31 7.74 -45.98
CA ALA B 234 -3.27 9.19 -45.94
C ALA B 234 -2.84 9.67 -44.56
N CYS B 235 -3.33 9.04 -43.50
CA CYS B 235 -2.91 9.45 -42.17
C CYS B 235 -1.43 9.16 -41.95
N ASP B 236 -0.96 7.98 -42.38
CA ASP B 236 0.46 7.70 -42.30
C ASP B 236 1.28 8.79 -42.98
N GLU B 237 0.89 9.16 -44.21
CA GLU B 237 1.70 10.10 -44.99
C GLU B 237 1.74 11.50 -44.40
N HIS B 238 0.68 11.90 -43.72
CA HIS B 238 0.55 13.26 -43.22
C HIS B 238 0.76 13.39 -41.71
N GLY B 239 1.06 12.28 -41.03
CA GLY B 239 1.27 12.34 -39.59
C GLY B 239 0.00 12.60 -38.81
N VAL B 240 -1.13 12.12 -39.31
CA VAL B 240 -2.45 12.34 -38.73
C VAL B 240 -2.83 11.11 -37.92
N VAL B 241 -3.49 11.31 -36.78
CA VAL B 241 -3.98 10.21 -35.96
C VAL B 241 -5.30 9.70 -36.55
N LEU B 242 -5.38 8.40 -36.84
CA LEU B 242 -6.61 7.80 -37.34
C LEU B 242 -7.43 7.24 -36.17
N ILE B 243 -8.66 7.74 -36.00
CA ILE B 243 -9.55 7.32 -34.91
C ILE B 243 -10.75 6.58 -35.49
N PHE B 244 -10.95 5.33 -35.08
CA PHE B 244 -12.14 4.57 -35.44
C PHE B 244 -13.16 4.67 -34.32
N ASP B 245 -14.36 5.17 -34.65
CA ASP B 245 -15.47 5.18 -33.71
C ASP B 245 -16.20 3.85 -33.86
N GLU B 246 -15.92 2.93 -32.94
CA GLU B 246 -16.53 1.60 -32.95
C GLU B 246 -17.58 1.45 -31.86
N VAL B 247 -18.20 2.57 -31.47
CA VAL B 247 -19.28 2.51 -30.49
C VAL B 247 -20.39 1.57 -30.95
N MET B 248 -20.75 1.61 -32.24
CA MET B 248 -21.73 0.65 -32.75
C MET B 248 -21.11 -0.61 -33.34
N THR B 249 -20.00 -0.46 -34.08
CA THR B 249 -19.45 -1.60 -34.80
C THR B 249 -18.66 -2.55 -33.90
N GLY B 250 -18.12 -2.04 -32.80
CA GLY B 250 -17.26 -2.80 -31.91
C GLY B 250 -17.91 -4.06 -31.40
N PHE B 251 -17.23 -5.19 -31.55
CA PHE B 251 -17.67 -6.51 -31.09
C PHE B 251 -18.95 -6.97 -31.77
N ARG B 252 -19.38 -6.29 -32.83
CA ARG B 252 -20.63 -6.60 -33.49
C ARG B 252 -20.46 -6.90 -34.98
N VAL B 253 -19.70 -6.06 -35.69
CA VAL B 253 -19.39 -6.43 -37.07
C VAL B 253 -18.51 -7.67 -37.08
N ALA B 254 -17.66 -7.81 -36.07
CA ALA B 254 -16.82 -8.98 -35.87
C ALA B 254 -16.36 -8.93 -34.42
N LEU B 255 -15.80 -10.05 -33.95
CA LEU B 255 -15.30 -10.07 -32.57
C LEU B 255 -14.31 -8.94 -32.35
N GLY B 256 -13.37 -8.74 -33.27
CA GLY B 256 -12.40 -7.68 -33.15
C GLY B 256 -12.84 -6.38 -33.79
N GLY B 257 -14.14 -6.24 -34.05
CA GLY B 257 -14.70 -5.00 -34.55
C GLY B 257 -14.57 -4.82 -36.05
N ALA B 258 -15.03 -3.67 -36.53
CA ALA B 258 -14.86 -3.34 -37.95
C ALA B 258 -13.39 -3.30 -38.35
N GLN B 259 -12.50 -2.86 -37.43
CA GLN B 259 -11.09 -2.83 -37.78
C GLN B 259 -10.56 -4.23 -38.09
N ALA B 260 -11.02 -5.24 -37.35
CA ALA B 260 -10.62 -6.61 -37.68
C ALA B 260 -11.28 -7.09 -38.97
N TYR B 261 -12.57 -6.83 -39.11
CA TYR B 261 -13.31 -7.29 -40.28
C TYR B 261 -12.72 -6.75 -41.58
N TYR B 262 -12.37 -5.47 -41.62
CA TYR B 262 -11.82 -4.88 -42.84
C TYR B 262 -10.30 -4.90 -42.87
N GLY B 263 -9.65 -5.33 -41.78
CA GLY B 263 -8.21 -5.44 -41.75
C GLY B 263 -7.45 -4.13 -41.81
N VAL B 264 -7.95 -3.09 -41.12
CA VAL B 264 -7.31 -1.78 -41.11
C VAL B 264 -7.12 -1.38 -39.66
N THR B 265 -5.92 -0.95 -39.30
CA THR B 265 -5.60 -0.74 -37.89
C THR B 265 -5.56 0.74 -37.58
N PRO B 266 -6.44 1.22 -36.71
CA PRO B 266 -6.44 2.64 -36.35
C PRO B 266 -5.42 2.93 -35.25
N ASP B 267 -5.18 4.22 -35.04
CA ASP B 267 -4.31 4.65 -33.95
C ASP B 267 -5.06 4.73 -32.62
N LEU B 268 -6.32 5.15 -32.66
CA LEU B 268 -7.19 5.17 -31.48
C LEU B 268 -8.55 4.63 -31.88
N SER B 269 -9.26 4.04 -30.91
CA SER B 269 -10.62 3.59 -31.13
C SER B 269 -11.50 4.02 -29.96
N THR B 270 -12.78 4.23 -30.25
CA THR B 270 -13.75 4.39 -29.19
C THR B 270 -14.71 3.20 -29.21
N PHE B 271 -15.16 2.80 -28.02
CA PHE B 271 -16.08 1.68 -27.87
C PHE B 271 -17.23 2.09 -26.96
N GLY B 272 -18.36 1.38 -27.10
CA GLY B 272 -19.61 1.81 -26.48
C GLY B 272 -20.13 0.88 -25.41
N LYS B 273 -21.47 0.74 -25.31
CA LYS B 273 -22.07 0.03 -24.17
C LYS B 273 -21.95 -1.49 -24.24
N ILE B 274 -21.57 -2.06 -25.38
CA ILE B 274 -21.40 -3.50 -25.47
CA ILE B 274 -21.40 -3.51 -25.47
C ILE B 274 -20.33 -3.98 -24.48
N ILE B 275 -19.30 -3.15 -24.24
CA ILE B 275 -18.29 -3.54 -23.28
C ILE B 275 -18.80 -3.41 -21.86
N GLY B 276 -19.99 -2.83 -21.67
CA GLY B 276 -20.67 -2.87 -20.40
C GLY B 276 -21.86 -3.81 -20.40
N GLY B 277 -21.94 -4.67 -21.41
CA GLY B 277 -22.97 -5.68 -21.49
C GLY B 277 -24.37 -5.11 -21.65
N GLY B 278 -24.45 -3.83 -22.01
CA GLY B 278 -25.71 -3.11 -22.07
C GLY B 278 -25.83 -1.99 -21.06
N MET B 279 -24.99 -1.99 -20.04
CA MET B 279 -24.97 -0.91 -19.07
CA MET B 279 -25.05 -0.89 -19.11
C MET B 279 -24.25 0.29 -19.65
N PRO B 280 -24.60 1.51 -19.23
CA PRO B 280 -23.89 2.70 -19.72
C PRO B 280 -22.42 2.66 -19.39
N VAL B 281 -21.61 2.85 -20.44
CA VAL B 281 -20.16 2.93 -20.32
C VAL B 281 -19.64 3.30 -21.71
N GLY B 282 -18.40 3.75 -21.76
CA GLY B 282 -17.70 3.99 -23.02
C GLY B 282 -16.23 3.74 -22.79
N ALA B 283 -15.46 3.67 -23.87
CA ALA B 283 -14.02 3.47 -23.69
C ALA B 283 -13.29 4.10 -24.86
N PHE B 284 -12.03 4.45 -24.61
CA PHE B 284 -11.13 4.83 -25.69
C PHE B 284 -9.76 4.19 -25.45
N GLY B 285 -9.10 3.81 -26.54
CA GLY B 285 -7.79 3.23 -26.37
C GLY B 285 -7.09 3.15 -27.70
N GLY B 286 -5.86 2.69 -27.65
CA GLY B 286 -5.10 2.57 -28.88
C GLY B 286 -3.61 2.54 -28.63
N LYS B 287 -2.84 3.20 -29.50
CA LYS B 287 -1.38 3.12 -29.44
C LYS B 287 -0.84 3.64 -28.13
N ARG B 288 0.10 2.88 -27.55
CA ARG B 288 0.61 3.21 -26.22
CA ARG B 288 0.65 3.19 -26.24
C ARG B 288 1.20 4.61 -26.17
N GLU B 289 1.98 5.00 -27.19
CA GLU B 289 2.62 6.31 -27.16
C GLU B 289 1.60 7.45 -27.14
N ILE B 290 0.44 7.24 -27.77
CA ILE B 290 -0.59 8.27 -27.72
C ILE B 290 -1.32 8.23 -26.38
N MET B 291 -1.70 7.04 -25.93
CA MET B 291 -2.48 6.91 -24.69
C MET B 291 -1.70 7.38 -23.48
N GLN B 292 -0.37 7.25 -23.50
CA GLN B 292 0.45 7.64 -22.35
C GLN B 292 0.36 9.13 -22.04
N GLN B 293 -0.11 9.94 -22.97
CA GLN B 293 -0.27 11.37 -22.70
CA GLN B 293 -0.25 11.36 -22.70
C GLN B 293 -1.39 11.67 -21.73
N ILE B 294 -2.30 10.73 -21.50
CA ILE B 294 -3.46 11.03 -20.66
C ILE B 294 -3.06 11.12 -19.19
N SER B 295 -3.74 12.00 -18.46
CA SER B 295 -3.57 12.10 -17.02
C SER B 295 -3.82 10.73 -16.37
N PRO B 296 -3.10 10.39 -15.28
CA PRO B 296 -2.22 11.24 -14.49
C PRO B 296 -0.76 11.22 -14.91
N LEU B 297 -0.33 10.26 -15.74
CA LEU B 297 1.09 10.22 -16.08
CA LEU B 297 1.08 10.16 -16.13
C LEU B 297 1.47 11.19 -17.19
N GLY B 298 0.51 11.64 -17.99
CA GLY B 298 0.79 12.65 -18.99
C GLY B 298 -0.08 13.85 -18.74
N PRO B 299 0.06 14.90 -19.55
CA PRO B 299 -0.60 16.18 -19.25
C PRO B 299 -2.00 16.38 -19.81
N VAL B 300 -2.52 15.45 -20.60
CA VAL B 300 -3.82 15.65 -21.25
C VAL B 300 -4.95 15.21 -20.32
N TYR B 301 -5.94 16.08 -20.11
CA TYR B 301 -7.09 15.76 -19.27
C TYR B 301 -8.05 14.82 -19.97
N GLN B 302 -8.65 13.93 -19.19
CA GLN B 302 -9.65 12.99 -19.71
C GLN B 302 -11.05 13.54 -19.50
N ALA B 303 -11.91 13.36 -20.50
CA ALA B 303 -13.33 13.65 -20.33
C ALA B 303 -14.00 12.43 -19.70
N GLY B 304 -14.55 12.60 -18.52
CA GLY B 304 -15.08 11.45 -17.77
C GLY B 304 -14.16 11.14 -16.60
N THR B 305 -14.76 10.89 -15.45
CA THR B 305 -13.99 10.70 -14.22
C THR B 305 -14.56 9.55 -13.38
N GLY B 308 -14.81 2.97 -13.57
CA GLY B 308 -15.34 1.69 -14.05
C GLY B 308 -16.37 1.11 -13.10
N ASN B 309 -17.66 1.33 -13.41
CA ASN B 309 -18.74 0.87 -12.53
C ASN B 309 -18.72 -0.65 -12.43
N PRO B 310 -18.76 -1.22 -11.23
CA PRO B 310 -18.59 -2.67 -11.10
C PRO B 310 -19.69 -3.50 -11.74
N LEU B 311 -20.93 -3.01 -11.78
CA LEU B 311 -21.98 -3.76 -12.47
C LEU B 311 -21.71 -3.81 -13.97
N ALA B 312 -21.32 -2.67 -14.57
CA ALA B 312 -21.00 -2.66 -15.98
C ALA B 312 -19.78 -3.51 -16.27
N MET B 313 -18.79 -3.48 -15.39
CA MET B 313 -17.62 -4.32 -15.63
C MET B 313 -18.00 -5.79 -15.56
N ALA B 314 -18.82 -6.17 -14.59
CA ALA B 314 -19.23 -7.56 -14.47
C ALA B 314 -20.04 -7.99 -15.70
N ALA B 315 -21.01 -7.16 -16.10
CA ALA B 315 -21.82 -7.49 -17.26
C ALA B 315 -20.97 -7.55 -18.53
N GLY B 316 -20.03 -6.62 -18.68
CA GLY B 316 -19.22 -6.59 -19.88
C GLY B 316 -18.24 -7.75 -19.97
N LEU B 317 -17.60 -8.09 -18.85
CA LEU B 317 -16.69 -9.22 -18.85
C LEU B 317 -17.43 -10.49 -19.25
N THR B 318 -18.61 -10.72 -18.67
CA THR B 318 -19.40 -11.89 -19.02
C THR B 318 -19.80 -11.87 -20.49
N THR B 319 -20.22 -10.70 -20.97
CA THR B 319 -20.65 -10.58 -22.36
C THR B 319 -19.50 -10.85 -23.33
N LEU B 320 -18.34 -10.23 -23.08
CA LEU B 320 -17.21 -10.38 -24.00
C LEU B 320 -16.71 -11.80 -24.04
N ARG B 321 -16.74 -12.51 -22.92
CA ARG B 321 -16.35 -13.91 -22.92
C ARG B 321 -17.35 -14.75 -23.71
N LEU B 322 -18.66 -14.49 -23.53
CA LEU B 322 -19.67 -15.29 -24.22
C LEU B 322 -19.59 -15.10 -25.72
N ILE B 323 -19.32 -13.88 -26.18
CA ILE B 323 -19.29 -13.67 -27.63
C ILE B 323 -17.98 -14.12 -28.23
N SER B 324 -17.00 -14.52 -27.41
CA SER B 324 -15.77 -15.12 -27.89
C SER B 324 -15.91 -16.59 -28.24
N ARG B 325 -17.10 -17.17 -28.07
CA ARG B 325 -17.33 -18.55 -28.48
C ARG B 325 -17.02 -18.71 -29.97
N PRO B 326 -16.32 -19.76 -30.39
CA PRO B 326 -16.03 -19.91 -31.83
C PRO B 326 -17.30 -19.96 -32.66
N GLY B 327 -17.30 -19.19 -33.75
CA GLY B 327 -18.42 -19.17 -34.66
C GLY B 327 -19.52 -18.18 -34.33
N PHE B 328 -19.43 -17.47 -33.20
CA PHE B 328 -20.50 -16.58 -32.77
C PHE B 328 -20.90 -15.58 -33.86
N HIS B 329 -19.93 -14.84 -34.39
CA HIS B 329 -20.28 -13.81 -35.37
C HIS B 329 -20.63 -14.40 -36.73
N ASP B 330 -20.05 -15.55 -37.08
CA ASP B 330 -20.50 -16.23 -38.29
C ASP B 330 -21.97 -16.58 -38.20
N GLU B 331 -22.41 -17.10 -37.05
CA GLU B 331 -23.81 -17.44 -36.84
C GLU B 331 -24.67 -16.19 -36.93
N LEU B 332 -24.24 -15.12 -36.24
CA LEU B 332 -24.97 -13.86 -36.27
C LEU B 332 -25.06 -13.31 -37.69
N THR B 333 -23.95 -13.36 -38.42
CA THR B 333 -23.94 -12.87 -39.80
C THR B 333 -24.90 -13.68 -40.66
N ALA B 334 -24.92 -15.01 -40.46
CA ALA B 334 -25.75 -15.88 -41.29
C ALA B 334 -27.24 -15.60 -41.08
N TYR B 335 -27.67 -15.43 -39.82
CA TYR B 335 -29.06 -15.04 -39.57
C TYR B 335 -29.38 -13.74 -40.28
N THR B 336 -28.49 -12.74 -40.14
CA THR B 336 -28.77 -11.44 -40.71
C THR B 336 -28.91 -11.51 -42.22
N THR B 337 -28.07 -12.31 -42.88
CA THR B 337 -28.17 -12.47 -44.33
C THR B 337 -29.48 -13.17 -44.71
N ARG B 338 -29.87 -14.23 -43.99
CA ARG B 338 -31.16 -14.86 -44.22
CA ARG B 338 -31.16 -14.85 -44.24
C ARG B 338 -32.30 -13.85 -44.12
N MET B 339 -32.23 -12.98 -43.13
CA MET B 339 -33.29 -12.00 -42.95
CA MET B 339 -33.29 -12.00 -42.94
C MET B 339 -33.32 -10.99 -44.08
N LEU B 340 -32.15 -10.43 -44.43
CA LEU B 340 -32.10 -9.46 -45.51
C LEU B 340 -32.50 -10.09 -46.84
N ASP B 341 -32.06 -11.33 -47.10
CA ASP B 341 -32.48 -12.06 -48.29
C ASP B 341 -34.00 -12.21 -48.34
N GLY B 342 -34.61 -12.59 -47.23
CA GLY B 342 -36.06 -12.75 -47.19
C GLY B 342 -36.80 -11.44 -47.38
N LEU B 343 -36.29 -10.36 -46.82
CA LEU B 343 -36.88 -9.05 -47.04
C LEU B 343 -36.78 -8.65 -48.51
N GLN B 344 -35.60 -8.83 -49.11
CA GLN B 344 -35.44 -8.45 -50.51
C GLN B 344 -36.36 -9.26 -51.41
N GLN B 345 -36.50 -10.55 -51.11
CA GLN B 345 -37.37 -11.40 -51.92
CA GLN B 345 -37.38 -11.42 -51.89
C GLN B 345 -38.81 -10.90 -51.87
N ARG B 346 -39.29 -10.53 -50.69
CA ARG B 346 -40.68 -10.06 -50.56
C ARG B 346 -40.84 -8.65 -51.13
N ALA B 347 -39.83 -7.79 -51.00
CA ALA B 347 -39.93 -6.49 -51.66
C ALA B 347 -39.96 -6.63 -53.17
N ASP B 348 -39.09 -7.49 -53.73
CA ASP B 348 -39.10 -7.73 -55.17
C ASP B 348 -40.44 -8.29 -55.63
N ALA B 349 -41.01 -9.24 -54.89
CA ALA B 349 -42.28 -9.83 -55.28
C ALA B 349 -43.42 -8.83 -55.26
N ALA B 350 -43.32 -7.80 -54.42
CA ALA B 350 -44.34 -6.76 -54.32
C ALA B 350 -44.07 -5.55 -55.21
N GLY B 351 -42.95 -5.54 -55.94
CA GLY B 351 -42.67 -4.42 -56.81
C GLY B 351 -42.25 -3.15 -56.09
N ILE B 352 -41.61 -3.29 -54.94
CA ILE B 352 -41.20 -2.17 -54.10
C ILE B 352 -39.70 -2.00 -54.23
N PRO B 353 -39.21 -0.89 -54.77
CA PRO B 353 -37.76 -0.67 -54.82
C PRO B 353 -37.15 -0.75 -53.42
N PHE B 354 -36.09 -1.55 -53.30
CA PHE B 354 -35.60 -1.91 -51.97
C PHE B 354 -34.17 -2.37 -52.09
N VAL B 355 -33.33 -1.97 -51.16
CA VAL B 355 -31.94 -2.43 -51.15
C VAL B 355 -31.47 -2.47 -49.71
N THR B 356 -30.51 -3.35 -49.43
CA THR B 356 -30.02 -3.54 -48.07
C THR B 356 -28.50 -3.37 -48.03
N THR B 357 -28.01 -3.13 -46.82
CA THR B 357 -26.58 -3.17 -46.51
C THR B 357 -26.38 -4.08 -45.31
N GLN B 358 -25.17 -4.61 -45.19
CA GLN B 358 -24.86 -5.49 -44.07
C GLN B 358 -23.39 -5.42 -43.74
N ALA B 359 -23.09 -5.42 -42.44
CA ALA B 359 -21.75 -5.63 -41.91
C ALA B 359 -21.89 -6.49 -40.66
N GLY B 360 -21.68 -7.80 -40.80
CA GLY B 360 -21.83 -8.68 -39.64
C GLY B 360 -23.26 -8.63 -39.12
N GLY B 361 -23.41 -8.29 -37.83
CA GLY B 361 -24.73 -8.22 -37.20
C GLY B 361 -25.35 -6.84 -37.25
N MET B 362 -24.89 -6.04 -38.21
CA MET B 362 -25.35 -4.69 -38.47
CA MET B 362 -25.39 -4.71 -38.46
C MET B 362 -25.97 -4.66 -39.86
N PHE B 363 -27.11 -3.97 -40.01
CA PHE B 363 -27.76 -3.92 -41.32
C PHE B 363 -28.48 -2.60 -41.53
N GLY B 364 -28.81 -2.35 -42.80
CA GLY B 364 -29.60 -1.19 -43.16
C GLY B 364 -30.63 -1.56 -44.20
N LEU B 365 -31.84 -1.03 -44.05
CA LEU B 365 -32.92 -1.19 -45.01
C LEU B 365 -33.22 0.16 -45.67
N TYR B 366 -33.39 0.13 -46.99
CA TYR B 366 -33.55 1.33 -47.79
C TYR B 366 -34.63 1.14 -48.82
N PHE B 367 -35.58 2.06 -48.88
CA PHE B 367 -36.53 2.12 -49.97
C PHE B 367 -35.91 2.99 -51.06
N SER B 368 -35.15 2.34 -51.95
CA SER B 368 -34.37 3.05 -52.94
C SER B 368 -34.20 2.16 -54.15
N GLY B 369 -34.11 2.79 -55.31
CA GLY B 369 -33.78 2.07 -56.53
C GLY B 369 -32.32 2.04 -56.86
N ALA B 370 -31.47 2.59 -55.99
CA ALA B 370 -30.03 2.53 -56.21
C ALA B 370 -29.55 1.08 -56.19
N ASP B 371 -28.48 0.80 -56.94
CA ASP B 371 -27.89 -0.54 -56.93
C ASP B 371 -27.23 -0.83 -55.60
N ALA B 372 -26.72 0.20 -54.94
CA ALA B 372 -26.03 0.03 -53.67
C ALA B 372 -25.99 1.38 -52.98
N ILE B 373 -25.98 1.35 -51.66
CA ILE B 373 -25.91 2.57 -50.85
C ILE B 373 -24.44 2.80 -50.51
N VAL B 374 -23.86 3.88 -51.05
CA VAL B 374 -22.44 4.11 -50.86
C VAL B 374 -22.20 5.48 -50.23
N THR B 375 -23.02 6.44 -50.58
CA THR B 375 -22.78 7.82 -50.17
C THR B 375 -23.93 8.35 -49.30
N PHE B 376 -23.60 9.41 -48.56
CA PHE B 376 -24.61 10.17 -47.84
C PHE B 376 -25.73 10.61 -48.79
N GLU B 377 -25.38 10.95 -50.02
CA GLU B 377 -26.39 11.34 -51.01
C GLU B 377 -27.32 10.18 -51.32
N ASP B 378 -26.78 8.95 -51.39
CA ASP B 378 -27.62 7.77 -51.57
C ASP B 378 -28.62 7.65 -50.43
N VAL B 379 -28.16 7.84 -49.19
CA VAL B 379 -29.04 7.72 -48.03
C VAL B 379 -30.15 8.76 -48.12
N MET B 380 -29.77 10.02 -48.35
CA MET B 380 -30.76 11.10 -48.33
C MET B 380 -31.75 10.99 -49.47
N ALA B 381 -31.35 10.33 -50.56
CA ALA B 381 -32.21 10.20 -51.73
C ALA B 381 -33.22 9.06 -51.59
N SER B 382 -33.14 8.26 -50.53
CA SER B 382 -34.07 7.15 -50.41
C SER B 382 -35.45 7.66 -49.99
N ASP B 383 -36.42 6.77 -50.13
CA ASP B 383 -37.83 7.10 -49.91
C ASP B 383 -38.14 7.05 -48.42
N VAL B 384 -37.83 8.16 -47.74
CA VAL B 384 -37.98 8.19 -46.27
C VAL B 384 -39.45 8.06 -45.87
N GLU B 385 -40.36 8.68 -46.62
CA GLU B 385 -41.76 8.59 -46.24
C GLU B 385 -42.25 7.16 -46.30
N ARG B 386 -41.78 6.39 -47.29
CA ARG B 386 -42.17 4.99 -47.36
C ARG B 386 -41.62 4.21 -46.17
N PHE B 387 -40.39 4.53 -45.75
CA PHE B 387 -39.85 3.87 -44.57
C PHE B 387 -40.73 4.12 -43.35
N LYS B 388 -41.20 5.36 -43.17
CA LYS B 388 -42.06 5.66 -42.03
C LYS B 388 -43.30 4.79 -42.04
N ARG B 389 -43.96 4.67 -43.20
CA ARG B 389 -45.12 3.79 -43.29
C ARG B 389 -44.74 2.34 -43.00
N PHE B 390 -43.63 1.89 -43.57
CA PHE B 390 -43.15 0.53 -43.34
C PHE B 390 -42.90 0.27 -41.86
N PHE B 391 -42.31 1.25 -41.17
CA PHE B 391 -42.04 1.09 -39.75
C PHE B 391 -43.31 0.78 -38.98
N HIS B 392 -44.39 1.54 -39.23
CA HIS B 392 -45.62 1.36 -38.47
C HIS B 392 -46.32 0.07 -38.87
N LEU B 393 -46.26 -0.29 -40.16
CA LEU B 393 -46.79 -1.59 -40.58
C LEU B 393 -46.03 -2.72 -39.90
N MET B 394 -44.72 -2.55 -39.71
CA MET B 394 -43.94 -3.61 -39.08
C MET B 394 -44.24 -3.69 -37.59
N LEU B 395 -44.44 -2.55 -36.94
CA LEU B 395 -44.96 -2.56 -35.56
C LEU B 395 -46.24 -3.40 -35.49
N ASP B 396 -47.15 -3.19 -36.44
CA ASP B 396 -48.40 -3.95 -36.44
C ASP B 396 -48.13 -5.45 -36.44
N GLY B 397 -47.14 -5.87 -37.22
CA GLY B 397 -46.76 -7.27 -37.31
C GLY B 397 -45.87 -7.77 -36.20
N GLY B 398 -45.65 -6.97 -35.16
CA GLY B 398 -44.86 -7.43 -34.03
C GLY B 398 -43.35 -7.36 -34.22
N VAL B 399 -42.87 -6.38 -34.99
CA VAL B 399 -41.45 -6.18 -35.24
C VAL B 399 -41.12 -4.74 -34.91
N TYR B 400 -40.05 -4.51 -34.17
CA TYR B 400 -39.62 -3.16 -33.78
C TYR B 400 -38.29 -2.84 -34.46
N LEU B 401 -38.36 -2.14 -35.59
CA LEU B 401 -37.16 -1.64 -36.26
C LEU B 401 -36.71 -0.34 -35.60
N ALA B 402 -35.56 0.17 -36.03
CA ALA B 402 -35.14 1.48 -35.54
C ALA B 402 -36.16 2.52 -36.00
N PRO B 403 -36.65 3.41 -35.09
CA PRO B 403 -37.67 4.41 -35.46
C PRO B 403 -37.11 5.61 -36.22
N SER B 404 -36.40 5.35 -37.32
CA SER B 404 -35.75 6.38 -38.10
C SER B 404 -35.20 5.72 -39.36
N ALA B 405 -35.38 6.38 -40.50
CA ALA B 405 -34.75 5.94 -41.72
C ALA B 405 -33.24 6.15 -41.70
N PHE B 406 -32.71 6.79 -40.65
CA PHE B 406 -31.31 7.16 -40.61
C PHE B 406 -30.59 6.48 -39.46
N GLU B 407 -31.03 5.27 -39.08
CA GLU B 407 -30.38 4.52 -38.02
C GLU B 407 -30.22 3.08 -38.47
N ALA B 408 -29.05 2.50 -38.18
CA ALA B 408 -28.81 1.11 -38.54
C ALA B 408 -29.64 0.18 -37.64
N GLY B 409 -29.88 -1.03 -38.14
CA GLY B 409 -30.50 -2.08 -37.36
C GLY B 409 -29.47 -3.08 -36.84
N PHE B 410 -29.87 -3.85 -35.83
CA PHE B 410 -28.98 -4.80 -35.19
C PHE B 410 -29.70 -6.11 -34.91
N THR B 411 -29.00 -7.22 -35.17
CA THR B 411 -29.48 -8.54 -34.81
C THR B 411 -28.78 -9.04 -33.55
N SER B 412 -29.33 -10.09 -32.93
CA SER B 412 -28.72 -10.70 -31.76
C SER B 412 -28.66 -12.21 -31.94
N ILE B 413 -27.87 -12.85 -31.08
CA ILE B 413 -27.73 -14.30 -31.16
C ILE B 413 -29.01 -14.98 -30.69
N ALA B 414 -29.89 -14.23 -30.03
CA ALA B 414 -31.18 -14.76 -29.61
C ALA B 414 -32.19 -14.82 -30.75
N HIS B 415 -31.92 -14.17 -31.88
CA HIS B 415 -32.82 -14.25 -33.01
C HIS B 415 -32.66 -15.59 -33.69
N GLY B 416 -33.75 -16.35 -33.78
CA GLY B 416 -33.73 -17.64 -34.43
C GLY B 416 -34.85 -17.85 -35.42
N ASP B 417 -35.17 -19.10 -35.71
CA ASP B 417 -36.13 -19.39 -36.76
C ASP B 417 -37.47 -18.74 -36.48
N LYS B 418 -37.92 -18.78 -35.22
CA LYS B 418 -39.23 -18.23 -34.89
C LYS B 418 -39.28 -16.73 -35.13
N GLU B 419 -38.21 -16.02 -34.73
CA GLU B 419 -38.16 -14.58 -34.93
C GLU B 419 -38.05 -14.22 -36.40
N LEU B 420 -37.32 -15.03 -37.18
CA LEU B 420 -37.19 -14.78 -38.59
C LEU B 420 -38.55 -14.91 -39.28
N GLU B 421 -39.28 -15.97 -38.94
CA GLU B 421 -40.61 -16.16 -39.51
C GLU B 421 -41.52 -14.98 -39.19
N ILE B 422 -41.52 -14.53 -37.92
CA ILE B 422 -42.32 -13.37 -37.55
C ILE B 422 -41.93 -12.15 -38.36
N THR B 423 -40.62 -11.92 -38.49
CA THR B 423 -40.12 -10.74 -39.21
C THR B 423 -40.51 -10.78 -40.68
N LEU B 424 -40.31 -11.91 -41.34
CA LEU B 424 -40.59 -12.00 -42.77
C LEU B 424 -42.08 -11.95 -43.05
N ASN B 425 -42.90 -12.56 -42.17
CA ASN B 425 -44.35 -12.49 -42.38
C ASN B 425 -44.86 -11.08 -42.18
N ALA B 426 -44.34 -10.37 -41.17
CA ALA B 426 -44.71 -8.96 -41.00
C ALA B 426 -44.34 -8.15 -42.23
N ALA B 427 -43.17 -8.42 -42.81
CA ALA B 427 -42.72 -7.63 -43.95
C ALA B 427 -43.57 -7.91 -45.18
N GLU B 428 -43.95 -9.18 -45.38
CA GLU B 428 -44.81 -9.50 -46.50
C GLU B 428 -46.11 -8.71 -46.44
N LYS B 429 -46.74 -8.67 -45.26
CA LYS B 429 -47.96 -7.88 -45.12
C LYS B 429 -47.69 -6.40 -45.28
N ALA B 430 -46.58 -5.90 -44.73
CA ALA B 430 -46.28 -4.48 -44.85
C ALA B 430 -46.06 -4.10 -46.31
N PHE B 431 -45.27 -4.91 -47.04
CA PHE B 431 -45.00 -4.62 -48.44
C PHE B 431 -46.29 -4.64 -49.24
N ALA B 432 -47.22 -5.54 -48.89
CA ALA B 432 -48.49 -5.59 -49.62
C ALA B 432 -49.31 -4.33 -49.39
N ALA B 433 -49.22 -3.74 -48.20
CA ALA B 433 -50.01 -2.56 -47.88
C ALA B 433 -49.41 -1.28 -48.42
N LEU B 434 -48.16 -1.30 -48.86
CA LEU B 434 -47.52 -0.07 -49.36
C LEU B 434 -48.04 0.31 -50.75
N MET C 9 11.95 4.80 -34.16
CA MET C 9 11.90 6.03 -33.37
C MET C 9 13.26 6.73 -33.37
N SER C 10 13.30 7.95 -32.82
CA SER C 10 14.54 8.72 -32.88
C SER C 10 15.55 8.15 -31.88
N ARG C 11 16.81 8.55 -32.05
CA ARG C 11 17.82 8.13 -31.07
C ARG C 11 17.52 8.69 -29.69
N SER C 12 16.99 9.93 -29.63
CA SER C 12 16.64 10.49 -28.33
C SER C 12 15.48 9.74 -27.69
N GLU C 13 14.49 9.34 -28.49
CA GLU C 13 13.37 8.58 -27.94
C GLU C 13 13.83 7.23 -27.41
N THR C 14 14.73 6.58 -28.15
CA THR C 14 15.29 5.30 -27.72
C THR C 14 16.06 5.47 -26.41
N LEU C 15 16.93 6.48 -26.35
CA LEU C 15 17.70 6.69 -25.14
C LEU C 15 16.80 7.01 -23.96
N PHE C 16 15.77 7.81 -24.17
CA PHE C 16 14.87 8.14 -23.07
C PHE C 16 14.17 6.89 -22.56
N ASN C 17 13.71 6.03 -23.47
CA ASN C 17 13.10 4.78 -23.04
CA ASN C 17 13.12 4.76 -23.06
C ASN C 17 14.12 3.92 -22.28
N ASN C 18 15.35 3.83 -22.78
CA ASN C 18 16.36 3.04 -22.09
C ASN C 18 16.75 3.65 -20.74
N ALA C 19 16.73 4.98 -20.66
CA ALA C 19 17.14 5.63 -19.41
C ALA C 19 16.14 5.39 -18.29
N GLN C 20 14.87 5.15 -18.62
CA GLN C 20 13.79 4.96 -17.63
CA GLN C 20 13.89 5.05 -17.55
C GLN C 20 14.05 3.78 -16.73
N LYS C 21 14.81 2.79 -17.22
CA LYS C 21 14.95 1.53 -16.48
C LYS C 21 15.70 1.72 -15.18
N HIS C 22 16.87 2.39 -15.23
CA HIS C 22 17.64 2.59 -14.02
C HIS C 22 17.70 4.03 -13.52
N ILE C 23 17.25 5.01 -14.29
CA ILE C 23 17.27 6.41 -13.86
C ILE C 23 15.84 6.86 -13.65
N PRO C 24 15.46 7.32 -12.46
CA PRO C 24 14.07 7.72 -12.23
C PRO C 24 13.67 8.84 -13.18
N GLY C 25 12.64 8.57 -13.97
CA GLY C 25 12.19 9.52 -14.95
C GLY C 25 13.07 9.64 -16.17
N GLY C 26 14.15 8.86 -16.23
CA GLY C 26 15.07 8.87 -17.35
C GLY C 26 16.08 9.98 -17.35
N VAL C 27 16.15 10.78 -16.28
CA VAL C 27 17.02 11.95 -16.22
C VAL C 27 17.62 12.07 -14.83
N ASN C 28 18.81 12.65 -14.76
CA ASN C 28 19.42 12.97 -13.47
C ASN C 28 18.98 14.31 -12.91
N SER C 29 18.34 15.16 -13.72
CA SER C 29 17.86 16.45 -13.25
C SER C 29 16.39 16.59 -13.65
N PRO C 30 15.48 16.76 -12.70
CA PRO C 30 14.03 16.75 -13.04
C PRO C 30 13.59 17.58 -14.25
N VAL C 31 14.03 18.85 -14.37
CA VAL C 31 13.58 19.67 -15.50
C VAL C 31 13.96 19.06 -16.84
N ARG C 32 14.99 18.22 -16.86
CA ARG C 32 15.50 17.69 -18.11
C ARG C 32 14.53 16.72 -18.76
N ALA C 33 13.46 16.32 -18.07
CA ALA C 33 12.54 15.30 -18.58
C ALA C 33 11.46 15.85 -19.49
N PHE C 34 11.46 17.17 -19.74
CA PHE C 34 10.51 17.88 -20.61
C PHE C 34 9.09 17.89 -20.07
N LYS C 35 8.87 17.55 -18.80
CA LYS C 35 7.52 17.61 -18.23
C LYS C 35 6.93 19.01 -18.35
N SER C 36 7.77 20.04 -18.29
CA SER C 36 7.24 21.39 -18.38
C SER C 36 6.92 21.82 -19.81
N VAL C 37 7.34 21.06 -20.83
CA VAL C 37 6.99 21.45 -22.20
C VAL C 37 6.30 20.32 -22.95
N GLY C 38 6.21 19.15 -22.34
CA GLY C 38 5.65 17.99 -23.01
C GLY C 38 6.64 17.36 -23.98
N GLY C 39 6.32 16.15 -24.41
CA GLY C 39 7.17 15.43 -25.33
C GLY C 39 8.33 14.72 -24.65
N THR C 40 9.21 14.18 -25.51
CA THR C 40 10.39 13.49 -25.03
CA THR C 40 10.42 13.46 -25.12
C THR C 40 11.60 14.43 -25.05
N PRO C 41 12.43 14.38 -24.01
CA PRO C 41 13.61 15.25 -24.02
C PRO C 41 14.59 14.91 -25.13
N LEU C 42 15.29 15.93 -25.58
CA LEU C 42 16.40 15.74 -26.51
C LEU C 42 17.65 15.37 -25.74
N PHE C 43 18.31 14.29 -26.15
CA PHE C 43 19.63 13.95 -25.65
C PHE C 43 20.67 14.64 -26.52
N PHE C 44 21.71 15.19 -25.89
CA PHE C 44 22.72 15.94 -26.63
C PHE C 44 24.06 15.20 -26.65
N LYS C 45 24.81 15.39 -27.74
CA LYS C 45 26.09 14.71 -27.85
C LYS C 45 27.22 15.62 -28.30
N HIS C 46 26.96 16.89 -28.58
CA HIS C 46 28.02 17.80 -29.00
C HIS C 46 27.51 19.21 -28.81
N ALA C 47 28.44 20.12 -28.54
CA ALA C 47 28.09 21.54 -28.47
C ALA C 47 29.31 22.36 -28.84
N GLU C 48 29.10 23.46 -29.53
CA GLU C 48 30.19 24.34 -29.94
CA GLU C 48 30.18 24.34 -29.92
C GLU C 48 29.62 25.72 -30.19
N GLY C 49 30.25 26.74 -29.61
CA GLY C 49 29.82 28.10 -29.86
C GLY C 49 28.37 28.31 -29.44
N ALA C 50 27.57 28.83 -30.36
CA ALA C 50 26.17 29.11 -30.08
C ALA C 50 25.24 27.94 -30.37
N TYR C 51 25.78 26.73 -30.55
CA TYR C 51 24.97 25.62 -31.05
C TYR C 51 25.10 24.36 -30.19
N VAL C 52 24.02 23.59 -30.16
CA VAL C 52 24.01 22.26 -29.55
C VAL C 52 23.52 21.27 -30.58
N LEU C 53 23.93 20.00 -30.40
CA LEU C 53 23.63 18.94 -31.35
C LEU C 53 22.96 17.76 -30.64
N ASP C 54 21.78 17.35 -31.10
CA ASP C 54 21.12 16.25 -30.41
C ASP C 54 21.61 14.92 -30.95
N GLU C 55 21.12 13.83 -30.35
CA GLU C 55 21.62 12.51 -30.69
C GLU C 55 21.20 12.07 -32.08
N ASP C 56 20.22 12.76 -32.67
CA ASP C 56 19.81 12.52 -34.04
C ASP C 56 20.49 13.47 -35.03
N ASP C 57 21.59 14.10 -34.61
CA ASP C 57 22.43 14.95 -35.45
C ASP C 57 21.72 16.22 -35.92
N LYS C 58 20.68 16.67 -35.21
CA LYS C 58 20.07 17.96 -35.51
C LYS C 58 20.75 19.06 -34.69
N ARG C 59 21.08 20.16 -35.37
CA ARG C 59 21.79 21.30 -34.78
C ARG C 59 20.80 22.41 -34.44
N TYR C 60 20.96 23.03 -33.26
CA TYR C 60 20.06 24.09 -32.81
C TYR C 60 20.87 25.28 -32.33
N VAL C 61 20.38 26.48 -32.63
CA VAL C 61 20.87 27.65 -31.92
C VAL C 61 20.44 27.52 -30.46
N ASP C 62 21.40 27.67 -29.55
CA ASP C 62 21.20 27.32 -28.15
C ASP C 62 20.95 28.56 -27.29
N TYR C 63 19.86 28.56 -26.50
CA TYR C 63 19.63 29.64 -25.54
C TYR C 63 19.57 29.13 -24.11
N VAL C 64 20.15 27.96 -23.85
CA VAL C 64 20.25 27.43 -22.51
C VAL C 64 21.66 27.56 -21.96
N GLY C 65 22.68 27.32 -22.80
CA GLY C 65 24.05 27.55 -22.38
C GLY C 65 24.41 26.75 -21.15
N SER C 66 23.91 25.51 -21.09
CA SER C 66 24.09 24.63 -19.93
CA SER C 66 24.08 24.63 -19.92
C SER C 66 23.55 25.28 -18.65
N TRP C 67 22.58 26.19 -18.80
CA TRP C 67 21.93 26.94 -17.72
C TRP C 67 22.81 28.03 -17.13
N GLY C 68 23.67 28.65 -17.94
CA GLY C 68 24.42 29.81 -17.49
C GLY C 68 25.93 29.79 -17.70
N PRO C 69 26.61 28.66 -17.49
CA PRO C 69 28.08 28.69 -17.55
C PRO C 69 28.65 29.12 -18.90
N MET C 70 27.95 28.86 -20.00
CA MET C 70 28.58 28.93 -21.32
CA MET C 70 28.54 28.92 -21.34
C MET C 70 28.48 30.32 -21.94
N ILE C 71 28.84 31.34 -21.16
CA ILE C 71 28.73 32.70 -21.67
C ILE C 71 29.72 32.96 -22.80
N LEU C 72 30.80 32.18 -22.91
CA LEU C 72 31.71 32.28 -24.05
C LEU C 72 31.25 31.46 -25.23
N GLY C 73 30.06 30.86 -25.14
CA GLY C 73 29.68 29.80 -26.04
C GLY C 73 30.23 28.48 -25.54
N HIS C 74 29.73 27.40 -26.14
CA HIS C 74 30.22 26.08 -25.80
C HIS C 74 31.61 25.86 -26.35
N SER C 75 32.41 25.07 -25.63
CA SER C 75 33.66 24.55 -26.17
C SER C 75 34.60 25.65 -26.68
N HIS C 76 34.72 26.74 -25.92
CA HIS C 76 35.64 27.79 -26.32
C HIS C 76 37.06 27.22 -26.44
N PRO C 77 37.76 27.44 -27.56
CA PRO C 77 39.05 26.77 -27.77
C PRO C 77 40.10 27.04 -26.71
N ASP C 78 40.16 28.28 -26.17
CA ASP C 78 41.13 28.55 -25.11
C ASP C 78 40.77 27.85 -23.81
N VAL C 79 39.47 27.71 -23.54
CA VAL C 79 39.04 27.01 -22.33
C VAL C 79 39.34 25.53 -22.44
N LEU C 80 38.98 24.91 -23.56
CA LEU C 80 39.31 23.51 -23.75
C LEU C 80 40.82 23.29 -23.71
N ASP C 81 41.59 24.20 -24.31
CA ASP C 81 43.04 24.04 -24.27
C ASP C 81 43.58 24.09 -22.84
N ALA C 82 43.03 24.97 -22.00
CA ALA C 82 43.48 25.03 -20.62
C ALA C 82 43.16 23.73 -19.87
N VAL C 83 41.98 23.17 -20.10
CA VAL C 83 41.63 21.90 -19.47
C VAL C 83 42.52 20.78 -19.98
N ARG C 84 42.78 20.78 -21.29
CA ARG C 84 43.63 19.75 -21.89
C ARG C 84 45.02 19.74 -21.27
N ARG C 85 45.64 20.91 -21.14
CA ARG C 85 46.97 20.99 -20.56
CA ARG C 85 46.97 20.89 -20.58
C ARG C 85 46.94 20.62 -19.08
N GLN C 86 45.91 21.08 -18.37
CA GLN C 86 45.81 20.77 -16.96
C GLN C 86 45.64 19.28 -16.73
N LEU C 87 45.00 18.60 -17.69
CA LEU C 87 44.77 17.16 -17.63
C LEU C 87 46.04 16.37 -17.35
N ASP C 88 47.15 16.78 -17.98
CA ASP C 88 48.42 16.05 -17.88
C ASP C 88 48.88 15.88 -16.44
N HIS C 89 48.41 16.73 -15.53
CA HIS C 89 48.88 16.65 -14.15
C HIS C 89 48.03 15.76 -13.27
N GLY C 90 46.91 15.26 -13.78
CA GLY C 90 46.00 14.40 -13.05
C GLY C 90 44.66 15.07 -12.77
N LEU C 91 43.63 14.23 -12.60
CA LEU C 91 42.29 14.76 -12.34
C LEU C 91 42.15 15.30 -10.93
N SER C 92 42.97 14.81 -9.99
CA SER C 92 42.97 15.30 -8.63
C SER C 92 44.29 14.95 -7.98
N TYR C 93 45.32 15.75 -8.28
CA TYR C 93 46.67 15.52 -7.78
C TYR C 93 46.84 16.05 -6.37
N GLY C 94 45.75 16.06 -5.60
CA GLY C 94 45.82 16.44 -4.20
C GLY C 94 45.42 17.89 -4.00
N ALA C 95 45.49 18.30 -2.73
CA ALA C 95 45.09 19.63 -2.34
C ALA C 95 45.87 20.01 -1.09
N PRO C 96 46.05 21.32 -0.83
CA PRO C 96 45.69 22.48 -1.66
C PRO C 96 46.56 22.65 -2.90
N THR C 97 46.15 23.55 -3.81
CA THR C 97 46.87 23.78 -5.05
C THR C 97 47.04 25.26 -5.29
N ALA C 98 48.06 25.59 -6.09
CA ALA C 98 48.28 26.97 -6.49
C ALA C 98 47.10 27.53 -7.28
N LEU C 99 46.45 26.68 -8.10
CA LEU C 99 45.32 27.15 -8.89
C LEU C 99 44.22 27.69 -8.01
N GLU C 100 43.98 27.03 -6.87
CA GLU C 100 42.94 27.51 -5.96
C GLU C 100 43.25 28.91 -5.42
N VAL C 101 44.53 29.17 -5.15
CA VAL C 101 44.90 30.51 -4.69
C VAL C 101 44.70 31.52 -5.81
N GLU C 102 45.06 31.15 -7.03
CA GLU C 102 44.87 32.03 -8.17
C GLU C 102 43.40 32.35 -8.37
N MET C 103 42.54 31.32 -8.25
CA MET C 103 41.11 31.54 -8.44
C MET C 103 40.54 32.44 -7.33
N ALA C 104 40.90 32.16 -6.08
CA ALA C 104 40.34 32.96 -5.00
C ALA C 104 40.77 34.41 -5.13
N ASP C 105 42.03 34.65 -5.48
CA ASP C 105 42.48 36.03 -5.67
C ASP C 105 41.73 36.69 -6.83
N LEU C 106 41.51 35.95 -7.91
CA LEU C 106 40.87 36.56 -9.07
C LEU C 106 39.42 36.92 -8.78
N VAL C 107 38.67 35.99 -8.17
CA VAL C 107 37.27 36.26 -7.85
C VAL C 107 37.15 37.46 -6.93
N CYS C 108 37.97 37.49 -5.88
CA CYS C 108 37.88 38.60 -4.94
C CYS C 108 38.30 39.92 -5.58
N SER C 109 39.20 39.88 -6.58
CA SER C 109 39.53 41.12 -7.27
CA SER C 109 39.54 41.11 -7.28
C SER C 109 38.40 41.57 -8.18
N MET C 110 37.62 40.64 -8.73
CA MET C 110 36.54 40.98 -9.65
C MET C 110 35.25 41.36 -8.94
N VAL C 111 35.03 40.84 -7.73
CA VAL C 111 33.81 41.10 -6.97
C VAL C 111 34.22 41.64 -5.60
N PRO C 112 34.28 42.97 -5.45
CA PRO C 112 34.88 43.53 -4.24
C PRO C 112 34.17 43.20 -2.96
N SER C 113 32.87 42.88 -3.00
CA SER C 113 32.19 42.43 -1.79
C SER C 113 32.79 41.15 -1.23
N MET C 114 33.53 40.40 -2.05
CA MET C 114 34.12 39.13 -1.65
C MET C 114 35.49 39.42 -1.08
N GLU C 115 35.57 39.50 0.24
CA GLU C 115 36.85 39.69 0.89
C GLU C 115 37.52 38.36 1.18
N MET C 116 36.73 37.30 1.37
CA MET C 116 37.22 35.94 1.39
C MET C 116 36.22 35.10 0.62
N VAL C 117 36.68 33.97 0.08
CA VAL C 117 35.81 33.10 -0.70
C VAL C 117 36.22 31.65 -0.47
N ARG C 118 35.24 30.76 -0.52
CA ARG C 118 35.42 29.32 -0.48
C ARG C 118 34.81 28.66 -1.70
N MET C 119 35.53 27.69 -2.27
CA MET C 119 35.04 26.89 -3.37
C MET C 119 34.44 25.60 -2.83
N VAL C 120 33.28 25.20 -3.36
CA VAL C 120 32.59 23.98 -2.96
C VAL C 120 32.10 23.28 -4.22
N SER C 121 31.38 22.17 -4.06
CA SER C 121 31.03 21.36 -5.22
CA SER C 121 31.03 21.36 -5.22
C SER C 121 29.80 21.86 -5.97
N SER C 122 28.97 22.70 -5.35
CA SER C 122 27.71 23.05 -6.00
C SER C 122 27.13 24.33 -5.39
N GLY C 123 26.22 24.94 -6.14
CA GLY C 123 25.47 26.07 -5.61
C GLY C 123 24.65 25.68 -4.40
N THR C 124 24.09 24.47 -4.40
CA THR C 124 23.29 24.03 -3.27
C THR C 124 24.13 24.03 -2.00
N GLU C 125 25.36 23.51 -2.08
CA GLU C 125 26.23 23.53 -0.92
C GLU C 125 26.72 24.94 -0.58
N ALA C 126 26.93 25.79 -1.59
CA ALA C 126 27.30 27.17 -1.28
C ALA C 126 26.21 27.88 -0.50
N THR C 127 24.94 27.67 -0.88
CA THR C 127 23.82 28.25 -0.13
C THR C 127 23.77 27.72 1.30
N MET C 128 23.89 26.40 1.48
CA MET C 128 23.85 25.83 2.82
C MET C 128 24.90 26.46 3.71
N SER C 129 26.11 26.64 3.17
CA SER C 129 27.20 27.22 3.95
C SER C 129 26.96 28.68 4.26
N ALA C 130 26.48 29.44 3.26
CA ALA C 130 26.27 30.87 3.47
C ALA C 130 25.18 31.12 4.52
N ILE C 131 24.07 30.39 4.44
CA ILE C 131 23.01 30.57 5.42
C ILE C 131 23.50 30.19 6.81
N ARG C 132 24.24 29.08 6.92
CA ARG C 132 24.77 28.67 8.22
C ARG C 132 25.70 29.73 8.81
N LEU C 133 26.57 30.32 7.99
CA LEU C 133 27.43 31.41 8.44
C LEU C 133 26.61 32.59 8.95
N ALA C 134 25.53 32.93 8.24
CA ALA C 134 24.69 34.03 8.67
C ALA C 134 24.03 33.73 10.00
N ARG C 135 23.53 32.50 10.17
CA ARG C 135 22.97 32.12 11.45
C ARG C 135 24.00 32.17 12.56
N GLY C 136 25.21 31.67 12.30
CA GLY C 136 26.26 31.71 13.31
C GLY C 136 26.69 33.13 13.64
N TYR C 137 26.75 34.00 12.64
CA TYR C 137 27.24 35.35 12.84
C TYR C 137 26.25 36.18 13.64
N THR C 138 24.95 35.97 13.42
CA THR C 138 23.91 36.76 14.08
C THR C 138 23.37 36.11 15.34
N GLY C 139 23.58 34.82 15.54
CA GLY C 139 22.89 34.08 16.58
C GLY C 139 21.40 33.94 16.41
N ARG C 140 20.90 34.14 15.19
CA ARG C 140 19.47 34.07 14.90
C ARG C 140 19.19 32.85 14.04
N ASP C 141 17.94 32.35 14.11
CA ASP C 141 17.60 31.09 13.43
C ASP C 141 16.88 31.26 12.11
N SER C 142 16.10 32.33 11.93
CA SER C 142 15.18 32.35 10.79
C SER C 142 15.80 33.04 9.57
N ILE C 143 15.25 32.71 8.40
CA ILE C 143 15.68 33.32 7.15
C ILE C 143 14.45 33.80 6.38
N ILE C 144 14.67 34.77 5.51
CA ILE C 144 13.66 35.23 4.56
C ILE C 144 14.14 34.86 3.16
N LYS C 145 13.30 34.16 2.41
CA LYS C 145 13.50 33.92 0.98
C LYS C 145 12.26 34.42 0.25
N PHE C 146 12.29 34.38 -1.07
CA PHE C 146 11.20 34.91 -1.87
C PHE C 146 10.56 33.82 -2.71
N GLU C 147 9.25 33.91 -2.86
CA GLU C 147 8.53 32.89 -3.62
C GLU C 147 8.95 32.94 -5.08
N GLY C 148 9.32 31.77 -5.62
CA GLY C 148 9.79 31.68 -6.99
C GLY C 148 11.29 31.64 -7.11
N CYS C 149 12.03 32.00 -6.05
CA CYS C 149 13.47 31.93 -6.07
C CYS C 149 13.91 30.52 -5.72
N TYR C 150 15.08 30.13 -6.21
CA TYR C 150 15.64 28.80 -6.00
C TYR C 150 17.10 28.95 -5.59
N HIS C 151 17.46 28.29 -4.50
CA HIS C 151 18.80 28.38 -3.94
C HIS C 151 19.36 26.99 -3.68
N GLY C 152 18.77 25.96 -4.26
CA GLY C 152 19.17 24.61 -3.96
C GLY C 152 18.11 23.89 -3.14
N HIS C 153 18.14 22.57 -3.21
CA HIS C 153 17.10 21.76 -2.57
C HIS C 153 17.58 21.20 -1.24
N SER C 154 18.00 22.09 -0.35
CA SER C 154 18.26 21.71 1.02
C SER C 154 16.96 21.83 1.80
N ASP C 155 16.84 21.04 2.87
CA ASP C 155 15.55 20.84 3.52
C ASP C 155 14.89 22.15 3.93
N SER C 156 15.65 23.06 4.51
CA SER C 156 15.04 24.26 5.05
C SER C 156 14.64 25.25 3.97
N LEU C 157 14.97 24.97 2.71
CA LEU C 157 14.50 25.77 1.59
C LEU C 157 13.34 25.11 0.83
N LEU C 158 13.04 23.84 1.12
CA LEU C 158 11.92 23.13 0.50
C LEU C 158 10.66 23.44 1.30
N VAL C 159 10.27 24.70 1.26
CA VAL C 159 9.25 25.20 2.16
CA VAL C 159 9.31 25.28 2.19
C VAL C 159 8.40 26.23 1.42
N LYS C 160 7.18 26.41 1.92
CA LYS C 160 6.35 27.52 1.45
C LYS C 160 5.86 28.28 2.69
N ALA C 161 5.21 29.43 2.46
CA ALA C 161 4.80 30.26 3.57
C ALA C 161 3.80 29.53 4.48
N GLY C 162 3.95 29.72 5.78
CA GLY C 162 2.94 29.25 6.70
C GLY C 162 1.70 30.11 6.63
N SER C 163 0.58 29.54 7.06
CA SER C 163 -0.68 30.28 7.10
C SER C 163 -1.01 30.70 8.53
N THR C 167 5.04 29.02 13.42
CA THR C 167 5.10 28.33 12.13
C THR C 167 5.26 29.30 10.96
N PHE C 168 6.49 29.83 10.82
CA PHE C 168 6.79 30.71 9.70
C PHE C 168 6.63 30.00 8.37
N GLY C 169 7.22 28.82 8.25
CA GLY C 169 7.12 28.06 7.02
C GLY C 169 6.63 26.64 7.27
N VAL C 170 6.19 26.00 6.20
CA VAL C 170 5.83 24.59 6.23
C VAL C 170 6.48 23.88 5.04
N PRO C 171 6.74 22.59 5.13
CA PRO C 171 7.37 21.89 4.01
C PRO C 171 6.52 21.95 2.76
N ASN C 172 7.19 22.03 1.60
CA ASN C 172 6.52 22.13 0.30
C ASN C 172 6.56 20.82 -0.47
N SER C 173 7.10 19.77 0.12
CA SER C 173 7.28 18.50 -0.56
C SER C 173 7.57 17.42 0.49
N PRO C 174 7.37 16.15 0.15
CA PRO C 174 7.50 15.09 1.15
C PRO C 174 8.95 14.87 1.58
N GLY C 175 9.08 14.30 2.77
CA GLY C 175 10.37 13.89 3.31
C GLY C 175 11.10 14.99 4.06
N VAL C 176 10.47 16.14 4.24
CA VAL C 176 11.04 17.29 4.95
C VAL C 176 10.25 17.44 6.24
N PRO C 177 10.84 17.19 7.42
CA PRO C 177 10.09 17.33 8.67
C PRO C 177 9.57 18.75 8.88
N ALA C 178 8.40 18.85 9.51
CA ALA C 178 7.80 20.17 9.78
C ALA C 178 8.78 21.09 10.51
N ALA C 179 9.54 20.54 11.46
CA ALA C 179 10.46 21.37 12.24
C ALA C 179 11.51 22.04 11.37
N PHE C 180 11.86 21.43 10.23
CA PHE C 180 12.91 22.01 9.38
C PHE C 180 12.40 23.20 8.59
N ALA C 181 11.09 23.39 8.53
CA ALA C 181 10.52 24.50 7.78
C ALA C 181 10.17 25.69 8.65
N LYS C 182 10.13 25.51 9.97
CA LYS C 182 9.55 26.53 10.84
C LYS C 182 10.33 27.84 10.82
N HIS C 183 11.62 27.82 10.47
CA HIS C 183 12.45 29.01 10.52
C HIS C 183 12.60 29.69 9.18
N THR C 184 11.85 29.29 8.16
CA THR C 184 12.01 29.87 6.83
C THR C 184 10.75 30.64 6.47
N LEU C 185 10.91 31.95 6.24
CA LEU C 185 9.83 32.83 5.83
C LEU C 185 9.90 33.03 4.32
N THR C 186 8.75 32.95 3.66
CA THR C 186 8.66 33.14 2.22
C THR C 186 7.81 34.37 1.94
N LEU C 187 8.41 35.35 1.27
CA LEU C 187 7.79 36.63 0.96
CA LEU C 187 7.79 36.63 0.96
C LEU C 187 7.70 36.81 -0.55
N PRO C 188 6.87 37.74 -1.04
CA PRO C 188 6.78 37.92 -2.49
C PRO C 188 8.00 38.66 -3.02
N PHE C 189 8.60 38.11 -4.08
CA PHE C 189 9.67 38.81 -4.79
C PHE C 189 9.19 40.19 -5.21
N ASN C 190 10.08 41.18 -5.09
CA ASN C 190 9.87 42.56 -5.50
C ASN C 190 8.86 43.31 -4.63
N ASP C 191 8.59 42.85 -3.42
CA ASP C 191 7.62 43.51 -2.53
C ASP C 191 8.38 43.99 -1.29
N ILE C 192 8.97 45.17 -1.38
CA ILE C 192 9.79 45.66 -0.26
C ILE C 192 8.93 45.94 0.96
N GLU C 193 7.68 46.38 0.77
CA GLU C 193 6.85 46.67 1.94
C GLU C 193 6.61 45.41 2.76
N ALA C 194 6.45 44.26 2.09
CA ALA C 194 6.30 43.00 2.82
C ALA C 194 7.54 42.70 3.64
N VAL C 195 8.72 42.97 3.09
CA VAL C 195 9.95 42.73 3.82
C VAL C 195 10.02 43.63 5.04
N ARG C 196 9.73 44.92 4.84
CA ARG C 196 9.79 45.87 5.96
CA ARG C 196 9.81 45.84 5.97
C ARG C 196 8.79 45.50 7.05
N LYS C 197 7.57 45.09 6.64
CA LYS C 197 6.56 44.71 7.62
C LYS C 197 6.98 43.48 8.39
N THR C 198 7.54 42.47 7.70
CA THR C 198 7.97 41.26 8.38
C THR C 198 9.13 41.54 9.33
N LEU C 199 10.10 42.35 8.91
CA LEU C 199 11.21 42.64 9.82
C LEU C 199 10.75 43.48 11.00
N GLY C 200 9.73 44.33 10.81
CA GLY C 200 9.19 45.07 11.93
C GLY C 200 8.59 44.17 12.99
N GLU C 201 8.08 43.00 12.58
CA GLU C 201 7.44 42.06 13.49
C GLU C 201 8.39 41.04 14.08
N VAL C 202 9.28 40.45 13.28
CA VAL C 202 10.12 39.34 13.76
C VAL C 202 11.60 39.53 13.39
N GLY C 203 12.01 40.78 13.12
CA GLY C 203 13.37 41.02 12.66
C GLY C 203 14.45 40.50 13.61
N LYS C 204 14.19 40.56 14.92
CA LYS C 204 15.16 40.04 15.89
C LYS C 204 15.43 38.56 15.70
N GLU C 205 14.57 37.84 14.96
CA GLU C 205 14.72 36.41 14.73
C GLU C 205 15.36 36.07 13.39
N VAL C 206 15.59 37.07 12.53
CA VAL C 206 15.96 36.81 11.14
C VAL C 206 17.46 36.95 10.97
N ALA C 207 18.13 35.85 10.62
CA ALA C 207 19.57 35.87 10.40
C ALA C 207 19.95 36.45 9.05
N CYS C 208 19.15 36.17 8.01
CA CYS C 208 19.55 36.57 6.67
C CYS C 208 18.33 36.71 5.79
N ILE C 209 18.46 37.54 4.77
CA ILE C 209 17.60 37.54 3.59
C ILE C 209 18.45 37.00 2.45
N ILE C 210 17.94 35.98 1.75
CA ILE C 210 18.64 35.45 0.59
C ILE C 210 17.76 35.74 -0.63
N VAL C 211 18.39 36.19 -1.70
CA VAL C 211 17.62 36.59 -2.88
C VAL C 211 18.46 36.39 -4.12
N GLU C 212 17.83 35.92 -5.20
CA GLU C 212 18.41 36.06 -6.52
C GLU C 212 18.20 37.50 -6.97
N PRO C 213 19.27 38.29 -7.16
CA PRO C 213 19.08 39.72 -7.47
C PRO C 213 18.28 39.92 -8.73
N VAL C 214 18.49 39.07 -9.73
CA VAL C 214 17.56 38.86 -10.85
C VAL C 214 17.08 37.44 -10.73
N ALA C 215 15.77 37.25 -10.61
CA ALA C 215 15.25 35.89 -10.53
C ALA C 215 15.46 35.19 -11.86
N GLY C 216 15.90 33.93 -11.83
CA GLY C 216 16.04 33.16 -13.06
C GLY C 216 15.35 31.80 -13.04
N ASN C 217 14.75 31.43 -11.92
CA ASN C 217 14.10 30.14 -11.75
C ASN C 217 12.59 30.25 -11.66
N MET C 218 12.05 31.40 -12.05
CA MET C 218 10.64 31.59 -12.34
C MET C 218 10.54 32.37 -13.64
N ASN C 219 11.29 31.88 -14.63
CA ASN C 219 11.71 32.68 -15.77
C ASN C 219 12.57 33.83 -15.25
N CYS C 220 12.87 34.80 -16.10
CA CYS C 220 13.74 35.92 -15.72
C CYS C 220 12.90 37.09 -15.21
N VAL C 221 13.05 37.44 -13.94
CA VAL C 221 12.33 38.55 -13.34
C VAL C 221 13.33 39.51 -12.73
N PRO C 222 13.63 40.62 -13.41
CA PRO C 222 14.56 41.61 -12.86
C PRO C 222 13.98 42.30 -11.65
N PRO C 223 14.83 42.88 -10.79
CA PRO C 223 14.33 43.55 -9.60
C PRO C 223 13.61 44.84 -9.94
N ALA C 224 12.55 45.13 -9.19
CA ALA C 224 11.83 46.38 -9.38
C ALA C 224 12.65 47.54 -8.83
N PRO C 225 12.42 48.76 -9.32
CA PRO C 225 13.17 49.91 -8.79
C PRO C 225 13.02 50.01 -7.28
N GLY C 226 14.15 50.17 -6.60
CA GLY C 226 14.19 50.29 -5.16
C GLY C 226 14.18 48.99 -4.37
N PHE C 227 13.94 47.85 -5.02
CA PHE C 227 13.78 46.61 -4.26
C PHE C 227 15.07 46.18 -3.60
N LEU C 228 16.17 46.08 -4.38
CA LEU C 228 17.44 45.63 -3.80
C LEU C 228 18.02 46.68 -2.87
N GLU C 229 17.91 47.97 -3.22
CA GLU C 229 18.32 49.00 -2.29
C GLU C 229 17.53 48.90 -1.00
N GLY C 230 16.23 48.63 -1.11
CA GLY C 230 15.41 48.44 0.06
C GLY C 230 15.87 47.28 0.93
N LEU C 231 16.24 46.17 0.30
CA LEU C 231 16.73 45.03 1.08
C LEU C 231 17.99 45.40 1.85
N ARG C 232 18.90 46.12 1.19
CA ARG C 232 20.14 46.54 1.85
C ARG C 232 19.85 47.44 3.05
N GLU C 233 18.95 48.40 2.87
CA GLU C 233 18.62 49.33 3.95
C GLU C 233 17.91 48.60 5.09
N ALA C 234 16.94 47.75 4.77
CA ALA C 234 16.23 47.01 5.80
C ALA C 234 17.16 46.06 6.56
N CYS C 235 18.06 45.39 5.83
CA CYS C 235 19.02 44.54 6.51
C CYS C 235 19.93 45.33 7.44
N ASP C 236 20.40 46.51 7.00
CA ASP C 236 21.21 47.35 7.87
C ASP C 236 20.44 47.73 9.13
N GLU C 237 19.18 48.11 8.95
CA GLU C 237 18.39 48.57 10.08
C GLU C 237 18.22 47.47 11.12
N HIS C 238 18.04 46.23 10.68
CA HIS C 238 17.65 45.13 11.55
C HIS C 238 18.80 44.19 11.90
N GLY C 239 20.01 44.46 11.42
CA GLY C 239 21.13 43.60 11.75
C GLY C 239 21.08 42.26 11.04
N VAL C 240 20.46 42.21 9.88
CA VAL C 240 20.27 41.00 9.09
C VAL C 240 21.37 40.91 8.03
N VAL C 241 21.85 39.69 7.78
CA VAL C 241 22.85 39.45 6.74
C VAL C 241 22.15 39.37 5.39
N LEU C 242 22.60 40.17 4.42
CA LEU C 242 22.03 40.15 3.07
C LEU C 242 22.85 39.20 2.20
N ILE C 243 22.20 38.17 1.65
CA ILE C 243 22.86 37.16 0.83
C ILE C 243 22.32 37.27 -0.59
N PHE C 244 23.21 37.52 -1.56
CA PHE C 244 22.85 37.49 -2.97
C PHE C 244 23.21 36.13 -3.57
N ASP C 245 22.22 35.44 -4.13
CA ASP C 245 22.45 34.20 -4.88
C ASP C 245 22.77 34.62 -6.31
N GLU C 246 24.06 34.61 -6.66
CA GLU C 246 24.52 35.02 -7.98
C GLU C 246 25.01 33.83 -8.79
N VAL C 247 24.48 32.64 -8.49
CA VAL C 247 24.88 31.45 -9.25
C VAL C 247 24.59 31.66 -10.75
N MET C 248 23.46 32.27 -11.07
CA MET C 248 23.09 32.56 -12.45
CA MET C 248 23.07 32.56 -12.44
C MET C 248 23.45 33.96 -12.90
N THR C 249 23.24 34.97 -12.06
CA THR C 249 23.53 36.34 -12.45
C THR C 249 25.02 36.63 -12.47
N GLY C 250 25.79 35.92 -11.65
CA GLY C 250 27.20 36.23 -11.48
C GLY C 250 27.96 36.16 -12.80
N PHE C 251 28.74 37.20 -13.07
CA PHE C 251 29.56 37.30 -14.28
C PHE C 251 28.74 37.31 -15.57
N ARG C 252 27.42 37.47 -15.47
CA ARG C 252 26.55 37.41 -16.63
C ARG C 252 25.69 38.66 -16.77
N VAL C 253 25.07 39.11 -15.69
CA VAL C 253 24.34 40.37 -15.77
C VAL C 253 25.32 41.50 -16.04
N ALA C 254 26.52 41.39 -15.49
CA ALA C 254 27.64 42.30 -15.69
C ALA C 254 28.88 41.56 -15.22
N LEU C 255 30.07 42.11 -15.55
CA LEU C 255 31.30 41.45 -15.13
C LEU C 255 31.33 41.24 -13.62
N GLY C 256 30.95 42.26 -12.85
CA GLY C 256 30.91 42.15 -11.39
C GLY C 256 29.57 41.67 -10.86
N GLY C 257 28.76 41.07 -11.73
CA GLY C 257 27.51 40.47 -11.30
C GLY C 257 26.39 41.47 -11.18
N ALA C 258 25.23 40.96 -10.78
CA ALA C 258 24.09 41.83 -10.53
C ALA C 258 24.40 42.86 -9.44
N GLN C 259 25.19 42.50 -8.43
CA GLN C 259 25.51 43.49 -7.41
C GLN C 259 26.24 44.69 -8.00
N ALA C 260 27.12 44.46 -8.98
CA ALA C 260 27.77 45.57 -9.65
C ALA C 260 26.79 46.32 -10.54
N TYR C 261 25.96 45.58 -11.27
CA TYR C 261 25.04 46.18 -12.22
C TYR C 261 24.05 47.10 -11.52
N TYR C 262 23.47 46.65 -10.40
CA TYR C 262 22.49 47.46 -9.68
C TYR C 262 23.11 48.31 -8.59
N GLY C 263 24.39 48.13 -8.30
CA GLY C 263 25.09 48.97 -7.33
C GLY C 263 24.68 48.76 -5.89
N VAL C 264 24.44 47.50 -5.50
CA VAL C 264 23.99 47.16 -4.16
C VAL C 264 24.94 46.08 -3.64
N THR C 265 25.47 46.28 -2.43
CA THR C 265 26.52 45.39 -1.93
C THR C 265 25.95 44.41 -0.92
N PRO C 266 25.99 43.11 -1.20
CA PRO C 266 25.53 42.12 -0.20
C PRO C 266 26.63 41.82 0.80
N ASP C 267 26.22 41.17 1.89
CA ASP C 267 27.18 40.73 2.90
C ASP C 267 27.81 39.39 2.53
N LEU C 268 27.05 38.52 1.88
CA LEU C 268 27.55 37.27 1.34
C LEU C 268 26.97 37.11 -0.04
N SER C 269 27.68 36.39 -0.89
CA SER C 269 27.23 36.03 -2.23
C SER C 269 27.52 34.57 -2.47
N THR C 270 26.68 33.92 -3.27
CA THR C 270 27.01 32.62 -3.82
C THR C 270 27.22 32.75 -5.30
N PHE C 271 28.15 31.94 -5.81
CA PHE C 271 28.53 31.95 -7.21
C PHE C 271 28.62 30.54 -7.72
N GLY C 272 28.57 30.40 -9.03
CA GLY C 272 28.65 29.09 -9.63
C GLY C 272 28.80 29.23 -11.11
N LYS C 273 28.42 28.16 -11.82
CA LYS C 273 28.29 28.17 -13.27
C LYS C 273 29.51 28.80 -13.94
N ILE C 274 29.45 30.09 -14.32
CA ILE C 274 30.52 30.67 -15.11
C ILE C 274 31.88 30.51 -14.43
N ILE C 275 31.94 30.49 -13.10
CA ILE C 275 33.25 30.43 -12.44
C ILE C 275 33.96 29.10 -12.59
N GLY C 276 33.27 28.06 -13.06
CA GLY C 276 33.93 26.82 -13.41
C GLY C 276 34.12 26.64 -14.90
N GLY C 277 33.76 27.65 -15.69
CA GLY C 277 33.94 27.59 -17.13
C GLY C 277 33.11 26.52 -17.79
N GLY C 278 32.20 25.90 -17.05
CA GLY C 278 31.42 24.78 -17.54
C GLY C 278 31.49 23.56 -16.68
N MET C 279 32.46 23.49 -15.86
CA MET C 279 32.65 22.37 -14.95
C MET C 279 31.90 22.63 -13.65
N PRO C 280 31.43 21.56 -13.02
CA PRO C 280 30.68 21.71 -11.75
C PRO C 280 31.54 22.37 -10.69
N VAL C 281 30.97 23.36 -10.04
CA VAL C 281 31.65 24.05 -8.94
C VAL C 281 30.64 25.02 -8.34
N GLY C 282 30.86 25.40 -7.09
CA GLY C 282 30.14 26.50 -6.49
C GLY C 282 31.09 27.27 -5.60
N ALA C 283 30.61 28.41 -5.12
CA ALA C 283 31.43 29.26 -4.26
C ALA C 283 30.54 30.11 -3.37
N PHE C 284 31.04 30.41 -2.17
CA PHE C 284 30.41 31.43 -1.33
C PHE C 284 31.49 32.32 -0.76
N GLY C 285 31.17 33.60 -0.61
CA GLY C 285 32.15 34.55 -0.13
C GLY C 285 31.50 35.84 0.29
N GLY C 286 32.30 36.71 0.90
CA GLY C 286 31.73 37.99 1.33
C GLY C 286 32.59 38.63 2.41
N LYS C 287 31.91 39.35 3.31
CA LYS C 287 32.59 40.10 4.35
C LYS C 287 33.53 39.22 5.17
N ARG C 288 34.75 39.72 5.37
CA ARG C 288 35.76 38.96 6.10
CA ARG C 288 35.77 38.99 6.10
C ARG C 288 35.26 38.54 7.47
N GLU C 289 34.58 39.44 8.20
CA GLU C 289 34.13 39.15 9.56
C GLU C 289 33.14 37.99 9.60
N ILE C 290 32.34 37.82 8.56
CA ILE C 290 31.42 36.70 8.50
C ILE C 290 32.14 35.44 8.06
N MET C 291 32.97 35.56 7.01
CA MET C 291 33.62 34.38 6.44
C MET C 291 34.63 33.76 7.39
N GLN C 292 35.19 34.56 8.31
N GLN C 292 35.21 34.55 8.28
CA GLN C 292 36.21 34.08 9.23
CA GLN C 292 36.23 33.99 9.15
C GLN C 292 35.65 33.16 10.29
C GLN C 292 35.68 32.99 10.14
N GLN C 293 34.36 32.90 10.29
CA GLN C 293 33.78 31.91 11.19
C GLN C 293 33.89 30.50 10.66
N ILE C 294 34.20 30.33 9.38
CA ILE C 294 34.12 29.01 8.76
C ILE C 294 35.33 28.19 9.19
N SER C 295 35.13 26.89 9.33
CA SER C 295 36.23 25.99 9.66
C SER C 295 37.33 26.13 8.59
N PRO C 296 38.61 26.02 8.96
CA PRO C 296 39.15 25.65 10.28
C PRO C 296 39.52 26.82 11.20
N LEU C 297 39.41 28.07 10.75
CA LEU C 297 39.73 29.17 11.65
CA LEU C 297 39.73 29.17 11.65
C LEU C 297 38.55 29.55 12.54
N GLY C 298 37.35 29.12 12.20
CA GLY C 298 36.20 29.36 13.04
C GLY C 298 35.41 28.09 13.30
N PRO C 299 34.35 28.21 14.09
CA PRO C 299 33.60 27.02 14.53
C PRO C 299 32.50 26.53 13.60
N VAL C 300 32.18 27.25 12.53
CA VAL C 300 31.07 26.89 11.65
C VAL C 300 31.52 25.88 10.61
N TYR C 301 30.81 24.76 10.52
CA TYR C 301 31.12 23.70 9.56
C TYR C 301 30.69 24.10 8.15
N GLN C 302 31.50 23.72 7.17
CA GLN C 302 31.22 24.02 5.77
C GLN C 302 30.52 22.85 5.09
N ALA C 303 29.50 23.16 4.29
CA ALA C 303 28.85 22.14 3.46
C ALA C 303 29.58 22.07 2.12
N GLY C 304 29.92 20.86 1.70
CA GLY C 304 30.38 20.68 0.35
C GLY C 304 31.87 20.79 0.13
N THR C 305 32.66 20.38 1.10
CA THR C 305 34.11 20.40 1.01
C THR C 305 34.61 19.64 -0.23
N LEU C 306 35.29 20.36 -1.11
CA LEU C 306 35.83 19.79 -2.35
C LEU C 306 37.36 19.87 -2.40
N ASN C 309 38.96 21.59 -7.46
CA ASN C 309 39.27 20.57 -8.46
C ASN C 309 39.88 21.21 -9.69
N PRO C 310 40.98 20.61 -10.19
CA PRO C 310 41.88 21.37 -11.07
C PRO C 310 41.31 21.68 -12.43
N LEU C 311 40.49 20.81 -13.02
CA LEU C 311 39.95 21.12 -14.34
CA LEU C 311 39.95 21.12 -14.34
C LEU C 311 38.96 22.29 -14.25
N ALA C 312 38.17 22.35 -13.18
CA ALA C 312 37.25 23.47 -13.01
C ALA C 312 38.02 24.77 -12.76
N MET C 313 39.08 24.70 -11.96
CA MET C 313 39.90 25.89 -11.73
C MET C 313 40.54 26.38 -13.03
N ALA C 314 41.08 25.47 -13.84
CA ALA C 314 41.69 25.87 -15.10
C ALA C 314 40.65 26.46 -16.05
N ALA C 315 39.51 25.80 -16.19
CA ALA C 315 38.48 26.29 -17.10
C ALA C 315 37.93 27.61 -16.61
N GLY C 316 37.73 27.74 -15.29
CA GLY C 316 37.15 28.96 -14.75
C GLY C 316 38.09 30.15 -14.83
N LEU C 317 39.36 29.95 -14.46
CA LEU C 317 40.34 31.02 -14.60
C LEU C 317 40.39 31.53 -16.03
N THR C 318 40.45 30.61 -17.00
CA THR C 318 40.51 31.02 -18.40
C THR C 318 39.25 31.77 -18.79
N THR C 319 38.09 31.28 -18.34
CA THR C 319 36.82 31.93 -18.66
C THR C 319 36.75 33.33 -18.05
N LEU C 320 37.10 33.45 -16.77
CA LEU C 320 36.99 34.75 -16.12
C LEU C 320 37.91 35.78 -16.77
N ARG C 321 39.08 35.36 -17.26
CA ARG C 321 39.97 36.31 -17.91
CA ARG C 321 39.96 36.31 -17.91
C ARG C 321 39.42 36.73 -19.27
N LEU C 322 38.86 35.78 -20.03
CA LEU C 322 38.33 36.11 -21.36
C LEU C 322 37.15 37.06 -21.26
N ILE C 323 36.29 36.89 -20.25
CA ILE C 323 35.13 37.76 -20.16
C ILE C 323 35.46 39.13 -19.58
N SER C 324 36.70 39.32 -19.12
CA SER C 324 37.17 40.61 -18.61
C SER C 324 37.59 41.57 -19.72
N ARG C 325 37.51 41.15 -20.98
CA ARG C 325 37.82 42.02 -22.11
C ARG C 325 36.88 43.23 -22.11
N PRO C 326 37.39 44.43 -22.35
CA PRO C 326 36.52 45.61 -22.31
C PRO C 326 35.38 45.48 -23.31
N GLY C 327 34.17 45.81 -22.85
CA GLY C 327 33.01 45.79 -23.70
C GLY C 327 32.29 44.46 -23.82
N PHE C 328 32.80 43.40 -23.19
CA PHE C 328 32.21 42.07 -23.34
C PHE C 328 30.71 42.07 -23.03
N HIS C 329 30.36 42.52 -21.82
CA HIS C 329 28.95 42.44 -21.44
C HIS C 329 28.10 43.47 -22.16
N ASP C 330 28.68 44.59 -22.57
CA ASP C 330 27.93 45.53 -23.39
C ASP C 330 27.55 44.91 -24.72
N GLU C 331 28.49 44.19 -25.34
CA GLU C 331 28.21 43.46 -26.58
C GLU C 331 27.14 42.40 -26.36
N LEU C 332 27.27 41.63 -25.28
CA LEU C 332 26.31 40.58 -25.01
C LEU C 332 24.92 41.16 -24.77
N THR C 333 24.84 42.25 -24.03
CA THR C 333 23.57 42.91 -23.79
C THR C 333 22.94 43.41 -25.08
N ALA C 334 23.77 43.96 -25.98
CA ALA C 334 23.22 44.54 -27.21
C ALA C 334 22.66 43.46 -28.14
N TYR C 335 23.34 42.31 -28.24
CA TYR C 335 22.76 41.20 -29.00
C TYR C 335 21.42 40.80 -28.41
N THR C 336 21.40 40.64 -27.08
CA THR C 336 20.18 40.18 -26.42
C THR C 336 19.03 41.14 -26.66
N THR C 337 19.29 42.44 -26.56
CA THR C 337 18.24 43.42 -26.85
C THR C 337 17.77 43.34 -28.30
N ARG C 338 18.70 43.21 -29.27
CA ARG C 338 18.27 43.07 -30.66
C ARG C 338 17.39 41.84 -30.84
N MET C 339 17.70 40.76 -30.15
CA MET C 339 16.88 39.56 -30.25
C MET C 339 15.50 39.80 -29.65
N LEU C 340 15.45 40.35 -28.43
CA LEU C 340 14.16 40.54 -27.78
C LEU C 340 13.31 41.55 -28.54
N ASP C 341 13.95 42.61 -29.07
CA ASP C 341 13.24 43.57 -29.90
C ASP C 341 12.62 42.87 -31.11
N GLY C 342 13.40 42.01 -31.78
CA GLY C 342 12.89 41.33 -32.96
C GLY C 342 11.77 40.37 -32.63
N LEU C 343 11.86 39.69 -31.49
CA LEU C 343 10.81 38.76 -31.10
C LEU C 343 9.52 39.53 -30.81
N GLN C 344 9.64 40.63 -30.06
CA GLN C 344 8.47 41.44 -29.74
C GLN C 344 7.81 41.96 -31.00
N GLN C 345 8.63 42.43 -31.94
CA GLN C 345 8.09 42.97 -33.19
C GLN C 345 7.26 41.92 -33.94
N ARG C 346 7.75 40.68 -33.98
CA ARG C 346 7.03 39.63 -34.69
C ARG C 346 5.80 39.16 -33.91
N ALA C 347 5.89 39.13 -32.59
CA ALA C 347 4.72 38.78 -31.80
C ALA C 347 3.60 39.81 -31.99
N ASP C 348 3.96 41.10 -31.94
CA ASP C 348 2.97 42.15 -32.17
C ASP C 348 2.34 42.03 -33.54
N ALA C 349 3.16 41.76 -34.56
CA ALA C 349 2.65 41.67 -35.93
C ALA C 349 1.68 40.51 -36.10
N ALA C 350 1.92 39.42 -35.37
CA ALA C 350 1.06 38.26 -35.38
C ALA C 350 -0.13 38.40 -34.43
N GLY C 351 -0.21 39.48 -33.66
CA GLY C 351 -1.29 39.63 -32.71
C GLY C 351 -1.20 38.68 -31.53
N ILE C 352 0.00 38.36 -31.08
CA ILE C 352 0.23 37.41 -29.98
CA ILE C 352 0.21 37.42 -29.98
C ILE C 352 0.64 38.21 -28.75
N PRO C 353 -0.12 38.16 -27.65
CA PRO C 353 0.32 38.83 -26.41
C PRO C 353 1.67 38.26 -25.98
N PHE C 354 2.62 39.17 -25.72
CA PHE C 354 4.01 38.78 -25.57
C PHE C 354 4.71 39.91 -24.86
N VAL C 355 5.59 39.55 -23.92
CA VAL C 355 6.41 40.56 -23.26
C VAL C 355 7.71 39.88 -22.85
N THR C 356 8.78 40.67 -22.78
CA THR C 356 10.10 40.14 -22.46
C THR C 356 10.68 40.84 -21.25
N THR C 357 11.69 40.19 -20.66
CA THR C 357 12.52 40.79 -19.63
C THR C 357 13.98 40.59 -20.02
N GLN C 358 14.85 41.43 -19.47
CA GLN C 358 16.27 41.31 -19.76
C GLN C 358 17.11 41.81 -18.59
N ALA C 359 18.23 41.15 -18.35
CA ALA C 359 19.26 41.67 -17.44
C ALA C 359 20.61 41.21 -18.01
N GLY C 360 21.26 42.08 -18.77
CA GLY C 360 22.52 41.69 -19.38
C GLY C 360 22.34 40.51 -20.30
N GLY C 361 23.05 39.42 -20.03
CA GLY C 361 22.94 38.21 -20.82
C GLY C 361 21.90 37.20 -20.38
N MET C 362 20.98 37.59 -19.50
CA MET C 362 19.81 36.79 -19.13
C MET C 362 18.56 37.40 -19.75
N PHE C 363 17.60 36.56 -20.12
CA PHE C 363 16.37 37.10 -20.67
C PHE C 363 15.20 36.18 -20.34
N GLY C 364 14.01 36.74 -20.46
CA GLY C 364 12.79 35.96 -20.31
C GLY C 364 11.80 36.26 -21.42
N LEU C 365 11.13 35.20 -21.89
CA LEU C 365 10.04 35.33 -22.85
C LEU C 365 8.73 34.91 -22.18
N TYR C 366 7.68 35.71 -22.38
CA TYR C 366 6.40 35.48 -21.72
C TYR C 366 5.25 35.67 -22.70
N PHE C 367 4.33 34.72 -22.70
CA PHE C 367 3.09 34.89 -23.43
C PHE C 367 2.08 35.50 -22.46
N SER C 368 2.13 36.82 -22.36
CA SER C 368 1.34 37.55 -21.37
C SER C 368 0.93 38.90 -21.95
N GLY C 369 -0.28 39.33 -21.60
CA GLY C 369 -0.75 40.68 -21.83
C GLY C 369 -0.29 41.71 -20.83
N ALA C 370 0.40 41.30 -19.77
CA ALA C 370 0.86 42.26 -18.76
C ALA C 370 1.84 43.26 -19.37
N ASP C 371 1.80 44.50 -18.87
CA ASP C 371 2.75 45.48 -19.36
C ASP C 371 4.17 45.19 -18.90
N ALA C 372 4.32 44.49 -17.79
CA ALA C 372 5.63 44.14 -17.28
C ALA C 372 5.48 42.91 -16.38
N ILE C 373 6.54 42.11 -16.32
CA ILE C 373 6.59 40.97 -15.41
C ILE C 373 7.38 41.39 -14.19
N VAL C 374 6.71 41.52 -13.06
CA VAL C 374 7.30 42.07 -11.84
C VAL C 374 7.24 41.07 -10.70
N THR C 375 6.17 40.29 -10.64
CA THR C 375 5.91 39.41 -9.52
C THR C 375 5.78 37.96 -9.99
N PHE C 376 5.97 37.08 -9.03
CA PHE C 376 5.70 35.65 -9.23
C PHE C 376 4.30 35.42 -9.74
N GLU C 377 3.34 36.23 -9.26
CA GLU C 377 1.97 36.15 -9.73
C GLU C 377 1.89 36.42 -11.23
N ASP C 378 2.63 37.42 -11.70
CA ASP C 378 2.67 37.72 -13.13
C ASP C 378 3.15 36.51 -13.93
N VAL C 379 4.20 35.84 -13.45
CA VAL C 379 4.75 34.70 -14.16
C VAL C 379 3.72 33.57 -14.26
N MET C 380 3.06 33.26 -13.14
CA MET C 380 2.13 32.14 -13.11
C MET C 380 0.90 32.39 -13.96
N ALA C 381 0.50 33.66 -14.09
CA ALA C 381 -0.68 34.03 -14.84
C ALA C 381 -0.47 34.01 -16.35
N SER C 382 0.77 33.85 -16.81
CA SER C 382 1.02 33.89 -18.25
C SER C 382 0.49 32.63 -18.92
N ASP C 383 0.47 32.65 -20.26
CA ASP C 383 -0.11 31.60 -21.09
C ASP C 383 0.94 30.50 -21.25
N VAL C 384 1.02 29.64 -20.23
CA VAL C 384 2.09 28.63 -20.18
C VAL C 384 1.90 27.58 -21.27
N GLU C 385 0.65 27.20 -21.57
CA GLU C 385 0.46 26.23 -22.65
C GLU C 385 0.92 26.78 -23.99
N ARG C 386 0.73 28.08 -24.21
CA ARG C 386 1.23 28.67 -25.45
C ARG C 386 2.75 28.62 -25.48
N PHE C 387 3.40 28.84 -24.33
CA PHE C 387 4.84 28.70 -24.31
C PHE C 387 5.26 27.29 -24.72
N LYS C 388 4.59 26.26 -24.20
CA LYS C 388 4.95 24.91 -24.59
C LYS C 388 4.85 24.72 -26.09
N ARG C 389 3.74 25.16 -26.71
CA ARG C 389 3.64 25.08 -28.16
C ARG C 389 4.79 25.80 -28.84
N PHE C 390 5.05 27.04 -28.39
CA PHE C 390 6.12 27.85 -28.95
C PHE C 390 7.46 27.13 -28.86
N PHE C 391 7.75 26.54 -27.70
CA PHE C 391 9.00 25.82 -27.53
C PHE C 391 9.17 24.76 -28.62
N HIS C 392 8.12 23.97 -28.85
CA HIS C 392 8.26 22.89 -29.83
C HIS C 392 8.30 23.43 -31.25
N LEU C 393 7.55 24.48 -31.54
CA LEU C 393 7.66 25.10 -32.86
C LEU C 393 9.06 25.69 -33.08
N MET C 394 9.69 26.20 -32.02
CA MET C 394 11.02 26.74 -32.20
C MET C 394 12.05 25.64 -32.42
N LEU C 395 11.90 24.50 -31.75
CA LEU C 395 12.72 23.33 -32.06
C LEU C 395 12.62 22.96 -33.54
N ASP C 396 11.40 22.92 -34.07
CA ASP C 396 11.22 22.68 -35.50
C ASP C 396 12.07 23.63 -36.33
N GLY C 397 12.19 24.88 -35.89
CA GLY C 397 12.94 25.90 -36.59
C GLY C 397 14.41 25.94 -36.24
N GLY C 398 14.91 24.96 -35.48
CA GLY C 398 16.34 24.89 -35.20
C GLY C 398 16.80 25.77 -34.07
N VAL C 399 15.94 26.03 -33.08
CA VAL C 399 16.27 26.87 -31.94
C VAL C 399 15.89 26.11 -30.68
N TYR C 400 16.80 26.07 -29.72
CA TYR C 400 16.60 25.35 -28.46
C TYR C 400 16.47 26.38 -27.33
N LEU C 401 15.22 26.65 -26.92
CA LEU C 401 14.97 27.52 -25.77
C LEU C 401 15.02 26.70 -24.49
N ALA C 402 14.90 27.38 -23.35
CA ALA C 402 14.79 26.64 -22.10
C ALA C 402 13.49 25.82 -22.10
N PRO C 403 13.56 24.52 -21.78
CA PRO C 403 12.37 23.65 -21.83
C PRO C 403 11.42 23.84 -20.65
N SER C 404 11.03 25.09 -20.40
CA SER C 404 10.13 25.42 -19.29
C SER C 404 9.76 26.88 -19.43
N ALA C 405 8.48 27.17 -19.18
CA ALA C 405 8.05 28.57 -19.10
C ALA C 405 8.59 29.23 -17.84
N PHE C 406 9.21 28.47 -16.94
CA PHE C 406 9.65 28.99 -15.65
C PHE C 406 11.17 28.96 -15.51
N GLU C 407 11.88 29.06 -16.63
CA GLU C 407 13.33 29.12 -16.64
C GLU C 407 13.80 30.28 -17.51
N ALA C 408 14.76 31.06 -17.02
CA ALA C 408 15.34 32.14 -17.83
C ALA C 408 16.16 31.56 -18.98
N GLY C 409 16.32 32.37 -20.04
CA GLY C 409 17.21 32.05 -21.14
C GLY C 409 18.53 32.80 -21.05
N PHE C 410 19.50 32.30 -21.80
CA PHE C 410 20.88 32.78 -21.73
C PHE C 410 21.42 32.98 -23.14
N THR C 411 22.11 34.10 -23.35
CA THR C 411 22.82 34.34 -24.59
C THR C 411 24.31 34.20 -24.36
N SER C 412 25.06 34.02 -25.46
CA SER C 412 26.51 33.86 -25.37
C SER C 412 27.20 34.86 -26.28
N ILE C 413 28.50 35.06 -26.05
CA ILE C 413 29.25 35.96 -26.93
C ILE C 413 29.41 35.37 -28.32
N ALA C 414 29.11 34.08 -28.50
CA ALA C 414 29.19 33.44 -29.82
C ALA C 414 27.94 33.66 -30.65
N HIS C 415 26.88 34.20 -30.07
CA HIS C 415 25.69 34.53 -30.84
C HIS C 415 25.93 35.79 -31.64
N GLY C 416 25.69 35.71 -32.96
CA GLY C 416 25.89 36.85 -33.84
C GLY C 416 24.78 36.99 -34.86
N ASP C 417 25.06 37.68 -35.97
CA ASP C 417 23.99 37.97 -36.94
C ASP C 417 23.35 36.69 -37.48
N LYS C 418 24.17 35.67 -37.78
CA LYS C 418 23.60 34.45 -38.36
C LYS C 418 22.65 33.78 -37.39
N GLU C 419 23.02 33.76 -36.11
CA GLU C 419 22.17 33.15 -35.09
C GLU C 419 20.92 33.98 -34.85
N LEU C 420 21.07 35.30 -34.87
CA LEU C 420 19.90 36.17 -34.72
C LEU C 420 18.90 35.94 -35.83
N GLU C 421 19.37 35.84 -37.07
CA GLU C 421 18.45 35.66 -38.19
C GLU C 421 17.73 34.32 -38.10
N ILE C 422 18.46 33.25 -37.77
CA ILE C 422 17.82 31.95 -37.58
C ILE C 422 16.76 32.04 -36.50
N THR C 423 17.09 32.72 -35.39
CA THR C 423 16.18 32.77 -34.25
C THR C 423 14.92 33.55 -34.61
N LEU C 424 15.09 34.71 -35.24
CA LEU C 424 13.94 35.54 -35.56
C LEU C 424 13.07 34.90 -36.63
N ASN C 425 13.69 34.25 -37.62
CA ASN C 425 12.91 33.56 -38.65
C ASN C 425 12.13 32.39 -38.07
N ALA C 426 12.75 31.63 -37.15
CA ALA C 426 12.03 30.54 -36.52
C ALA C 426 10.86 31.06 -35.70
N ALA C 427 11.06 32.20 -35.04
CA ALA C 427 9.98 32.79 -34.23
C ALA C 427 8.87 33.30 -35.11
N GLU C 428 9.20 33.91 -36.26
CA GLU C 428 8.16 34.40 -37.15
C GLU C 428 7.25 33.27 -37.60
N LYS C 429 7.84 32.13 -37.96
CA LYS C 429 7.04 30.96 -38.34
C LYS C 429 6.24 30.42 -37.16
N ALA C 430 6.85 30.42 -35.97
CA ALA C 430 6.19 29.87 -34.79
C ALA C 430 4.99 30.72 -34.40
N PHE C 431 5.15 32.05 -34.41
CA PHE C 431 4.03 32.94 -34.11
C PHE C 431 2.91 32.77 -35.12
N ALA C 432 3.28 32.60 -36.40
CA ALA C 432 2.26 32.39 -37.43
C ALA C 432 1.43 31.16 -37.15
N ALA C 433 2.04 30.14 -36.54
CA ALA C 433 1.36 28.89 -36.26
C ALA C 433 0.52 28.94 -34.99
N LEU C 434 0.69 29.95 -34.14
CA LEU C 434 -0.06 30.00 -32.89
C LEU C 434 -1.41 30.71 -33.06
N MET D 9 61.62 30.45 3.02
CA MET D 9 60.33 29.78 2.94
C MET D 9 60.20 28.92 1.68
N SER D 10 59.77 27.68 1.84
CA SER D 10 59.56 26.79 0.71
C SER D 10 58.44 27.34 -0.17
N ARG D 11 58.27 26.72 -1.34
CA ARG D 11 57.20 27.17 -2.22
C ARG D 11 55.85 26.91 -1.59
N SER D 12 55.71 25.80 -0.86
CA SER D 12 54.43 25.49 -0.23
C SER D 12 54.14 26.46 0.91
N GLU D 13 55.16 26.77 1.72
CA GLU D 13 54.99 27.77 2.77
C GLU D 13 54.57 29.11 2.18
N THR D 14 55.18 29.49 1.05
CA THR D 14 54.82 30.75 0.41
C THR D 14 53.38 30.73 -0.07
N LEU D 15 52.97 29.64 -0.73
CA LEU D 15 51.60 29.54 -1.21
C LEU D 15 50.61 29.57 -0.05
N PHE D 16 50.94 28.90 1.05
CA PHE D 16 50.03 28.88 2.19
C PHE D 16 49.88 30.27 2.79
N ASN D 17 50.96 31.04 2.83
CA ASN D 17 50.86 32.39 3.35
CA ASN D 17 50.90 32.41 3.34
C ASN D 17 50.04 33.28 2.43
N ASN D 18 50.24 33.16 1.12
CA ASN D 18 49.45 33.92 0.15
C ASN D 18 47.99 33.48 0.16
N ALA D 19 47.73 32.20 0.43
CA ALA D 19 46.36 31.70 0.40
C ALA D 19 45.52 32.26 1.53
N GLN D 20 46.15 32.65 2.64
CA GLN D 20 45.42 33.10 3.83
C GLN D 20 44.62 34.36 3.56
N LYS D 21 45.06 35.18 2.59
CA LYS D 21 44.45 36.48 2.38
C LYS D 21 42.99 36.35 1.98
N HIS D 22 42.70 35.50 1.00
CA HIS D 22 41.35 35.44 0.46
C HIS D 22 40.65 34.10 0.66
N ILE D 23 41.33 33.09 1.18
CA ILE D 23 40.72 31.80 1.50
C ILE D 23 40.79 31.61 3.01
N PRO D 24 39.66 31.44 3.68
CA PRO D 24 39.72 31.18 5.14
C PRO D 24 40.63 30.01 5.48
N GLY D 25 41.63 30.27 6.30
CA GLY D 25 42.59 29.25 6.66
C GLY D 25 43.53 28.86 5.55
N GLY D 26 43.48 29.53 4.40
CA GLY D 26 44.32 29.20 3.28
C GLY D 26 43.92 27.95 2.51
N VAL D 27 42.80 27.33 2.84
CA VAL D 27 42.39 26.06 2.22
C VAL D 27 40.91 26.07 1.93
N ASN D 28 40.54 25.40 0.84
CA ASN D 28 39.13 25.19 0.56
C ASN D 28 38.54 24.03 1.34
N SER D 29 39.38 23.11 1.80
CA SER D 29 38.92 21.92 2.51
C SER D 29 39.53 21.93 3.90
N PRO D 30 38.73 22.11 4.96
CA PRO D 30 39.31 22.35 6.30
C PRO D 30 40.41 21.39 6.73
N VAL D 31 40.28 20.08 6.47
CA VAL D 31 41.33 19.14 6.90
C VAL D 31 42.65 19.44 6.20
N ARG D 32 42.59 20.07 5.01
CA ARG D 32 43.80 20.35 4.23
C ARG D 32 44.74 21.32 4.91
N ALA D 33 44.33 21.96 6.00
CA ALA D 33 45.17 22.96 6.65
C ALA D 33 46.20 22.35 7.59
N PHE D 34 46.28 21.02 7.64
CA PHE D 34 47.18 20.27 8.52
C PHE D 34 46.91 20.52 10.00
N LYS D 35 45.71 20.99 10.36
CA LYS D 35 45.44 21.25 11.77
C LYS D 35 45.43 19.97 12.59
N SER D 36 45.14 18.84 11.96
N SER D 36 45.16 18.84 11.95
CA SER D 36 45.12 17.58 12.71
CA SER D 36 45.11 17.57 12.66
C SER D 36 46.49 16.93 12.83
C SER D 36 46.49 16.91 12.81
N VAL D 37 47.53 17.46 12.17
CA VAL D 37 48.87 16.88 12.26
C VAL D 37 49.92 17.91 12.60
N GLY D 38 49.54 19.20 12.57
CA GLY D 38 50.48 20.27 12.82
C GLY D 38 51.34 20.57 11.60
N GLY D 39 51.99 21.73 11.66
CA GLY D 39 52.80 22.17 10.53
C GLY D 39 51.99 22.88 9.46
N THR D 40 52.66 23.21 8.37
CA THR D 40 51.94 23.84 7.30
C THR D 40 51.71 22.85 6.15
N PRO D 41 50.59 22.95 5.43
CA PRO D 41 50.27 21.92 4.45
C PRO D 41 51.17 21.98 3.22
N LEU D 42 51.32 20.83 2.59
CA LEU D 42 52.01 20.75 1.31
C LEU D 42 51.04 21.10 0.19
N PHE D 43 51.47 21.95 -0.73
CA PHE D 43 50.73 22.20 -1.96
C PHE D 43 51.25 21.26 -3.04
N PHE D 44 50.33 20.69 -3.81
CA PHE D 44 50.68 19.71 -4.83
C PHE D 44 50.41 20.24 -6.22
N LYS D 45 51.22 19.78 -7.17
CA LYS D 45 51.18 20.29 -8.53
C LYS D 45 51.13 19.22 -9.60
N HIS D 46 51.33 17.95 -9.25
CA HIS D 46 51.38 16.86 -10.22
C HIS D 46 51.17 15.55 -9.48
N ALA D 47 50.61 14.57 -10.18
CA ALA D 47 50.49 13.23 -9.62
C ALA D 47 50.53 12.22 -10.76
N GLU D 48 51.11 11.07 -10.49
CA GLU D 48 51.18 10.00 -11.48
C GLU D 48 51.33 8.67 -10.75
N GLY D 49 50.45 7.72 -11.06
CA GLY D 49 50.59 6.40 -10.46
C GLY D 49 50.37 6.46 -8.97
N ALA D 50 51.31 5.89 -8.21
CA ALA D 50 51.18 5.87 -6.75
C ALA D 50 51.76 7.12 -6.09
N TYR D 51 52.11 8.14 -6.85
CA TYR D 51 52.92 9.25 -6.35
C TYR D 51 52.22 10.60 -6.52
N VAL D 52 52.51 11.49 -5.58
CA VAL D 52 52.11 12.90 -5.69
C VAL D 52 53.38 13.73 -5.57
N LEU D 53 53.39 14.88 -6.24
CA LEU D 53 54.55 15.76 -6.32
C LEU D 53 54.18 17.12 -5.75
N ASP D 54 54.91 17.57 -4.72
CA ASP D 54 54.58 18.87 -4.13
C ASP D 54 55.26 20.01 -4.90
N GLU D 55 54.93 21.25 -4.50
CA GLU D 55 55.42 22.42 -5.22
C GLU D 55 56.93 22.61 -5.07
N ASP D 56 57.55 21.93 -4.11
CA ASP D 56 59.00 21.97 -3.96
C ASP D 56 59.68 20.77 -4.60
N ASP D 57 58.96 20.06 -5.46
CA ASP D 57 59.47 18.97 -6.29
C ASP D 57 59.85 17.73 -5.47
N LYS D 58 59.26 17.56 -4.30
CA LYS D 58 59.42 16.32 -3.57
C LYS D 58 58.28 15.37 -3.90
N ARG D 59 58.63 14.12 -4.15
CA ARG D 59 57.71 13.05 -4.54
C ARG D 59 57.36 12.21 -3.33
N TYR D 60 56.09 11.82 -3.22
CA TYR D 60 55.63 11.00 -2.10
C TYR D 60 54.81 9.83 -2.61
N VAL D 61 55.03 8.65 -2.04
CA VAL D 61 54.06 7.56 -2.17
C VAL D 61 52.78 7.97 -1.47
N ASP D 62 51.66 7.89 -2.18
CA ASP D 62 50.41 8.49 -1.75
C ASP D 62 49.50 7.41 -1.19
N TYR D 63 49.01 7.63 0.04
CA TYR D 63 47.99 6.75 0.61
C TYR D 63 46.71 7.53 0.93
N VAL D 64 46.53 8.68 0.31
CA VAL D 64 45.28 9.42 0.39
C VAL D 64 44.45 9.23 -0.87
N GLY D 65 45.10 9.22 -2.03
CA GLY D 65 44.43 8.99 -3.30
C GLY D 65 43.28 9.95 -3.52
N SER D 66 43.45 11.21 -3.14
CA SER D 66 42.38 12.21 -3.15
C SER D 66 41.17 11.77 -2.34
N TRP D 67 41.41 10.90 -1.35
CA TRP D 67 40.45 10.39 -0.37
C TRP D 67 39.55 9.28 -0.91
N GLY D 68 40.09 8.40 -1.76
CA GLY D 68 39.29 7.31 -2.28
C GLY D 68 39.28 7.12 -3.78
N PRO D 69 39.09 8.20 -4.58
CA PRO D 69 38.81 7.99 -6.01
C PRO D 69 39.93 7.32 -6.77
N MET D 70 41.20 7.54 -6.40
N MET D 70 41.19 7.58 -6.39
CA MET D 70 42.26 7.18 -7.36
CA MET D 70 42.34 7.15 -7.17
C MET D 70 42.74 5.74 -7.19
C MET D 70 42.71 5.70 -6.87
N ILE D 71 41.78 4.79 -7.19
CA ILE D 71 42.08 3.39 -7.00
C ILE D 71 42.92 2.81 -8.14
N LEU D 72 42.90 3.44 -9.31
CA LEU D 72 43.78 3.05 -10.41
C LEU D 72 45.12 3.75 -10.35
N GLY D 73 45.37 4.52 -9.29
CA GLY D 73 46.49 5.42 -9.27
C GLY D 73 46.12 6.73 -9.96
N HIS D 74 47.00 7.71 -9.81
CA HIS D 74 46.77 9.00 -10.45
C HIS D 74 47.10 8.91 -11.93
N SER D 75 46.35 9.68 -12.73
CA SER D 75 46.66 9.88 -14.14
C SER D 75 46.78 8.57 -14.92
N HIS D 76 45.86 7.63 -14.69
CA HIS D 76 45.84 6.43 -15.51
C HIS D 76 45.63 6.82 -16.97
N PRO D 77 46.47 6.35 -17.90
CA PRO D 77 46.40 6.89 -19.27
C PRO D 77 45.08 6.65 -19.98
N ASP D 78 44.39 5.53 -19.71
CA ASP D 78 43.10 5.29 -20.33
C ASP D 78 42.05 6.28 -19.82
N VAL D 79 42.09 6.59 -18.52
CA VAL D 79 41.14 7.53 -17.96
C VAL D 79 41.39 8.93 -18.52
N LEU D 80 42.66 9.37 -18.54
CA LEU D 80 42.96 10.67 -19.11
C LEU D 80 42.57 10.73 -20.58
N ASP D 81 42.85 9.67 -21.34
CA ASP D 81 42.48 9.64 -22.75
C ASP D 81 40.98 9.77 -22.93
N ALA D 82 40.19 9.06 -22.12
CA ALA D 82 38.73 9.18 -22.23
C ALA D 82 38.26 10.60 -21.97
N VAL D 83 38.87 11.28 -20.99
CA VAL D 83 38.47 12.67 -20.71
C VAL D 83 38.90 13.58 -21.85
N ARG D 84 40.11 13.37 -22.36
CA ARG D 84 40.63 14.16 -23.46
C ARG D 84 39.73 14.05 -24.69
N ARG D 85 39.30 12.83 -25.02
CA ARG D 85 38.42 12.65 -26.17
CA ARG D 85 38.43 12.68 -26.19
C ARG D 85 37.06 13.28 -25.93
N GLN D 86 36.55 13.15 -24.71
CA GLN D 86 35.20 13.62 -24.45
C GLN D 86 35.13 15.14 -24.52
N LEU D 87 36.17 15.84 -24.08
CA LEU D 87 36.02 17.28 -23.91
C LEU D 87 35.91 18.02 -25.24
N ASP D 88 36.33 17.38 -26.34
CA ASP D 88 36.12 17.93 -27.67
C ASP D 88 34.65 18.19 -27.95
N HIS D 89 33.74 17.51 -27.24
CA HIS D 89 32.32 17.65 -27.50
C HIS D 89 31.64 18.64 -26.57
N GLY D 90 32.41 19.30 -25.71
CA GLY D 90 31.87 20.26 -24.77
C GLY D 90 32.07 19.84 -23.33
N LEU D 91 32.11 20.80 -22.41
CA LEU D 91 32.30 20.46 -21.00
C LEU D 91 31.00 20.12 -20.30
N SER D 92 29.86 20.58 -20.80
CA SER D 92 28.60 20.22 -20.18
C SER D 92 27.46 20.65 -21.08
N TYR D 93 26.33 20.00 -20.89
CA TYR D 93 25.07 20.39 -21.50
C TYR D 93 24.07 20.58 -20.38
N GLY D 94 22.97 21.23 -20.66
CA GLY D 94 22.01 21.28 -19.58
C GLY D 94 21.06 20.10 -19.56
N ALA D 95 21.45 18.95 -20.09
CA ALA D 95 20.45 18.06 -20.69
C ALA D 95 20.96 16.63 -20.69
N PRO D 96 20.05 15.67 -20.91
CA PRO D 96 20.44 14.24 -20.82
C PRO D 96 21.44 13.80 -21.88
N THR D 97 22.23 12.80 -21.52
CA THR D 97 23.26 12.25 -22.41
C THR D 97 23.22 10.74 -22.42
N ALA D 98 23.73 10.16 -23.50
CA ALA D 98 23.89 8.72 -23.53
C ALA D 98 24.87 8.23 -22.48
N LEU D 99 25.93 9.01 -22.20
CA LEU D 99 26.88 8.60 -21.17
C LEU D 99 26.21 8.36 -19.83
N GLU D 100 25.22 9.20 -19.48
CA GLU D 100 24.55 9.01 -18.20
C GLU D 100 23.77 7.71 -18.16
N VAL D 101 23.19 7.32 -19.29
CA VAL D 101 22.49 6.03 -19.33
C VAL D 101 23.48 4.89 -19.16
N GLU D 102 24.61 4.96 -19.88
CA GLU D 102 25.63 3.92 -19.73
C GLU D 102 26.09 3.82 -18.28
N MET D 103 26.29 4.96 -17.62
CA MET D 103 26.81 4.93 -16.25
C MET D 103 25.79 4.34 -15.29
N ALA D 104 24.52 4.74 -15.43
CA ALA D 104 23.49 4.18 -14.56
C ALA D 104 23.40 2.68 -14.73
N ASP D 105 23.36 2.21 -15.98
CA ASP D 105 23.27 0.78 -16.22
C ASP D 105 24.48 0.05 -15.64
N LEU D 106 25.67 0.64 -15.78
CA LEU D 106 26.87 -0.06 -15.29
C LEU D 106 26.86 -0.13 -13.76
N VAL D 107 26.53 0.98 -13.10
CA VAL D 107 26.54 0.99 -11.64
C VAL D 107 25.53 0.00 -11.09
N CYS D 108 24.34 -0.05 -11.70
CA CYS D 108 23.31 -0.96 -11.21
C CYS D 108 23.66 -2.41 -11.54
N SER D 109 24.45 -2.65 -12.57
CA SER D 109 24.90 -4.01 -12.82
CA SER D 109 24.91 -4.01 -12.83
C SER D 109 25.95 -4.45 -11.81
N MET D 110 26.80 -3.52 -11.38
CA MET D 110 27.87 -3.87 -10.44
C MET D 110 27.40 -3.93 -8.99
N VAL D 111 26.35 -3.18 -8.65
CA VAL D 111 25.84 -3.12 -7.28
C VAL D 111 24.35 -3.45 -7.33
N PRO D 112 23.98 -4.72 -7.24
CA PRO D 112 22.60 -5.11 -7.54
C PRO D 112 21.56 -4.53 -6.58
N SER D 113 21.96 -4.08 -5.38
CA SER D 113 20.97 -3.42 -4.52
C SER D 113 20.44 -2.14 -5.14
N MET D 114 21.16 -1.60 -6.12
CA MET D 114 20.75 -0.38 -6.82
C MET D 114 19.87 -0.79 -7.99
N GLU D 115 18.56 -0.73 -7.78
CA GLU D 115 17.64 -0.98 -8.88
C GLU D 115 17.41 0.28 -9.70
N MET D 116 17.59 1.44 -9.08
CA MET D 116 17.63 2.73 -9.75
C MET D 116 18.71 3.57 -9.07
N VAL D 117 19.24 4.54 -9.81
CA VAL D 117 20.32 5.38 -9.29
C VAL D 117 20.21 6.78 -9.87
N ARG D 118 20.64 7.76 -9.08
CA ARG D 118 20.68 9.15 -9.49
C ARG D 118 22.08 9.70 -9.27
N MET D 119 22.56 10.47 -10.25
CA MET D 119 23.84 11.18 -10.12
C MET D 119 23.61 12.58 -9.58
N VAL D 120 24.46 12.98 -8.62
CA VAL D 120 24.45 14.33 -8.07
C VAL D 120 25.88 14.87 -8.02
N SER D 121 26.07 16.02 -7.38
CA SER D 121 27.37 16.67 -7.43
C SER D 121 28.33 16.21 -6.35
N SER D 122 27.85 15.58 -5.29
CA SER D 122 28.71 15.30 -4.15
C SER D 122 28.07 14.24 -3.26
N GLY D 123 28.92 13.63 -2.43
CA GLY D 123 28.41 12.74 -1.39
C GLY D 123 27.44 13.42 -0.43
N THR D 124 27.70 14.70 -0.13
CA THR D 124 26.80 15.43 0.77
C THR D 124 25.40 15.51 0.20
N GLU D 125 25.30 15.80 -1.10
CA GLU D 125 23.99 15.87 -1.75
C GLU D 125 23.36 14.49 -1.84
N ALA D 126 24.16 13.45 -2.09
CA ALA D 126 23.63 12.09 -2.13
C ALA D 126 22.99 11.71 -0.79
N THR D 127 23.67 12.05 0.31
CA THR D 127 23.11 11.81 1.65
C THR D 127 21.80 12.54 1.84
N MET D 128 21.78 13.84 1.55
CA MET D 128 20.57 14.63 1.72
C MET D 128 19.40 14.03 0.98
N SER D 129 19.63 13.59 -0.25
CA SER D 129 18.56 13.02 -1.06
C SER D 129 18.11 11.68 -0.51
N ALA D 130 19.07 10.84 -0.08
CA ALA D 130 18.72 9.51 0.40
C ALA D 130 17.88 9.59 1.67
N ILE D 131 18.29 10.44 2.61
CA ILE D 131 17.56 10.57 3.85
C ILE D 131 16.18 11.15 3.60
N ARG D 132 16.09 12.13 2.69
CA ARG D 132 14.79 12.69 2.34
C ARG D 132 13.87 11.64 1.74
N LEU D 133 14.41 10.80 0.84
CA LEU D 133 13.64 9.69 0.28
C LEU D 133 13.16 8.74 1.37
N ALA D 134 14.02 8.43 2.34
CA ALA D 134 13.59 7.51 3.38
C ALA D 134 12.48 8.09 4.22
N ARG D 135 12.60 9.39 4.56
CA ARG D 135 11.53 10.07 5.29
C ARG D 135 10.24 10.08 4.47
N GLY D 136 10.34 10.42 3.18
CA GLY D 136 9.14 10.43 2.34
C GLY D 136 8.51 9.06 2.22
N TYR D 137 9.35 8.03 2.05
CA TYR D 137 8.86 6.67 1.88
C TYR D 137 8.16 6.15 3.13
N THR D 138 8.72 6.41 4.30
CA THR D 138 8.19 5.88 5.54
C THR D 138 7.16 6.78 6.19
N GLY D 139 7.13 8.06 5.81
CA GLY D 139 6.32 9.03 6.53
C GLY D 139 6.79 9.28 7.94
N ARG D 140 8.06 8.99 8.25
CA ARG D 140 8.65 9.23 9.55
C ARG D 140 9.72 10.30 9.45
N ASP D 141 10.00 10.97 10.59
CA ASP D 141 10.90 12.12 10.59
C ASP D 141 12.29 11.84 11.14
N SER D 142 12.47 10.87 12.02
CA SER D 142 13.75 10.75 12.72
C SER D 142 14.70 9.81 11.99
N ILE D 143 16.00 9.97 12.29
CA ILE D 143 17.03 9.12 11.72
C ILE D 143 17.98 8.70 12.81
N ILE D 144 18.68 7.59 12.56
CA ILE D 144 19.77 7.11 13.41
C ILE D 144 21.06 7.22 12.62
N LYS D 145 22.06 7.86 13.21
CA LYS D 145 23.43 7.83 12.70
C LYS D 145 24.34 7.36 13.83
N PHE D 146 25.61 7.14 13.53
CA PHE D 146 26.54 6.61 14.51
C PHE D 146 27.66 7.62 14.78
N GLU D 147 28.04 7.72 16.06
CA GLU D 147 29.09 8.65 16.43
C GLU D 147 30.39 8.25 15.77
N GLY D 148 31.06 9.23 15.14
CA GLY D 148 32.27 8.97 14.39
C GLY D 148 32.06 8.84 12.90
N CYS D 149 30.81 8.64 12.46
CA CYS D 149 30.51 8.55 11.04
C CYS D 149 30.30 9.93 10.46
N TYR D 150 30.66 10.08 9.18
CA TYR D 150 30.53 11.33 8.44
C TYR D 150 29.78 11.07 7.15
N HIS D 151 28.71 11.85 6.91
CA HIS D 151 27.87 11.71 5.73
C HIS D 151 27.70 13.05 5.02
N GLY D 152 28.49 14.03 5.38
CA GLY D 152 28.23 15.35 4.83
C GLY D 152 27.80 16.31 5.91
N HIS D 153 28.07 17.59 5.68
CA HIS D 153 27.78 18.61 6.69
C HIS D 153 26.48 19.33 6.34
N SER D 154 25.41 18.55 6.32
CA SER D 154 24.06 19.11 6.25
C SER D 154 23.53 19.28 7.66
N ASP D 155 22.63 20.25 7.84
CA ASP D 155 22.27 20.72 9.18
C ASP D 155 21.83 19.60 10.09
N SER D 156 21.00 18.68 9.59
CA SER D 156 20.46 17.67 10.50
C SER D 156 21.46 16.57 10.83
N LEU D 157 22.66 16.61 10.25
CA LEU D 157 23.75 15.73 10.66
C LEU D 157 24.78 16.43 11.54
N LEU D 158 24.68 17.75 11.70
CA LEU D 158 25.63 18.50 12.55
C LEU D 158 25.11 18.50 13.99
N VAL D 159 25.09 17.30 14.57
CA VAL D 159 24.38 17.08 15.81
C VAL D 159 25.17 16.14 16.71
N LYS D 160 24.82 16.18 17.99
CA LYS D 160 25.34 15.23 18.97
C LYS D 160 24.16 14.72 19.78
N ALA D 161 24.37 13.62 20.51
CA ALA D 161 23.25 13.03 21.24
C ALA D 161 22.67 14.02 22.25
N GLY D 162 21.35 14.01 22.37
CA GLY D 162 20.71 14.83 23.39
C GLY D 162 20.74 14.17 24.75
N SER D 163 20.76 15.02 25.79
CA SER D 163 20.64 14.53 27.16
C SER D 163 19.17 14.32 27.52
N THR D 167 14.59 15.74 23.59
CA THR D 167 15.09 15.86 22.22
C THR D 167 16.11 14.76 21.91
N PHE D 168 15.98 14.17 20.72
CA PHE D 168 16.91 13.12 20.31
C PHE D 168 18.32 13.67 20.15
N GLY D 169 18.46 14.86 19.55
CA GLY D 169 19.77 15.40 19.25
C GLY D 169 19.80 16.90 19.48
N VAL D 170 21.01 17.42 19.67
CA VAL D 170 21.24 18.87 19.78
C VAL D 170 22.36 19.27 18.83
N PRO D 171 22.40 20.53 18.39
CA PRO D 171 23.44 20.95 17.44
C PRO D 171 24.83 20.77 18.03
N ASN D 172 25.77 20.36 17.19
CA ASN D 172 27.14 20.16 17.63
C ASN D 172 28.05 21.33 17.29
N SER D 173 27.51 22.39 16.70
CA SER D 173 28.29 23.51 16.20
C SER D 173 27.32 24.68 15.92
N PRO D 174 27.84 25.89 15.79
CA PRO D 174 26.96 27.06 15.64
C PRO D 174 26.38 27.17 14.23
N GLY D 175 25.34 28.00 14.12
CA GLY D 175 24.67 28.19 12.84
C GLY D 175 23.62 27.14 12.51
N VAL D 176 23.34 26.23 13.44
CA VAL D 176 22.41 25.12 13.22
C VAL D 176 21.26 25.24 14.22
N PRO D 177 20.04 25.54 13.78
CA PRO D 177 18.92 25.64 14.72
C PRO D 177 18.69 24.36 15.50
N ALA D 178 18.28 24.53 16.77
CA ALA D 178 18.00 23.36 17.60
C ALA D 178 16.95 22.48 16.96
N ALA D 179 15.97 23.09 16.29
CA ALA D 179 14.88 22.32 15.69
C ALA D 179 15.39 21.40 14.59
N PHE D 180 16.49 21.76 13.95
CA PHE D 180 17.03 20.89 12.90
C PHE D 180 17.79 19.70 13.46
N ALA D 181 18.11 19.71 14.75
CA ALA D 181 18.83 18.60 15.36
C ALA D 181 17.92 17.62 16.09
N LYS D 182 16.67 17.99 16.34
CA LYS D 182 15.84 17.21 17.25
C LYS D 182 15.50 15.83 16.69
N HIS D 183 15.50 15.66 15.37
CA HIS D 183 15.11 14.40 14.75
C HIS D 183 16.29 13.47 14.45
N THR D 184 17.47 13.74 14.98
CA THR D 184 18.64 12.90 14.69
C THR D 184 19.11 12.22 15.96
N LEU D 185 19.11 10.88 15.95
CA LEU D 185 19.60 10.06 17.04
C LEU D 185 21.03 9.62 16.74
N THR D 186 21.89 9.68 17.75
CA THR D 186 23.30 9.32 17.58
C THR D 186 23.63 8.16 18.50
N LEU D 187 24.02 7.04 17.91
CA LEU D 187 24.26 5.79 18.61
C LEU D 187 25.71 5.36 18.41
N PRO D 188 26.22 4.42 19.22
CA PRO D 188 27.63 4.03 19.09
C PRO D 188 27.81 3.05 17.94
N PHE D 189 28.79 3.35 17.08
CA PHE D 189 29.16 2.42 16.03
C PHE D 189 29.50 1.06 16.61
N ASN D 190 29.04 0.00 15.93
CA ASN D 190 29.33 -1.40 16.26
C ASN D 190 28.63 -1.88 17.54
N ASP D 191 27.59 -1.19 17.98
CA ASP D 191 26.83 -1.57 19.17
C ASP D 191 25.40 -1.91 18.76
N ILE D 192 25.18 -3.16 18.35
CA ILE D 192 23.86 -3.52 17.83
C ILE D 192 22.82 -3.52 18.96
N GLU D 193 23.22 -3.78 20.20
CA GLU D 193 22.24 -3.80 21.28
C GLU D 193 21.69 -2.41 21.54
N ALA D 194 22.49 -1.37 21.35
CA ALA D 194 21.99 0.00 21.48
C ALA D 194 20.98 0.30 20.39
N VAL D 195 21.24 -0.18 19.17
CA VAL D 195 20.31 0.04 18.07
C VAL D 195 18.98 -0.64 18.34
N ARG D 196 19.02 -1.89 18.79
N ARG D 196 19.03 -1.90 18.79
CA ARG D 196 17.77 -2.59 19.06
CA ARG D 196 17.82 -2.64 19.09
C ARG D 196 17.01 -1.98 20.23
C ARG D 196 17.02 -1.98 20.21
N LYS D 197 17.72 -1.48 21.24
CA LYS D 197 17.02 -0.84 22.36
C LYS D 197 16.33 0.43 21.90
N THR D 198 17.05 1.25 21.12
CA THR D 198 16.48 2.50 20.64
C THR D 198 15.26 2.25 19.76
N LEU D 199 15.37 1.31 18.83
CA LEU D 199 14.23 0.98 17.97
C LEU D 199 13.08 0.39 18.78
N GLY D 200 13.39 -0.36 19.84
CA GLY D 200 12.33 -0.84 20.71
C GLY D 200 11.53 0.27 21.36
N GLU D 201 12.15 1.42 21.56
CA GLU D 201 11.53 2.56 22.23
C GLU D 201 10.89 3.55 21.27
N VAL D 202 11.53 3.85 20.14
CA VAL D 202 11.02 4.91 19.26
C VAL D 202 11.05 4.49 17.79
N GLY D 203 11.05 3.18 17.53
CA GLY D 203 11.19 2.69 16.16
C GLY D 203 10.18 3.27 15.19
N LYS D 204 8.93 3.42 15.61
CA LYS D 204 7.90 3.98 14.74
C LYS D 204 8.20 5.40 14.30
N GLU D 205 9.16 6.07 14.93
CA GLU D 205 9.56 7.41 14.53
C GLU D 205 10.77 7.43 13.60
N VAL D 206 11.42 6.30 13.36
CA VAL D 206 12.72 6.29 12.69
C VAL D 206 12.53 5.95 11.21
N ALA D 207 12.87 6.89 10.34
CA ALA D 207 12.75 6.67 8.91
C ALA D 207 13.92 5.85 8.37
N CYS D 208 15.12 6.05 8.91
CA CYS D 208 16.28 5.37 8.34
C CYS D 208 17.39 5.25 9.37
N ILE D 209 18.20 4.22 9.20
CA ILE D 209 19.54 4.13 9.78
C ILE D 209 20.53 4.38 8.66
N ILE D 210 21.42 5.33 8.86
CA ILE D 210 22.48 5.58 7.89
C ILE D 210 23.80 5.22 8.55
N VAL D 211 24.66 4.52 7.81
CA VAL D 211 25.89 4.00 8.40
C VAL D 211 26.94 3.87 7.31
N GLU D 212 28.19 4.19 7.64
CA GLU D 212 29.32 3.75 6.81
C GLU D 212 29.59 2.29 7.13
N PRO D 213 29.40 1.36 6.19
CA PRO D 213 29.55 -0.06 6.56
C PRO D 213 30.94 -0.40 7.07
N VAL D 214 31.97 0.27 6.57
CA VAL D 214 33.26 0.39 7.22
C VAL D 214 33.45 1.87 7.51
N ALA D 215 33.66 2.22 8.78
CA ALA D 215 33.90 3.62 9.08
C ALA D 215 35.24 4.06 8.50
N GLY D 216 35.26 5.27 7.93
CA GLY D 216 36.45 5.78 7.30
C GLY D 216 36.82 7.16 7.81
N ASN D 217 35.96 7.75 8.63
CA ASN D 217 36.13 9.12 9.09
C ASN D 217 36.32 9.19 10.60
N MET D 218 36.59 8.07 11.24
CA MET D 218 37.19 8.01 12.57
C MET D 218 38.36 7.04 12.50
N ASN D 219 39.20 7.27 11.49
CA ASN D 219 40.12 6.27 10.97
C ASN D 219 39.28 5.12 10.41
N CYS D 220 39.90 4.00 10.06
CA CYS D 220 39.21 2.88 9.42
C CYS D 220 38.74 1.91 10.48
N VAL D 221 37.42 1.77 10.64
CA VAL D 221 36.86 0.85 11.64
C VAL D 221 35.91 -0.13 10.98
N PRO D 222 36.34 -1.35 10.69
CA PRO D 222 35.47 -2.34 10.08
C PRO D 222 34.34 -2.74 11.01
N PRO D 223 33.24 -3.26 10.46
CA PRO D 223 32.11 -3.65 11.31
C PRO D 223 32.43 -4.89 12.13
N ALA D 224 31.94 -4.89 13.36
CA ALA D 224 32.08 -6.05 14.23
C ALA D 224 31.20 -7.19 13.69
N PRO D 225 31.57 -8.43 14.01
CA PRO D 225 30.74 -9.56 13.60
C PRO D 225 29.30 -9.38 14.06
N GLY D 226 28.36 -9.52 13.11
CA GLY D 226 26.95 -9.40 13.40
C GLY D 226 26.38 -8.00 13.36
N PHE D 227 27.21 -6.96 13.24
CA PHE D 227 26.70 -5.59 13.33
C PHE D 227 25.85 -5.24 12.11
N LEU D 228 26.41 -5.38 10.90
CA LEU D 228 25.65 -5.02 9.71
C LEU D 228 24.46 -5.96 9.52
N GLU D 229 24.64 -7.26 9.80
CA GLU D 229 23.52 -8.19 9.75
C GLU D 229 22.43 -7.78 10.73
N GLY D 230 22.84 -7.35 11.93
CA GLY D 230 21.86 -6.92 12.92
C GLY D 230 21.12 -5.67 12.50
N LEU D 231 21.82 -4.72 11.85
CA LEU D 231 21.13 -3.54 11.34
C LEU D 231 20.08 -3.93 10.31
N ARG D 232 20.43 -4.86 9.42
CA ARG D 232 19.46 -5.31 8.42
C ARG D 232 18.25 -5.94 9.08
N GLU D 233 18.49 -6.83 10.05
CA GLU D 233 17.38 -7.51 10.72
CA GLU D 233 17.39 -7.52 10.74
C GLU D 233 16.51 -6.52 11.48
N ALA D 234 17.12 -5.56 12.18
CA ALA D 234 16.33 -4.61 12.96
C ALA D 234 15.56 -3.66 12.05
N CYS D 235 16.15 -3.26 10.93
CA CYS D 235 15.43 -2.42 9.98
C CYS D 235 14.23 -3.17 9.40
N ASP D 236 14.42 -4.45 9.06
CA ASP D 236 13.30 -5.24 8.58
C ASP D 236 12.18 -5.30 9.62
N GLU D 237 12.55 -5.57 10.87
CA GLU D 237 11.55 -5.69 11.93
C GLU D 237 10.74 -4.40 12.09
N HIS D 238 11.41 -3.25 12.03
CA HIS D 238 10.79 -1.99 12.41
C HIS D 238 10.36 -1.14 11.23
N GLY D 239 10.55 -1.63 10.00
CA GLY D 239 10.10 -0.87 8.85
C GLY D 239 10.96 0.34 8.55
N VAL D 240 12.25 0.26 8.90
CA VAL D 240 13.21 1.35 8.78
C VAL D 240 14.02 1.15 7.50
N VAL D 241 14.31 2.23 6.80
CA VAL D 241 15.16 2.15 5.61
C VAL D 241 16.63 2.08 6.03
N LEU D 242 17.34 1.06 5.56
CA LEU D 242 18.78 0.94 5.81
C LEU D 242 19.57 1.61 4.70
N ILE D 243 20.40 2.59 5.05
CA ILE D 243 21.19 3.36 4.09
C ILE D 243 22.66 3.09 4.38
N PHE D 244 23.38 2.56 3.38
CA PHE D 244 24.84 2.42 3.46
C PHE D 244 25.51 3.60 2.78
N ASP D 245 26.35 4.30 3.51
CA ASP D 245 27.18 5.35 2.94
C ASP D 245 28.43 4.67 2.39
N GLU D 246 28.49 4.48 1.07
CA GLU D 246 29.66 3.85 0.43
C GLU D 246 30.49 4.87 -0.35
N VAL D 247 30.47 6.13 0.10
CA VAL D 247 31.27 7.17 -0.56
C VAL D 247 32.76 6.82 -0.51
N MET D 248 33.24 6.20 0.58
CA MET D 248 34.62 5.73 0.67
C MET D 248 34.78 4.25 0.34
N THR D 249 33.87 3.42 0.82
CA THR D 249 34.01 1.97 0.64
C THR D 249 33.65 1.53 -0.77
N GLY D 250 32.80 2.27 -1.46
CA GLY D 250 32.29 1.88 -2.76
C GLY D 250 33.39 1.57 -3.74
N PHE D 251 33.33 0.40 -4.37
CA PHE D 251 34.26 -0.03 -5.42
C PHE D 251 35.69 -0.15 -4.91
N ARG D 252 35.88 -0.15 -3.59
CA ARG D 252 37.22 -0.13 -3.02
C ARG D 252 37.44 -1.23 -1.99
N VAL D 253 36.48 -1.41 -1.08
CA VAL D 253 36.54 -2.58 -0.22
C VAL D 253 36.41 -3.86 -1.06
N ALA D 254 35.59 -3.79 -2.10
CA ALA D 254 35.36 -4.86 -3.06
C ALA D 254 34.71 -4.23 -4.28
N LEU D 255 34.64 -4.99 -5.38
CA LEU D 255 34.04 -4.43 -6.59
C LEU D 255 32.61 -3.99 -6.33
N GLY D 256 31.84 -4.82 -5.65
CA GLY D 256 30.47 -4.54 -5.28
C GLY D 256 30.33 -3.78 -3.99
N GLY D 257 31.43 -3.23 -3.47
CA GLY D 257 31.38 -2.37 -2.31
C GLY D 257 31.41 -3.16 -1.01
N ALA D 258 31.36 -2.44 0.12
CA ALA D 258 31.32 -3.13 1.40
C ALA D 258 30.08 -4.02 1.52
N GLN D 259 28.96 -3.63 0.89
CA GLN D 259 27.76 -4.45 0.98
C GLN D 259 27.99 -5.82 0.35
N ALA D 260 28.73 -5.88 -0.75
CA ALA D 260 29.10 -7.18 -1.34
C ALA D 260 30.10 -7.91 -0.46
N TYR D 261 31.12 -7.20 0.01
CA TYR D 261 32.17 -7.83 0.83
C TYR D 261 31.58 -8.52 2.05
N TYR D 262 30.69 -7.85 2.78
CA TYR D 262 30.11 -8.40 3.99
C TYR D 262 28.81 -9.15 3.76
N GLY D 263 28.25 -9.08 2.56
CA GLY D 263 27.03 -9.79 2.22
C GLY D 263 25.79 -9.28 2.90
N VAL D 264 25.62 -7.96 2.99
CA VAL D 264 24.45 -7.36 3.60
C VAL D 264 23.88 -6.33 2.62
N THR D 265 22.59 -6.45 2.29
CA THR D 265 21.98 -5.64 1.25
C THR D 265 21.23 -4.46 1.86
N PRO D 266 21.64 -3.22 1.58
CA PRO D 266 20.91 -2.06 2.09
C PRO D 266 19.75 -1.70 1.18
N ASP D 267 18.87 -0.82 1.69
CA ASP D 267 17.75 -0.33 0.90
C ASP D 267 18.14 0.85 0.02
N LEU D 268 19.04 1.70 0.52
CA LEU D 268 19.65 2.77 -0.26
C LEU D 268 21.15 2.76 -0.01
N SER D 269 21.89 3.26 -0.99
CA SER D 269 23.32 3.47 -0.85
C SER D 269 23.71 4.81 -1.44
N THR D 270 24.78 5.39 -0.91
CA THR D 270 25.41 6.54 -1.54
C THR D 270 26.81 6.18 -2.00
N PHE D 271 27.21 6.77 -3.13
CA PHE D 271 28.52 6.53 -3.71
C PHE D 271 29.20 7.85 -4.03
N GLY D 272 30.52 7.82 -4.13
N GLY D 272 30.52 7.82 -4.08
CA GLY D 272 31.31 9.04 -4.15
CA GLY D 272 31.32 9.02 -4.16
C GLY D 272 32.05 9.28 -5.46
C GLY D 272 32.09 9.18 -5.45
N LYS D 273 33.25 9.85 -5.39
CA LYS D 273 33.93 10.31 -6.60
C LYS D 273 34.56 9.19 -7.44
N ILE D 274 34.70 7.96 -6.94
CA ILE D 274 35.25 6.88 -7.79
CA ILE D 274 35.26 6.90 -7.79
C ILE D 274 34.41 6.70 -9.04
N ILE D 275 33.10 6.85 -8.93
CA ILE D 275 32.27 6.74 -10.13
C ILE D 275 32.44 7.92 -11.06
N GLY D 276 33.14 8.96 -10.62
CA GLY D 276 33.61 10.02 -11.51
C GLY D 276 35.07 9.88 -11.91
N GLY D 277 35.70 8.75 -11.60
CA GLY D 277 37.10 8.53 -11.91
C GLY D 277 38.04 9.49 -11.23
N GLY D 278 37.53 10.23 -10.24
CA GLY D 278 38.28 11.28 -9.57
C GLY D 278 37.65 12.64 -9.69
N MET D 279 36.79 12.84 -10.67
CA MET D 279 36.10 14.10 -10.83
CA MET D 279 36.11 14.11 -10.82
C MET D 279 34.98 14.23 -9.80
N PRO D 280 34.58 15.46 -9.47
CA PRO D 280 33.50 15.65 -8.50
C PRO D 280 32.19 15.05 -9.00
N VAL D 281 31.63 14.16 -8.19
CA VAL D 281 30.35 13.54 -8.48
C VAL D 281 29.94 12.75 -7.26
N GLY D 282 28.66 12.42 -7.17
CA GLY D 282 28.13 11.55 -6.15
C GLY D 282 26.93 10.84 -6.74
N ALA D 283 26.40 9.88 -5.99
CA ALA D 283 25.25 9.13 -6.47
C ALA D 283 24.50 8.57 -5.27
N PHE D 284 23.18 8.43 -5.43
CA PHE D 284 22.37 7.67 -4.50
C PHE D 284 21.46 6.75 -5.29
N GLY D 285 21.23 5.57 -4.75
CA GLY D 285 20.34 4.64 -5.43
C GLY D 285 19.97 3.52 -4.48
N GLY D 286 19.11 2.63 -4.99
CA GLY D 286 18.69 1.50 -4.18
C GLY D 286 17.39 0.90 -4.66
N LYS D 287 16.55 0.45 -3.72
CA LYS D 287 15.34 -0.28 -4.04
C LYS D 287 14.38 0.56 -4.89
N ARG D 288 13.80 -0.07 -5.91
N ARG D 288 13.81 -0.09 -5.90
CA ARG D 288 13.00 0.69 -6.88
CA ARG D 288 12.98 0.61 -6.88
C ARG D 288 11.82 1.39 -6.21
C ARG D 288 11.82 1.36 -6.24
N GLU D 289 11.14 0.71 -5.29
CA GLU D 289 9.96 1.29 -4.66
C GLU D 289 10.28 2.58 -3.93
N ILE D 290 11.52 2.69 -3.41
CA ILE D 290 11.93 3.90 -2.72
C ILE D 290 12.39 4.96 -3.71
N MET D 291 13.25 4.56 -4.65
CA MET D 291 13.82 5.49 -5.62
C MET D 291 12.75 6.13 -6.51
N GLN D 292 11.69 5.40 -6.80
CA GLN D 292 10.72 5.95 -7.74
C GLN D 292 9.94 7.13 -7.17
N GLN D 293 10.06 7.41 -5.88
N GLN D 293 10.07 7.40 -5.88
CA GLN D 293 9.44 8.62 -5.32
CA GLN D 293 9.47 8.58 -5.28
C GLN D 293 10.14 9.89 -5.77
C GLN D 293 10.20 9.87 -5.63
N ILE D 294 11.37 9.80 -6.26
CA ILE D 294 12.13 11.01 -6.55
C ILE D 294 11.53 11.72 -7.77
N SER D 295 11.62 13.05 -7.74
CA SER D 295 11.17 13.87 -8.86
C SER D 295 11.96 13.52 -10.13
N PRO D 296 11.33 13.52 -11.31
CA PRO D 296 9.96 13.89 -11.68
C PRO D 296 8.96 12.73 -11.62
N LEU D 297 9.43 11.50 -11.44
CA LEU D 297 8.53 10.35 -11.30
C LEU D 297 7.58 10.54 -10.13
N GLY D 298 8.12 11.00 -9.01
CA GLY D 298 7.39 11.08 -7.77
C GLY D 298 7.57 12.46 -7.16
N PRO D 299 7.10 12.61 -5.92
CA PRO D 299 7.00 13.94 -5.31
C PRO D 299 8.20 14.44 -4.52
N VAL D 300 9.21 13.59 -4.26
CA VAL D 300 10.33 13.99 -3.42
C VAL D 300 11.35 14.75 -4.24
N TYR D 301 11.74 15.94 -3.76
CA TYR D 301 12.74 16.76 -4.45
C TYR D 301 14.16 16.25 -4.19
N GLN D 302 15.00 16.32 -5.22
CA GLN D 302 16.38 15.85 -5.13
C GLN D 302 17.32 17.00 -4.79
N ALA D 303 18.28 16.74 -3.90
CA ALA D 303 19.32 17.71 -3.60
C ALA D 303 20.37 17.64 -4.71
N GLY D 304 20.52 18.74 -5.45
CA GLY D 304 21.35 18.71 -6.63
C GLY D 304 20.57 18.68 -7.93
N THR D 305 20.90 19.61 -8.83
CA THR D 305 20.43 19.66 -10.20
C THR D 305 21.63 19.35 -11.09
N LEU D 306 21.68 19.96 -12.28
CA LEU D 306 22.83 19.84 -13.18
C LEU D 306 23.17 18.38 -13.47
N SER D 307 22.73 17.88 -14.62
CA SER D 307 22.84 16.46 -14.99
C SER D 307 24.28 15.93 -14.91
N GLY D 308 24.47 14.64 -15.20
CA GLY D 308 25.79 14.04 -15.14
C GLY D 308 26.79 14.67 -16.10
N ASN D 309 27.84 15.30 -15.54
CA ASN D 309 28.84 15.99 -16.36
CA ASN D 309 28.82 15.99 -16.37
C ASN D 309 29.54 15.00 -17.28
N PRO D 310 29.67 15.30 -18.58
CA PRO D 310 30.20 14.30 -19.51
C PRO D 310 31.65 13.91 -19.23
N LEU D 311 32.50 14.83 -18.78
CA LEU D 311 33.87 14.44 -18.46
C LEU D 311 33.90 13.46 -17.29
N ALA D 312 33.11 13.71 -16.24
CA ALA D 312 33.06 12.79 -15.11
C ALA D 312 32.48 11.44 -15.52
N MET D 313 31.44 11.44 -16.35
CA MET D 313 30.88 10.18 -16.80
C MET D 313 31.90 9.39 -17.61
N ALA D 314 32.64 10.06 -18.49
CA ALA D 314 33.66 9.37 -19.28
C ALA D 314 34.75 8.81 -18.37
N ALA D 315 35.21 9.60 -17.41
CA ALA D 315 36.27 9.12 -16.52
C ALA D 315 35.76 7.97 -15.64
N GLY D 316 34.54 8.10 -15.13
CA GLY D 316 34.00 7.05 -14.28
C GLY D 316 33.72 5.77 -15.03
N LEU D 317 33.14 5.88 -16.24
CA LEU D 317 32.90 4.68 -17.04
C LEU D 317 34.19 3.94 -17.31
N THR D 318 35.24 4.67 -17.68
CA THR D 318 36.52 4.03 -17.95
C THR D 318 37.08 3.39 -16.69
N THR D 319 36.97 4.09 -15.56
CA THR D 319 37.49 3.58 -14.30
C THR D 319 36.74 2.31 -13.86
N LEU D 320 35.41 2.34 -13.90
CA LEU D 320 34.65 1.19 -13.42
C LEU D 320 34.88 -0.04 -14.29
N ARG D 321 35.10 0.15 -15.58
CA ARG D 321 35.41 -0.98 -16.44
C ARG D 321 36.79 -1.55 -16.12
N LEU D 322 37.77 -0.69 -15.90
CA LEU D 322 39.11 -1.16 -15.61
C LEU D 322 39.19 -1.92 -14.30
N ILE D 323 38.47 -1.46 -13.27
CA ILE D 323 38.56 -2.16 -11.98
C ILE D 323 37.75 -3.44 -11.99
N SER D 324 36.94 -3.68 -13.03
CA SER D 324 36.20 -4.93 -13.18
C SER D 324 37.05 -6.08 -13.73
N ARG D 325 38.32 -5.84 -13.99
CA ARG D 325 39.20 -6.89 -14.48
C ARG D 325 39.30 -8.00 -13.44
N PRO D 326 39.35 -9.27 -13.86
CA PRO D 326 39.43 -10.36 -12.88
C PRO D 326 40.59 -10.17 -11.92
N GLY D 327 40.30 -10.29 -10.63
CA GLY D 327 41.34 -10.29 -9.63
C GLY D 327 41.74 -8.92 -9.11
N PHE D 328 41.15 -7.84 -9.61
CA PHE D 328 41.62 -6.49 -9.25
C PHE D 328 41.67 -6.29 -7.75
N HIS D 329 40.55 -6.56 -7.05
CA HIS D 329 40.53 -6.28 -5.62
C HIS D 329 41.31 -7.30 -4.81
N ASP D 330 41.36 -8.55 -5.27
CA ASP D 330 42.26 -9.51 -4.62
C ASP D 330 43.70 -8.98 -4.62
N GLU D 331 44.16 -8.47 -5.77
CA GLU D 331 45.50 -7.91 -5.86
C GLU D 331 45.66 -6.69 -4.96
N LEU D 332 44.68 -5.80 -4.98
CA LEU D 332 44.74 -4.62 -4.13
C LEU D 332 44.76 -4.99 -2.65
N THR D 333 43.90 -5.94 -2.26
CA THR D 333 43.86 -6.38 -0.88
C THR D 333 45.18 -7.02 -0.47
N ALA D 334 45.79 -7.78 -1.39
CA ALA D 334 47.03 -8.48 -1.09
C ALA D 334 48.15 -7.50 -0.79
N TYR D 335 48.31 -6.48 -1.64
CA TYR D 335 49.30 -5.43 -1.35
C TYR D 335 49.03 -4.80 0.00
N THR D 336 47.78 -4.45 0.26
CA THR D 336 47.45 -3.75 1.50
C THR D 336 47.80 -4.61 2.71
N THR D 337 47.49 -5.90 2.66
CA THR D 337 47.81 -6.81 3.76
C THR D 337 49.33 -6.93 3.94
N ARG D 338 50.07 -7.09 2.84
CA ARG D 338 51.53 -7.15 2.94
C ARG D 338 52.07 -5.89 3.58
N MET D 339 51.55 -4.73 3.19
CA MET D 339 52.03 -3.48 3.76
C MET D 339 51.73 -3.41 5.26
N LEU D 340 50.50 -3.73 5.65
CA LEU D 340 50.14 -3.66 7.06
C LEU D 340 50.96 -4.65 7.88
N ASP D 341 51.16 -5.87 7.37
CA ASP D 341 52.03 -6.83 8.04
C ASP D 341 53.44 -6.26 8.22
N GLY D 342 53.99 -5.63 7.18
CA GLY D 342 55.35 -5.10 7.29
C GLY D 342 55.45 -3.97 8.30
N LEU D 343 54.44 -3.11 8.35
CA LEU D 343 54.40 -2.04 9.35
C LEU D 343 54.29 -2.59 10.76
N GLN D 344 53.44 -3.61 10.94
CA GLN D 344 53.28 -4.23 12.25
C GLN D 344 54.58 -4.84 12.74
N GLN D 345 55.30 -5.55 11.86
CA GLN D 345 56.54 -6.19 12.27
C GLN D 345 57.56 -5.15 12.70
N ARG D 346 57.64 -4.04 11.96
CA ARG D 346 58.58 -2.98 12.29
C ARG D 346 58.17 -2.25 13.56
N ALA D 347 56.87 -2.09 13.80
CA ALA D 347 56.43 -1.50 15.05
C ALA D 347 56.78 -2.40 16.22
N ASP D 348 56.48 -3.71 16.10
CA ASP D 348 56.80 -4.66 17.16
C ASP D 348 58.29 -4.67 17.45
N ALA D 349 59.12 -4.67 16.41
CA ALA D 349 60.56 -4.74 16.60
C ALA D 349 61.07 -3.52 17.34
N ALA D 350 60.46 -2.36 17.08
CA ALA D 350 60.83 -1.11 17.71
C ALA D 350 60.16 -0.90 19.06
N GLY D 351 59.32 -1.83 19.50
CA GLY D 351 58.63 -1.68 20.77
C GLY D 351 57.62 -0.56 20.81
N ILE D 352 56.91 -0.33 19.71
CA ILE D 352 55.87 0.70 19.62
C ILE D 352 54.52 0.00 19.62
N PRO D 353 53.65 0.25 20.61
CA PRO D 353 52.27 -0.25 20.53
C PRO D 353 51.60 0.21 19.25
N PHE D 354 51.01 -0.74 18.54
CA PHE D 354 50.57 -0.47 17.17
C PHE D 354 49.58 -1.53 16.76
N VAL D 355 48.54 -1.13 16.04
CA VAL D 355 47.54 -2.08 15.56
C VAL D 355 46.93 -1.50 14.29
N THR D 356 46.49 -2.39 13.40
CA THR D 356 45.96 -1.96 12.12
C THR D 356 44.55 -2.52 11.90
N THR D 357 43.85 -1.89 10.97
CA THR D 357 42.58 -2.39 10.46
C THR D 357 42.65 -2.42 8.95
N GLN D 358 41.80 -3.26 8.35
CA GLN D 358 41.78 -3.38 6.90
C GLN D 358 40.41 -3.85 6.42
N ALA D 359 39.97 -3.26 5.30
CA ALA D 359 38.84 -3.78 4.53
C ALA D 359 39.20 -3.54 3.07
N GLY D 360 39.63 -4.61 2.39
CA GLY D 360 40.00 -4.48 0.98
C GLY D 360 41.14 -3.48 0.81
N GLY D 361 40.91 -2.44 0.00
CA GLY D 361 41.91 -1.42 -0.25
C GLY D 361 41.82 -0.23 0.68
N MET D 362 41.17 -0.43 1.82
CA MET D 362 41.02 0.57 2.87
C MET D 362 41.76 0.08 4.11
N PHE D 363 42.46 0.97 4.81
CA PHE D 363 43.19 0.55 6.01
C PHE D 363 43.26 1.67 7.04
N GLY D 364 43.56 1.28 8.28
CA GLY D 364 43.81 2.23 9.34
C GLY D 364 45.03 1.87 10.15
N LEU D 365 45.77 2.88 10.61
CA LEU D 365 46.95 2.70 11.45
C LEU D 365 46.68 3.36 12.79
N TYR D 366 46.99 2.64 13.87
CA TYR D 366 46.70 3.10 15.23
C TYR D 366 47.90 2.91 16.14
N PHE D 367 48.23 3.94 16.89
CA PHE D 367 49.22 3.81 17.97
C PHE D 367 48.43 3.52 19.23
N SER D 368 48.25 2.22 19.50
CA SER D 368 47.33 1.77 20.52
C SER D 368 47.79 0.42 21.03
N GLY D 369 47.55 0.18 22.31
CA GLY D 369 47.77 -1.13 22.87
C GLY D 369 46.55 -2.04 22.84
N ALA D 370 45.45 -1.59 22.23
CA ALA D 370 44.27 -2.44 22.12
C ALA D 370 44.56 -3.63 21.21
N ASP D 371 43.89 -4.75 21.51
CA ASP D 371 44.00 -5.92 20.66
C ASP D 371 43.36 -5.70 19.29
N ALA D 372 42.28 -4.94 19.24
CA ALA D 372 41.62 -4.62 17.99
C ALA D 372 40.87 -3.31 18.16
N ILE D 373 40.66 -2.61 17.04
CA ILE D 373 39.93 -1.35 17.04
C ILE D 373 38.50 -1.66 16.63
N VAL D 374 37.56 -1.49 17.56
CA VAL D 374 36.16 -1.86 17.35
C VAL D 374 35.24 -0.68 17.55
N THR D 375 35.53 0.19 18.51
CA THR D 375 34.60 1.23 18.91
C THR D 375 35.22 2.61 18.71
N PHE D 376 34.35 3.61 18.67
CA PHE D 376 34.80 5.00 18.70
C PHE D 376 35.67 5.28 19.91
N GLU D 377 35.39 4.64 21.04
CA GLU D 377 36.24 4.85 22.22
C GLU D 377 37.63 4.29 21.99
N ASP D 378 37.74 3.14 21.31
CA ASP D 378 39.05 2.63 20.92
C ASP D 378 39.83 3.65 20.09
N VAL D 379 39.16 4.28 19.12
CA VAL D 379 39.84 5.25 18.27
C VAL D 379 40.30 6.44 19.09
N MET D 380 39.41 6.97 19.93
CA MET D 380 39.75 8.16 20.72
C MET D 380 40.82 7.87 21.76
N ALA D 381 40.94 6.63 22.20
CA ALA D 381 41.94 6.24 23.19
C ALA D 381 43.33 6.06 22.60
N SER D 382 43.46 6.07 21.29
CA SER D 382 44.76 5.85 20.67
C SER D 382 45.67 7.06 20.88
N ASP D 383 46.95 6.85 20.65
CA ASP D 383 47.97 7.86 20.91
C ASP D 383 48.00 8.81 19.71
N VAL D 384 47.11 9.81 19.76
CA VAL D 384 46.96 10.73 18.63
C VAL D 384 48.22 11.55 18.42
N GLU D 385 48.86 12.01 19.49
CA GLU D 385 50.06 12.82 19.29
C GLU D 385 51.17 12.01 18.64
N ARG D 386 51.27 10.72 18.95
CA ARG D 386 52.28 9.90 18.31
C ARG D 386 51.99 9.73 16.82
N PHE D 387 50.72 9.61 16.45
CA PHE D 387 50.39 9.57 15.04
C PHE D 387 50.89 10.82 14.33
N LYS D 388 50.64 11.99 14.91
CA LYS D 388 51.08 13.23 14.28
C LYS D 388 52.58 13.20 14.02
N ARG D 389 53.36 12.81 15.03
CA ARG D 389 54.81 12.72 14.83
C ARG D 389 55.14 11.69 13.75
N PHE D 390 54.45 10.55 13.77
CA PHE D 390 54.64 9.53 12.74
C PHE D 390 54.36 10.11 11.35
N PHE D 391 53.26 10.84 11.22
CA PHE D 391 52.92 11.44 9.92
C PHE D 391 54.08 12.25 9.36
N HIS D 392 54.66 13.11 10.19
CA HIS D 392 55.71 14.00 9.69
C HIS D 392 57.00 13.23 9.41
N LEU D 393 57.30 12.22 10.22
CA LEU D 393 58.46 11.38 9.95
C LEU D 393 58.29 10.62 8.65
N MET D 394 57.06 10.19 8.35
CA MET D 394 56.82 9.49 7.11
C MET D 394 56.91 10.43 5.92
N LEU D 395 56.43 11.67 6.07
CA LEU D 395 56.65 12.69 5.05
C LEU D 395 58.13 12.80 4.71
N ASP D 396 58.98 12.85 5.75
CA ASP D 396 60.42 12.93 5.52
C ASP D 396 60.92 11.76 4.69
N GLY D 397 60.34 10.59 4.88
CA GLY D 397 60.72 9.40 4.15
C GLY D 397 60.03 9.21 2.83
N GLY D 398 59.31 10.23 2.33
CA GLY D 398 58.69 10.14 1.02
C GLY D 398 57.34 9.44 0.99
N VAL D 399 56.59 9.48 2.09
CA VAL D 399 55.31 8.80 2.19
C VAL D 399 54.29 9.81 2.69
N TYR D 400 53.17 9.94 1.98
CA TYR D 400 52.10 10.85 2.34
C TYR D 400 50.90 10.04 2.84
N LEU D 401 50.78 9.93 4.17
CA LEU D 401 49.59 9.32 4.77
C LEU D 401 48.47 10.33 4.89
N ALA D 402 47.30 9.86 5.31
CA ALA D 402 46.21 10.78 5.60
C ALA D 402 46.65 11.75 6.70
N PRO D 403 46.52 13.07 6.49
CA PRO D 403 46.95 14.06 7.48
C PRO D 403 45.99 14.19 8.66
N SER D 404 45.64 13.06 9.26
CA SER D 404 44.75 13.03 10.42
C SER D 404 44.77 11.64 11.00
N ALA D 405 44.80 11.56 12.34
CA ALA D 405 44.64 10.29 13.02
C ALA D 405 43.23 9.74 12.89
N PHE D 406 42.30 10.51 12.30
CA PHE D 406 40.90 10.13 12.23
C PHE D 406 40.43 9.95 10.79
N GLU D 407 41.34 9.61 9.88
CA GLU D 407 41.00 9.36 8.48
C GLU D 407 41.62 8.03 8.03
N ALA D 408 40.84 7.23 7.31
CA ALA D 408 41.36 5.99 6.77
C ALA D 408 42.38 6.27 5.66
N GLY D 409 43.26 5.30 5.42
CA GLY D 409 44.16 5.34 4.30
C GLY D 409 43.68 4.45 3.17
N PHE D 410 44.22 4.68 1.98
CA PHE D 410 43.79 3.99 0.77
C PHE D 410 44.99 3.59 -0.08
N THR D 411 44.96 2.39 -0.61
CA THR D 411 45.98 1.93 -1.54
C THR D 411 45.43 1.96 -2.96
N SER D 412 46.33 1.91 -3.94
CA SER D 412 45.91 1.86 -5.34
C SER D 412 46.55 0.67 -6.03
N ILE D 413 46.02 0.34 -7.20
CA ILE D 413 46.57 -0.76 -7.99
C ILE D 413 47.95 -0.41 -8.51
N ALA D 414 48.30 0.88 -8.51
CA ALA D 414 49.63 1.33 -8.94
C ALA D 414 50.70 1.13 -7.87
N HIS D 415 50.33 0.87 -6.62
CA HIS D 415 51.31 0.60 -5.59
C HIS D 415 51.89 -0.80 -5.81
N GLY D 416 53.21 -0.88 -5.92
CA GLY D 416 53.85 -2.16 -6.16
C GLY D 416 55.05 -2.38 -5.25
N ASP D 417 55.97 -3.25 -5.67
CA ASP D 417 57.10 -3.61 -4.81
C ASP D 417 57.95 -2.39 -4.46
N LYS D 418 58.21 -1.51 -5.43
CA LYS D 418 59.03 -0.34 -5.16
C LYS D 418 58.36 0.56 -4.13
N GLU D 419 57.04 0.71 -4.23
CA GLU D 419 56.33 1.57 -3.29
C GLU D 419 56.27 0.93 -1.90
N LEU D 420 56.10 -0.38 -1.85
CA LEU D 420 56.08 -1.06 -0.56
C LEU D 420 57.42 -0.90 0.14
N GLU D 421 58.51 -1.05 -0.60
CA GLU D 421 59.85 -0.90 -0.04
C GLU D 421 60.06 0.51 0.53
N ILE D 422 59.73 1.53 -0.27
CA ILE D 422 59.80 2.91 0.22
C ILE D 422 58.97 3.08 1.49
N THR D 423 57.76 2.53 1.49
CA THR D 423 56.86 2.72 2.64
C THR D 423 57.42 2.03 3.88
N LEU D 424 57.87 0.78 3.74
CA LEU D 424 58.36 0.07 4.91
C LEU D 424 59.67 0.67 5.41
N ASN D 425 60.54 1.10 4.50
CA ASN D 425 61.81 1.68 4.92
C ASN D 425 61.57 2.99 5.66
N ALA D 426 60.64 3.81 5.18
CA ALA D 426 60.31 5.06 5.86
C ALA D 426 59.74 4.79 7.25
N ALA D 427 58.90 3.75 7.37
CA ALA D 427 58.31 3.43 8.68
C ALA D 427 59.35 2.93 9.65
N GLU D 428 60.30 2.12 9.17
CA GLU D 428 61.37 1.63 10.04
C GLU D 428 62.13 2.80 10.64
N LYS D 429 62.50 3.78 9.82
CA LYS D 429 63.17 4.97 10.33
C LYS D 429 62.27 5.77 11.26
N ALA D 430 60.97 5.83 10.96
CA ALA D 430 60.06 6.62 11.78
C ALA D 430 59.85 5.99 13.15
N PHE D 431 59.60 4.67 13.19
CA PHE D 431 59.43 3.97 14.46
C PHE D 431 60.68 4.12 15.32
N ALA D 432 61.86 4.06 14.70
CA ALA D 432 63.10 4.24 15.44
C ALA D 432 63.15 5.60 16.11
N ALA D 433 62.59 6.63 15.46
CA ALA D 433 62.71 7.99 15.98
C ALA D 433 61.67 8.30 17.04
N LEU D 434 60.62 7.49 17.18
CA LEU D 434 59.58 7.78 18.17
C LEU D 434 60.06 7.41 19.57
N MET E 9 14.45 -11.65 49.06
CA MET E 9 13.51 -12.55 48.39
C MET E 9 13.14 -12.03 47.00
N SER E 10 13.42 -12.84 45.99
CA SER E 10 13.27 -12.40 44.60
C SER E 10 11.80 -12.25 44.24
N ARG E 11 11.56 -11.59 43.10
CA ARG E 11 10.19 -11.46 42.61
C ARG E 11 9.61 -12.80 42.22
N SER E 12 10.43 -13.70 41.67
CA SER E 12 9.94 -15.04 41.35
C SER E 12 9.54 -15.80 42.61
N GLU E 13 10.36 -15.70 43.67
CA GLU E 13 10.04 -16.39 44.92
C GLU E 13 8.75 -15.84 45.51
N THR E 14 8.56 -14.53 45.44
CA THR E 14 7.32 -13.91 45.94
C THR E 14 6.12 -14.35 45.12
N LEU E 15 6.23 -14.33 43.79
CA LEU E 15 5.13 -14.80 42.95
C LEU E 15 4.82 -16.27 43.26
N PHE E 16 5.85 -17.09 43.45
CA PHE E 16 5.62 -18.51 43.72
C PHE E 16 4.85 -18.70 45.03
N ASN E 17 5.22 -17.94 46.06
CA ASN E 17 4.49 -18.03 47.32
CA ASN E 17 4.49 -18.01 47.33
C ASN E 17 3.05 -17.56 47.15
N ASN E 18 2.84 -16.44 46.44
CA ASN E 18 1.49 -15.95 46.22
C ASN E 18 0.67 -16.93 45.38
N ALA E 19 1.31 -17.65 44.45
CA ALA E 19 0.60 -18.59 43.59
C ALA E 19 0.08 -19.81 44.35
N GLN E 20 0.68 -20.14 45.51
CA GLN E 20 0.33 -21.37 46.24
C GLN E 20 -1.10 -21.36 46.74
N LYS E 21 -1.65 -20.16 46.98
CA LYS E 21 -2.95 -20.06 47.64
C LYS E 21 -4.06 -20.66 46.78
N HIS E 22 -4.10 -20.31 45.50
CA HIS E 22 -5.21 -20.74 44.67
C HIS E 22 -4.81 -21.68 43.54
N ILE E 23 -3.53 -21.84 43.24
CA ILE E 23 -3.08 -22.80 42.24
C ILE E 23 -2.38 -23.94 42.97
N PRO E 24 -2.81 -25.18 42.81
CA PRO E 24 -2.11 -26.29 43.48
C PRO E 24 -0.63 -26.31 43.13
N GLY E 25 0.21 -26.25 44.15
CA GLY E 25 1.64 -26.24 43.92
C GLY E 25 2.18 -24.98 43.31
N GLY E 26 1.34 -23.96 43.12
CA GLY E 26 1.77 -22.70 42.55
C GLY E 26 1.94 -22.70 41.05
N VAL E 27 1.61 -23.80 40.36
CA VAL E 27 1.85 -23.90 38.93
C VAL E 27 0.68 -24.60 38.27
N ASN E 28 0.40 -24.21 37.02
CA ASN E 28 -0.60 -24.90 36.22
C ASN E 28 -0.06 -26.13 35.55
N SER E 29 1.25 -26.21 35.37
CA SER E 29 1.87 -27.35 34.70
C SER E 29 2.77 -28.03 35.70
N PRO E 30 2.40 -29.22 36.20
CA PRO E 30 3.12 -29.83 37.34
C PRO E 30 4.65 -29.82 37.21
N VAL E 31 5.19 -30.10 36.03
CA VAL E 31 6.64 -30.09 35.87
C VAL E 31 7.24 -28.69 36.08
N ARG E 32 6.43 -27.63 35.97
CA ARG E 32 6.95 -26.27 36.04
C ARG E 32 7.24 -25.80 37.45
N ALA E 33 7.04 -26.63 38.48
CA ALA E 33 7.27 -26.24 39.86
C ALA E 33 8.69 -26.52 40.35
N PHE E 34 9.61 -26.84 39.44
CA PHE E 34 11.02 -27.13 39.72
C PHE E 34 11.20 -28.32 40.66
N LYS E 35 10.17 -29.16 40.82
CA LYS E 35 10.29 -30.29 41.73
C LYS E 35 11.32 -31.29 41.23
N SER E 36 11.52 -31.38 39.91
CA SER E 36 12.52 -32.30 39.39
CA SER E 36 12.52 -32.30 39.37
C SER E 36 13.93 -31.75 39.45
N VAL E 37 14.10 -30.44 39.67
CA VAL E 37 15.44 -29.88 39.87
C VAL E 37 15.60 -29.19 41.22
N GLY E 38 14.54 -29.04 42.00
CA GLY E 38 14.65 -28.39 43.29
C GLY E 38 14.63 -26.87 43.15
N GLY E 39 14.46 -26.22 44.30
CA GLY E 39 14.38 -24.78 44.34
C GLY E 39 12.99 -24.29 43.96
N THR E 40 12.88 -22.99 43.83
CA THR E 40 11.63 -22.40 43.40
CA THR E 40 11.62 -22.42 43.39
C THR E 40 11.69 -22.05 41.93
N PRO E 41 10.59 -22.17 41.19
CA PRO E 41 10.64 -21.92 39.75
C PRO E 41 10.78 -20.45 39.42
N LEU E 42 11.42 -20.19 38.27
CA LEU E 42 11.50 -18.85 37.73
C LEU E 42 10.19 -18.50 37.04
N PHE E 43 9.69 -17.31 37.30
CA PHE E 43 8.56 -16.75 36.55
C PHE E 43 9.13 -15.89 35.44
N PHE E 44 8.53 -15.99 34.25
CA PHE E 44 9.04 -15.27 33.09
C PHE E 44 8.06 -14.20 32.65
N LYS E 45 8.59 -13.13 32.08
CA LYS E 45 7.76 -12.01 31.67
C LYS E 45 8.03 -11.54 30.26
N HIS E 46 9.03 -12.09 29.58
CA HIS E 46 9.37 -11.62 28.25
C HIS E 46 10.27 -12.66 27.59
N ALA E 47 10.19 -12.75 26.27
CA ALA E 47 11.13 -13.60 25.57
C ALA E 47 11.34 -13.05 24.17
N GLU E 48 12.57 -13.19 23.67
CA GLU E 48 12.92 -12.65 22.38
C GLU E 48 14.07 -13.47 21.82
N GLY E 49 13.88 -13.98 20.60
CA GLY E 49 14.91 -14.79 19.97
C GLY E 49 15.30 -16.00 20.80
N ALA E 50 16.59 -16.09 21.10
CA ALA E 50 17.13 -17.22 21.84
C ALA E 50 17.07 -17.02 23.36
N TYR E 51 16.37 -15.98 23.84
CA TYR E 51 16.44 -15.59 25.24
C TYR E 51 15.08 -15.52 25.89
N VAL E 52 15.06 -15.75 27.20
CA VAL E 52 13.89 -15.54 28.04
C VAL E 52 14.32 -14.66 29.21
N LEU E 53 13.38 -13.87 29.73
CA LEU E 53 13.64 -12.87 30.76
C LEU E 53 12.77 -13.15 31.97
N ASP E 54 13.37 -13.31 33.14
CA ASP E 54 12.55 -13.63 34.30
C ASP E 54 12.07 -12.37 35.00
N GLU E 55 11.24 -12.56 36.02
CA GLU E 55 10.60 -11.42 36.69
C GLU E 55 11.59 -10.57 37.47
N ASP E 56 12.80 -11.06 37.69
CA ASP E 56 13.86 -10.31 38.32
C ASP E 56 14.81 -9.70 37.30
N ASP E 57 14.40 -9.64 36.04
CA ASP E 57 15.13 -9.02 34.94
C ASP E 57 16.45 -9.71 34.63
N LYS E 58 16.57 -11.00 34.92
CA LYS E 58 17.73 -11.74 34.44
C LYS E 58 17.38 -12.43 33.13
N ARG E 59 18.32 -12.39 32.19
CA ARG E 59 18.14 -12.93 30.85
C ARG E 59 18.91 -14.24 30.72
N TYR E 60 18.30 -15.22 30.07
CA TYR E 60 18.89 -16.55 29.93
C TYR E 60 18.83 -17.00 28.48
N VAL E 61 19.92 -17.63 28.01
CA VAL E 61 19.84 -18.39 26.77
C VAL E 61 18.90 -19.56 27.00
N ASP E 62 17.91 -19.70 26.13
CA ASP E 62 16.80 -20.63 26.33
C ASP E 62 17.02 -21.92 25.57
N TYR E 63 17.00 -23.06 26.27
CA TYR E 63 17.03 -24.36 25.61
C TYR E 63 15.76 -25.16 25.89
N VAL E 64 14.70 -24.47 26.30
CA VAL E 64 13.40 -25.09 26.43
C VAL E 64 12.50 -24.76 25.25
N GLY E 65 12.61 -23.54 24.73
CA GLY E 65 11.80 -23.13 23.59
C GLY E 65 10.32 -23.37 23.81
N SER E 66 9.84 -23.12 25.03
N SER E 66 9.84 -23.11 25.03
CA SER E 66 8.46 -23.41 25.42
CA SER E 66 8.46 -23.41 25.41
C SER E 66 8.13 -24.88 25.20
C SER E 66 8.13 -24.89 25.20
N TRP E 67 9.16 -25.74 25.27
CA TRP E 67 9.06 -27.20 25.17
C TRP E 67 8.84 -27.68 23.74
N GLY E 68 9.44 -26.98 22.76
CA GLY E 68 9.39 -27.46 21.40
C GLY E 68 8.94 -26.46 20.33
N PRO E 69 7.89 -25.68 20.58
CA PRO E 69 7.32 -24.90 19.47
C PRO E 69 8.21 -23.78 18.97
N MET E 70 9.08 -23.21 19.80
CA MET E 70 9.77 -21.98 19.41
C MET E 70 11.01 -22.24 18.58
N ILE E 71 10.90 -23.05 17.52
CA ILE E 71 12.07 -23.35 16.70
C ILE E 71 12.57 -22.12 15.97
N LEU E 72 11.72 -21.11 15.73
CA LEU E 72 12.21 -19.87 15.13
C LEU E 72 12.80 -18.90 16.15
N GLY E 73 12.91 -19.32 17.40
CA GLY E 73 13.18 -18.41 18.48
C GLY E 73 11.88 -17.77 18.95
N HIS E 74 11.97 -17.09 20.08
CA HIS E 74 10.79 -16.43 20.62
C HIS E 74 10.49 -15.15 19.85
N SER E 75 9.20 -14.82 19.76
CA SER E 75 8.76 -13.53 19.23
C SER E 75 9.35 -13.22 17.86
N HIS E 76 9.29 -14.19 16.96
CA HIS E 76 9.77 -13.95 15.60
C HIS E 76 8.92 -12.85 14.96
N PRO E 77 9.54 -11.81 14.37
CA PRO E 77 8.76 -10.65 13.93
C PRO E 77 7.70 -10.97 12.87
N ASP E 78 7.98 -11.85 11.92
CA ASP E 78 6.97 -12.21 10.94
C ASP E 78 5.81 -12.96 11.58
N VAL E 79 6.11 -13.80 12.58
CA VAL E 79 5.06 -14.55 13.26
C VAL E 79 4.19 -13.60 14.07
N LEU E 80 4.81 -12.69 14.83
CA LEU E 80 4.02 -11.73 15.60
C LEU E 80 3.20 -10.84 14.69
N ASP E 81 3.77 -10.42 13.55
CA ASP E 81 3.02 -9.59 12.61
C ASP E 81 1.81 -10.34 12.05
N ALA E 82 1.98 -11.63 11.75
CA ALA E 82 0.85 -12.42 11.27
C ALA E 82 -0.27 -12.48 12.30
N VAL E 83 0.08 -12.67 13.58
CA VAL E 83 -0.95 -12.72 14.61
C VAL E 83 -1.60 -11.36 14.79
N ARG E 84 -0.79 -10.29 14.78
CA ARG E 84 -1.36 -8.94 14.91
C ARG E 84 -2.36 -8.64 13.82
N ARG E 85 -2.03 -9.00 12.57
CA ARG E 85 -2.95 -8.72 11.46
C ARG E 85 -4.22 -9.54 11.59
N GLN E 86 -4.10 -10.82 11.92
CA GLN E 86 -5.26 -11.68 12.03
C GLN E 86 -6.17 -11.22 13.15
N LEU E 87 -5.59 -10.69 14.22
CA LEU E 87 -6.34 -10.22 15.37
C LEU E 87 -7.42 -9.21 15.00
N ASP E 88 -7.18 -8.39 13.98
CA ASP E 88 -8.15 -7.39 13.54
C ASP E 88 -9.49 -8.00 13.14
N HIS E 89 -9.54 -9.31 12.88
CA HIS E 89 -10.76 -9.98 12.45
C HIS E 89 -11.48 -10.70 13.58
N GLY E 90 -10.92 -10.69 14.79
CA GLY E 90 -11.55 -11.28 15.94
C GLY E 90 -10.81 -12.48 16.51
N LEU E 91 -10.98 -12.76 17.80
CA LEU E 91 -10.29 -13.90 18.43
C LEU E 91 -10.91 -15.22 17.99
N SER E 92 -12.22 -15.24 17.74
CA SER E 92 -12.83 -16.42 17.14
C SER E 92 -14.05 -15.91 16.38
N TYR E 93 -13.89 -15.78 15.07
CA TYR E 93 -14.95 -15.31 14.19
C TYR E 93 -15.78 -16.46 13.64
N GLY E 94 -15.78 -17.60 14.32
CA GLY E 94 -16.75 -18.66 14.08
C GLY E 94 -16.22 -19.77 13.20
N ALA E 95 -17.13 -20.77 13.02
CA ALA E 95 -17.26 -21.94 12.12
C ALA E 95 -16.03 -22.28 11.28
N PRO E 96 -16.10 -23.02 10.17
CA PRO E 96 -14.85 -23.30 9.46
C PRO E 96 -14.31 -22.04 8.81
N THR E 97 -13.00 -22.04 8.60
CA THR E 97 -12.33 -20.87 8.05
C THR E 97 -11.37 -21.30 6.95
N ALA E 98 -11.05 -20.34 6.08
CA ALA E 98 -10.08 -20.59 5.02
C ALA E 98 -8.72 -20.95 5.60
N LEU E 99 -8.35 -20.32 6.73
CA LEU E 99 -7.04 -20.61 7.33
C LEU E 99 -6.90 -22.09 7.67
N GLU E 100 -7.98 -22.70 8.14
CA GLU E 100 -7.92 -24.13 8.45
C GLU E 100 -7.68 -24.96 7.20
N VAL E 101 -8.27 -24.57 6.06
CA VAL E 101 -8.03 -25.31 4.84
C VAL E 101 -6.58 -25.15 4.41
N GLU E 102 -6.07 -23.92 4.50
CA GLU E 102 -4.68 -23.65 4.15
C GLU E 102 -3.73 -24.47 5.01
N MET E 103 -4.00 -24.56 6.31
CA MET E 103 -3.15 -25.32 7.21
C MET E 103 -3.20 -26.81 6.90
N ALA E 104 -4.40 -27.36 6.69
CA ALA E 104 -4.49 -28.78 6.39
C ALA E 104 -3.74 -29.12 5.10
N ASP E 105 -3.91 -28.31 4.06
CA ASP E 105 -3.16 -28.57 2.82
C ASP E 105 -1.65 -28.49 3.05
N LEU E 106 -1.21 -27.53 3.85
CA LEU E 106 0.23 -27.32 4.03
C LEU E 106 0.85 -28.48 4.80
N VAL E 107 0.22 -28.88 5.89
CA VAL E 107 0.76 -29.99 6.70
C VAL E 107 0.80 -31.28 5.89
N CYS E 108 -0.27 -31.56 5.13
CA CYS E 108 -0.28 -32.79 4.36
C CYS E 108 0.71 -32.75 3.21
N SER E 109 1.08 -31.56 2.74
CA SER E 109 2.11 -31.47 1.72
CA SER E 109 2.12 -31.44 1.73
C SER E 109 3.51 -31.68 2.30
N MET E 110 3.73 -31.30 3.55
CA MET E 110 5.03 -31.41 4.20
C MET E 110 5.28 -32.78 4.82
N VAL E 111 4.23 -33.50 5.17
CA VAL E 111 4.33 -34.81 5.81
C VAL E 111 3.49 -35.79 4.99
N PRO E 112 4.08 -36.43 3.99
CA PRO E 112 3.30 -37.27 3.05
C PRO E 112 2.47 -38.38 3.69
N SER E 113 2.84 -38.86 4.88
CA SER E 113 2.01 -39.87 5.53
C SER E 113 0.64 -39.33 5.89
N MET E 114 0.52 -38.01 6.05
CA MET E 114 -0.74 -37.36 6.38
C MET E 114 -1.53 -37.17 5.09
N GLU E 115 -2.44 -38.11 4.83
CA GLU E 115 -3.34 -37.97 3.69
C GLU E 115 -4.55 -37.13 4.08
N MET E 116 -4.98 -37.23 5.34
CA MET E 116 -5.97 -36.32 5.90
C MET E 116 -5.51 -35.96 7.30
N VAL E 117 -5.97 -34.81 7.80
CA VAL E 117 -5.52 -34.33 9.10
C VAL E 117 -6.67 -33.61 9.80
N ARG E 118 -6.68 -33.67 11.14
CA ARG E 118 -7.61 -32.94 11.97
C ARG E 118 -6.86 -32.10 12.99
N MET E 119 -7.33 -30.86 13.20
CA MET E 119 -6.78 -30.00 14.26
C MET E 119 -7.63 -30.15 15.51
N VAL E 120 -6.97 -30.26 16.66
CA VAL E 120 -7.67 -30.33 17.96
C VAL E 120 -7.00 -29.37 18.93
N SER E 121 -7.40 -29.38 20.21
CA SER E 121 -6.87 -28.38 21.13
CA SER E 121 -6.85 -28.37 21.10
C SER E 121 -5.51 -28.75 21.71
N SER E 122 -5.14 -30.03 21.72
CA SER E 122 -3.92 -30.43 22.42
C SER E 122 -3.40 -31.75 21.87
N GLY E 123 -2.13 -32.02 22.20
CA GLY E 123 -1.56 -33.32 21.87
C GLY E 123 -2.23 -34.45 22.61
N THR E 124 -2.67 -34.20 23.84
CA THR E 124 -3.39 -35.23 24.61
C THR E 124 -4.65 -35.67 23.87
N GLU E 125 -5.41 -34.70 23.37
CA GLU E 125 -6.62 -35.04 22.62
C GLU E 125 -6.28 -35.69 21.28
N ALA E 126 -5.17 -35.30 20.66
CA ALA E 126 -4.76 -35.92 19.41
C ALA E 126 -4.45 -37.40 19.63
N THR E 127 -3.76 -37.73 20.72
CA THR E 127 -3.51 -39.11 21.07
C THR E 127 -4.81 -39.88 21.26
N MET E 128 -5.75 -39.30 22.02
CA MET E 128 -7.02 -40.00 22.29
C MET E 128 -7.72 -40.33 20.99
N SER E 129 -7.76 -39.38 20.07
CA SER E 129 -8.44 -39.59 18.80
C SER E 129 -7.72 -40.63 17.95
N ALA E 130 -6.39 -40.58 17.91
CA ALA E 130 -5.66 -41.50 17.06
C ALA E 130 -5.81 -42.93 17.54
N ILE E 131 -5.72 -43.15 18.85
CA ILE E 131 -5.86 -44.51 19.38
C ILE E 131 -7.27 -45.03 19.14
N ARG E 132 -8.28 -44.17 19.36
CA ARG E 132 -9.66 -44.55 19.12
C ARG E 132 -9.88 -44.93 17.65
N LEU E 133 -9.29 -44.16 16.72
CA LEU E 133 -9.39 -44.50 15.31
C LEU E 133 -8.76 -45.86 15.03
N ALA E 134 -7.60 -46.13 15.63
CA ALA E 134 -6.95 -47.42 15.42
C ALA E 134 -7.80 -48.55 15.98
N ARG E 135 -8.41 -48.34 17.15
CA ARG E 135 -9.31 -49.36 17.69
C ARG E 135 -10.50 -49.57 16.77
N GLY E 136 -11.09 -48.49 16.25
CA GLY E 136 -12.21 -48.64 15.34
C GLY E 136 -11.82 -49.32 14.05
N TYR E 137 -10.64 -48.98 13.52
CA TYR E 137 -10.22 -49.50 12.22
C TYR E 137 -9.94 -50.99 12.27
N THR E 138 -9.36 -51.46 13.38
CA THR E 138 -8.94 -52.86 13.50
C THR E 138 -9.97 -53.74 14.17
N GLY E 139 -10.93 -53.14 14.88
CA GLY E 139 -11.79 -53.91 15.75
C GLY E 139 -11.09 -54.55 16.92
N ARG E 140 -9.93 -54.04 17.34
CA ARG E 140 -9.19 -54.59 18.46
C ARG E 140 -9.13 -53.57 19.58
N ASP E 141 -8.92 -54.06 20.81
CA ASP E 141 -9.01 -53.20 21.98
C ASP E 141 -7.69 -52.81 22.62
N SER E 142 -6.62 -53.56 22.42
CA SER E 142 -5.42 -53.31 23.20
C SER E 142 -4.41 -52.47 22.44
N ILE E 143 -3.53 -51.82 23.20
CA ILE E 143 -2.48 -51.01 22.61
C ILE E 143 -1.14 -51.40 23.23
N ILE E 144 -0.08 -51.07 22.52
CA ILE E 144 1.29 -51.17 23.04
C ILE E 144 1.85 -49.77 23.12
N LYS E 145 2.35 -49.39 24.29
CA LYS E 145 3.16 -48.20 24.47
C LYS E 145 4.48 -48.62 25.09
N PHE E 146 5.42 -47.68 25.20
CA PHE E 146 6.76 -47.97 25.70
C PHE E 146 7.03 -47.20 26.98
N GLU E 147 7.73 -47.85 27.91
CA GLU E 147 8.04 -47.19 29.17
C GLU E 147 8.95 -45.99 28.94
N GLY E 148 8.60 -44.87 29.56
CA GLY E 148 9.32 -43.64 29.37
C GLY E 148 8.70 -42.70 28.36
N CYS E 149 7.81 -43.19 27.50
CA CYS E 149 7.16 -42.33 26.51
C CYS E 149 5.94 -41.67 27.12
N TYR E 150 5.64 -40.45 26.63
CA TYR E 150 4.51 -39.66 27.12
C TYR E 150 3.63 -39.27 25.94
N HIS E 151 2.34 -39.57 26.04
CA HIS E 151 1.39 -39.26 24.99
C HIS E 151 0.18 -38.50 25.52
N GLY E 152 0.28 -37.95 26.71
CA GLY E 152 -0.85 -37.33 27.36
C GLY E 152 -1.34 -38.18 28.52
N HIS E 153 -1.96 -37.51 29.50
CA HIS E 153 -2.42 -38.21 30.69
C HIS E 153 -3.90 -38.54 30.59
N SER E 154 -4.23 -39.38 29.61
CA SER E 154 -5.55 -40.00 29.58
C SER E 154 -5.50 -41.33 30.33
N ASP E 155 -6.66 -41.77 30.83
CA ASP E 155 -6.70 -42.86 31.80
C ASP E 155 -6.01 -44.12 31.30
N SER E 156 -6.23 -44.50 30.05
CA SER E 156 -5.68 -45.76 29.56
C SER E 156 -4.17 -45.70 29.36
N LEU E 157 -3.55 -44.52 29.50
CA LEU E 157 -2.10 -44.41 29.45
C LEU E 157 -1.47 -44.23 30.82
N LEU E 158 -2.27 -44.05 31.87
CA LEU E 158 -1.76 -43.93 33.24
C LEU E 158 -1.63 -45.34 33.83
N VAL E 159 -0.71 -46.11 33.26
CA VAL E 159 -0.64 -47.53 33.55
CA VAL E 159 -0.65 -47.54 33.48
C VAL E 159 0.82 -47.96 33.63
N LYS E 160 1.03 -49.08 34.31
CA LYS E 160 2.32 -49.75 34.30
C LYS E 160 2.08 -51.22 33.95
N ALA E 161 3.15 -51.94 33.68
CA ALA E 161 3.00 -53.36 33.33
C ALA E 161 2.41 -54.14 34.50
N GLY E 162 1.46 -55.03 34.20
CA GLY E 162 0.88 -55.87 35.23
C GLY E 162 1.72 -57.10 35.52
N SER E 163 1.58 -57.61 36.75
CA SER E 163 2.30 -58.82 37.16
C SER E 163 1.69 -60.06 36.51
N THR E 167 -4.15 -59.87 32.61
CA THR E 167 -4.11 -58.43 32.84
C THR E 167 -2.84 -57.83 32.24
N PHE E 168 -3.01 -57.02 31.19
CA PHE E 168 -1.87 -56.42 30.50
C PHE E 168 -1.25 -55.29 31.29
N GLY E 169 -2.07 -54.44 31.90
CA GLY E 169 -1.57 -53.32 32.67
C GLY E 169 -2.41 -53.07 33.90
N VAL E 170 -1.82 -52.31 34.83
CA VAL E 170 -2.54 -51.86 36.03
C VAL E 170 -2.31 -50.37 36.18
N PRO E 171 -3.22 -49.67 36.88
CA PRO E 171 -3.10 -48.22 37.00
C PRO E 171 -1.82 -47.84 37.73
N ASN E 172 -1.20 -46.73 37.31
CA ASN E 172 0.05 -46.29 37.91
C ASN E 172 -0.14 -45.15 38.91
N SER E 173 -1.38 -44.76 39.19
CA SER E 173 -1.66 -43.60 40.01
C SER E 173 -3.14 -43.65 40.42
N PRO E 174 -3.53 -42.88 41.42
CA PRO E 174 -4.92 -42.93 41.89
C PRO E 174 -5.90 -42.33 40.89
N GLY E 175 -7.16 -42.71 41.06
CA GLY E 175 -8.23 -42.13 40.27
C GLY E 175 -8.48 -42.79 38.94
N VAL E 176 -7.78 -43.88 38.65
CA VAL E 176 -7.85 -44.59 37.38
C VAL E 176 -8.35 -46.01 37.65
N PRO E 177 -9.55 -46.36 37.19
CA PRO E 177 -10.07 -47.71 37.47
C PRO E 177 -9.19 -48.78 36.84
N ALA E 178 -9.11 -49.93 37.52
CA ALA E 178 -8.30 -51.03 37.01
C ALA E 178 -8.75 -51.46 35.62
N ALA E 179 -10.05 -51.38 35.35
CA ALA E 179 -10.59 -51.79 34.06
C ALA E 179 -10.02 -50.95 32.93
N PHE E 180 -9.72 -49.69 33.21
CA PHE E 180 -9.20 -48.79 32.18
C PHE E 180 -7.74 -49.06 31.86
N ALA E 181 -7.06 -49.91 32.62
CA ALA E 181 -5.65 -50.19 32.42
C ALA E 181 -5.40 -51.53 31.74
N LYS E 182 -6.39 -52.40 31.67
CA LYS E 182 -6.13 -53.79 31.31
C LYS E 182 -5.90 -54.00 29.82
N HIS E 183 -6.16 -52.98 28.99
CA HIS E 183 -5.93 -53.06 27.56
C HIS E 183 -4.65 -52.36 27.12
N THR E 184 -3.77 -51.97 28.05
CA THR E 184 -2.56 -51.25 27.69
C THR E 184 -1.34 -52.06 28.09
N LEU E 185 -0.55 -52.44 27.08
CA LEU E 185 0.70 -53.15 27.27
C LEU E 185 1.84 -52.16 27.28
N THR E 186 2.78 -52.32 28.21
CA THR E 186 3.94 -51.45 28.32
C THR E 186 5.20 -52.25 28.05
N LEU E 187 5.93 -51.87 27.01
CA LEU E 187 7.14 -52.59 26.58
C LEU E 187 8.36 -51.67 26.67
N PRO E 188 9.58 -52.22 26.59
CA PRO E 188 10.76 -51.37 26.70
C PRO E 188 11.06 -50.65 25.39
N PHE E 189 11.24 -49.34 25.47
CA PHE E 189 11.68 -48.57 24.31
C PHE E 189 12.97 -49.15 23.75
N ASN E 190 13.07 -49.17 22.43
CA ASN E 190 14.22 -49.64 21.66
C ASN E 190 14.45 -51.14 21.77
N ASP E 191 13.48 -51.91 22.25
CA ASP E 191 13.61 -53.37 22.38
C ASP E 191 12.68 -54.01 21.36
N ILE E 192 13.17 -54.18 20.13
CA ILE E 192 12.28 -54.69 19.07
C ILE E 192 11.93 -56.16 19.32
N GLU E 193 12.81 -56.92 19.98
CA GLU E 193 12.50 -58.34 20.19
C GLU E 193 11.35 -58.51 21.17
N ALA E 194 11.25 -57.64 22.17
CA ALA E 194 10.11 -57.71 23.09
C ALA E 194 8.81 -57.42 22.36
N VAL E 195 8.84 -56.49 21.39
CA VAL E 195 7.66 -56.18 20.60
C VAL E 195 7.28 -57.39 19.75
N ARG E 196 8.26 -58.01 19.10
CA ARG E 196 7.96 -59.16 18.27
C ARG E 196 7.39 -60.31 19.09
N LYS E 197 7.95 -60.53 20.29
CA LYS E 197 7.46 -61.61 21.15
C LYS E 197 6.04 -61.34 21.62
N THR E 198 5.74 -60.10 22.04
CA THR E 198 4.40 -59.76 22.50
C THR E 198 3.38 -59.92 21.38
N LEU E 199 3.68 -59.39 20.18
CA LEU E 199 2.75 -59.54 19.07
C LEU E 199 2.59 -61.00 18.67
N GLY E 200 3.66 -61.80 18.80
CA GLY E 200 3.52 -63.22 18.56
C GLY E 200 2.54 -63.89 19.50
N GLU E 201 2.39 -63.34 20.71
CA GLU E 201 1.51 -63.91 21.72
C GLU E 201 0.09 -63.36 21.66
N VAL E 202 -0.07 -62.04 21.48
CA VAL E 202 -1.40 -61.43 21.60
C VAL E 202 -1.66 -60.42 20.49
N GLY E 203 -0.96 -60.57 19.36
CA GLY E 203 -1.07 -59.59 18.29
C GLY E 203 -2.47 -59.38 17.77
N LYS E 204 -3.29 -60.45 17.75
CA LYS E 204 -4.68 -60.30 17.32
C LYS E 204 -5.50 -59.40 18.22
N GLU E 205 -4.99 -59.07 19.40
CA GLU E 205 -5.67 -58.18 20.32
C GLU E 205 -5.20 -56.73 20.24
N VAL E 206 -4.16 -56.46 19.46
CA VAL E 206 -3.44 -55.18 19.55
C VAL E 206 -3.90 -54.28 18.40
N ALA E 207 -4.57 -53.18 18.73
CA ALA E 207 -5.01 -52.23 17.71
C ALA E 207 -3.85 -51.39 17.19
N CYS E 208 -2.95 -50.98 18.07
CA CYS E 208 -1.92 -50.03 17.64
C CYS E 208 -0.71 -50.13 18.54
N ILE E 209 0.43 -49.75 17.97
CA ILE E 209 1.62 -49.40 18.70
C ILE E 209 1.78 -47.89 18.59
N ILE E 210 1.92 -47.22 19.72
CA ILE E 210 2.18 -45.79 19.72
C ILE E 210 3.56 -45.56 20.30
N VAL E 211 4.31 -44.65 19.69
CA VAL E 211 5.69 -44.44 20.09
C VAL E 211 6.11 -43.02 19.72
N GLU E 212 6.90 -42.40 20.59
CA GLU E 212 7.67 -41.22 20.18
C GLU E 212 8.86 -41.71 19.38
N PRO E 213 8.96 -41.37 18.08
CA PRO E 213 10.08 -41.92 17.26
C PRO E 213 11.44 -41.57 17.83
N VAL E 214 11.57 -40.37 18.39
CA VAL E 214 12.64 -40.01 19.29
C VAL E 214 11.98 -39.71 20.63
N ALA E 215 12.38 -40.43 21.68
CA ALA E 215 11.77 -40.14 22.98
C ALA E 215 12.25 -38.78 23.47
N GLY E 216 11.33 -38.01 24.03
CA GLY E 216 11.65 -36.67 24.49
C GLY E 216 11.24 -36.43 25.92
N ASN E 217 10.52 -37.38 26.52
CA ASN E 217 9.97 -37.22 27.87
C ASN E 217 10.58 -38.21 28.86
N MET E 218 11.71 -38.80 28.50
CA MET E 218 12.64 -39.45 29.42
C MET E 218 14.05 -38.96 29.10
N ASN E 219 14.18 -37.64 28.97
CA ASN E 219 15.26 -36.96 28.27
C ASN E 219 15.18 -37.35 26.80
N CYS E 220 16.18 -37.01 25.99
CA CYS E 220 16.15 -37.28 24.56
C CYS E 220 16.80 -38.65 24.29
N VAL E 221 16.00 -39.60 23.78
CA VAL E 221 16.52 -40.93 23.47
C VAL E 221 16.21 -41.27 22.01
N PRO E 222 17.17 -41.13 21.10
CA PRO E 222 16.93 -41.49 19.69
C PRO E 222 16.67 -42.97 19.52
N PRO E 223 16.03 -43.37 18.42
CA PRO E 223 15.77 -44.80 18.21
C PRO E 223 17.05 -45.56 17.88
N ALA E 224 17.15 -46.79 18.38
CA ALA E 224 18.28 -47.65 18.05
C ALA E 224 18.17 -48.14 16.61
N PRO E 225 19.29 -48.51 15.99
CA PRO E 225 19.24 -49.06 14.63
C PRO E 225 18.25 -50.22 14.55
N GLY E 226 17.40 -50.18 13.52
CA GLY E 226 16.42 -51.20 13.27
C GLY E 226 15.14 -51.10 14.06
N PHE E 227 15.08 -50.24 15.07
CA PHE E 227 13.91 -50.23 15.95
C PHE E 227 12.65 -49.77 15.23
N LEU E 228 12.67 -48.57 14.64
CA LEU E 228 11.45 -48.08 14.00
C LEU E 228 11.12 -48.89 12.77
N GLU E 229 12.14 -49.33 12.02
CA GLU E 229 11.93 -50.24 10.91
C GLU E 229 11.25 -51.53 11.38
N GLY E 230 11.70 -52.06 12.52
CA GLY E 230 11.09 -53.25 13.07
C GLY E 230 9.65 -53.05 13.48
N LEU E 231 9.33 -51.89 14.05
CA LEU E 231 7.95 -51.58 14.40
C LEU E 231 7.08 -51.59 13.14
N ARG E 232 7.57 -51.00 12.06
CA ARG E 232 6.81 -50.95 10.82
C ARG E 232 6.56 -52.36 10.28
N GLU E 233 7.61 -53.18 10.24
CA GLU E 233 7.48 -54.54 9.71
C GLU E 233 6.57 -55.39 10.57
N ALA E 234 6.69 -55.26 11.90
CA ALA E 234 5.85 -56.05 12.79
C ALA E 234 4.40 -55.60 12.72
N CYS E 235 4.16 -54.30 12.63
CA CYS E 235 2.79 -53.85 12.47
C CYS E 235 2.22 -54.34 11.14
N ASP E 236 3.01 -54.29 10.07
CA ASP E 236 2.55 -54.82 8.80
C ASP E 236 2.16 -56.29 8.95
N GLU E 237 3.01 -57.07 9.62
CA GLU E 237 2.78 -58.51 9.71
C GLU E 237 1.51 -58.83 10.49
N HIS E 238 1.22 -58.05 11.54
CA HIS E 238 0.16 -58.38 12.48
C HIS E 238 -1.10 -57.55 12.30
N GLY E 239 -1.15 -56.69 11.28
CA GLY E 239 -2.32 -55.86 11.05
C GLY E 239 -2.53 -54.77 12.08
N VAL E 240 -1.45 -54.25 12.66
CA VAL E 240 -1.50 -53.28 13.75
C VAL E 240 -1.27 -51.89 13.18
N VAL E 241 -1.96 -50.88 13.73
CA VAL E 241 -1.77 -49.51 13.29
C VAL E 241 -0.55 -48.93 13.99
N LEU E 242 0.41 -48.41 13.22
CA LEU E 242 1.59 -47.78 13.82
C LEU E 242 1.35 -46.27 13.97
N ILE E 243 1.43 -45.78 15.21
CA ILE E 243 1.18 -44.36 15.50
C ILE E 243 2.49 -43.74 15.97
N PHE E 244 2.92 -42.67 15.29
CA PHE E 244 4.07 -41.89 15.71
C PHE E 244 3.59 -40.64 16.45
N ASP E 245 4.05 -40.46 17.68
CA ASP E 245 3.78 -39.25 18.43
C ASP E 245 4.88 -38.25 18.10
N GLU E 246 4.59 -37.29 17.23
CA GLU E 246 5.58 -36.29 16.80
C GLU E 246 5.27 -34.93 17.38
N VAL E 247 4.65 -34.88 18.56
CA VAL E 247 4.33 -33.60 19.18
C VAL E 247 5.60 -32.79 19.44
N MET E 248 6.69 -33.47 19.86
CA MET E 248 7.99 -32.82 20.02
C MET E 248 8.89 -32.94 18.78
N THR E 249 8.88 -34.08 18.11
CA THR E 249 9.82 -34.29 17.00
C THR E 249 9.34 -33.64 15.72
N GLY E 250 8.03 -33.42 15.57
CA GLY E 250 7.46 -32.90 14.34
C GLY E 250 8.04 -31.55 13.98
N PHE E 251 8.50 -31.42 12.73
CA PHE E 251 9.07 -30.19 12.19
C PHE E 251 10.33 -29.74 12.90
N ARG E 252 10.94 -30.61 13.69
CA ARG E 252 12.09 -30.23 14.51
C ARG E 252 13.28 -31.15 14.31
N VAL E 253 13.04 -32.47 14.33
CA VAL E 253 14.11 -33.40 13.99
C VAL E 253 14.50 -33.20 12.54
N ALA E 254 13.54 -32.81 11.71
CA ALA E 254 13.68 -32.54 10.29
C ALA E 254 12.37 -31.89 9.85
N LEU E 255 12.37 -31.30 8.66
CA LEU E 255 11.16 -30.62 8.19
C LEU E 255 9.97 -31.59 8.16
N GLY E 256 10.21 -32.81 7.69
CA GLY E 256 9.16 -33.79 7.62
C GLY E 256 9.09 -34.64 8.87
N GLY E 257 9.72 -34.16 9.95
CA GLY E 257 9.64 -34.85 11.23
C GLY E 257 10.60 -36.04 11.32
N ALA E 258 10.49 -36.75 12.44
CA ALA E 258 11.33 -37.93 12.64
C ALA E 258 11.02 -39.00 11.60
N GLN E 259 9.76 -39.12 11.18
CA GLN E 259 9.45 -40.12 10.17
C GLN E 259 10.21 -39.86 8.88
N ALA E 260 10.38 -38.59 8.49
CA ALA E 260 11.22 -38.28 7.34
C ALA E 260 12.69 -38.53 7.63
N TYR E 261 13.14 -38.13 8.81
CA TYR E 261 14.55 -38.25 9.16
C TYR E 261 15.01 -39.71 9.16
N TYR E 262 14.22 -40.59 9.77
CA TYR E 262 14.57 -42.01 9.84
C TYR E 262 13.96 -42.83 8.72
N GLY E 263 13.13 -42.22 7.88
CA GLY E 263 12.59 -42.89 6.71
C GLY E 263 11.66 -44.04 7.02
N VAL E 264 10.79 -43.88 8.02
CA VAL E 264 9.80 -44.90 8.36
C VAL E 264 8.43 -44.24 8.36
N THR E 265 7.48 -44.85 7.64
CA THR E 265 6.17 -44.22 7.42
C THR E 265 5.16 -44.80 8.42
N PRO E 266 4.60 -43.98 9.31
CA PRO E 266 3.55 -44.49 10.22
C PRO E 266 2.19 -44.41 9.56
N ASP E 267 1.21 -45.09 10.19
CA ASP E 267 -0.16 -45.06 9.70
C ASP E 267 -0.91 -43.85 10.19
N LEU E 268 -0.57 -43.39 11.40
CA LEU E 268 -1.13 -42.19 11.99
C LEU E 268 0.00 -41.46 12.69
N SER E 269 -0.15 -40.14 12.83
CA SER E 269 0.81 -39.30 13.51
C SER E 269 0.07 -38.28 14.35
N THR E 270 0.66 -37.87 15.46
CA THR E 270 0.16 -36.73 16.20
C THR E 270 1.21 -35.63 16.14
N PHE E 271 0.73 -34.40 16.12
CA PHE E 271 1.60 -33.23 16.03
C PHE E 271 1.10 -32.21 17.05
N GLY E 272 1.96 -31.27 17.39
N GLY E 272 2.04 -31.37 17.49
CA GLY E 272 1.49 -30.20 18.22
CA GLY E 272 1.82 -30.50 18.62
C GLY E 272 2.46 -29.05 18.19
C GLY E 272 1.88 -29.03 18.29
N LYS E 273 2.29 -28.15 19.15
N LYS E 273 2.68 -28.26 19.01
CA LYS E 273 3.28 -27.11 19.41
CA LYS E 273 2.55 -26.80 18.95
C LYS E 273 3.55 -26.27 18.17
C LYS E 273 3.47 -26.10 17.96
N ILE E 274 4.47 -26.76 17.33
CA ILE E 274 5.11 -26.01 16.25
C ILE E 274 4.08 -25.61 15.21
N ILE E 275 3.08 -26.46 14.96
CA ILE E 275 2.09 -26.14 13.95
C ILE E 275 1.15 -25.01 14.37
N GLY E 276 1.19 -24.59 15.63
CA GLY E 276 0.51 -23.39 16.04
C GLY E 276 1.43 -22.21 16.25
N GLY E 277 2.70 -22.31 15.81
CA GLY E 277 3.66 -21.25 15.99
C GLY E 277 4.00 -20.94 17.43
N GLY E 278 3.54 -21.77 18.37
CA GLY E 278 3.63 -21.49 19.79
C GLY E 278 2.31 -21.38 20.48
N MET E 279 1.28 -21.22 19.78
CA MET E 279 -0.05 -21.16 20.37
CA MET E 279 0.00 -21.17 20.44
C MET E 279 -0.58 -22.57 20.60
N PRO E 280 -1.45 -22.75 21.59
CA PRO E 280 -2.00 -24.09 21.87
C PRO E 280 -2.77 -24.65 20.69
N VAL E 281 -2.41 -25.88 20.30
CA VAL E 281 -3.09 -26.60 19.23
C VAL E 281 -2.52 -28.01 19.22
N GLY E 282 -3.27 -28.94 18.65
CA GLY E 282 -2.76 -30.28 18.40
C GLY E 282 -3.34 -30.78 17.10
N ALA E 283 -2.77 -31.88 16.58
CA ALA E 283 -3.31 -32.43 15.35
C ALA E 283 -3.06 -33.92 15.28
N PHE E 284 -3.93 -34.62 14.56
CA PHE E 284 -3.69 -36.02 14.25
C PHE E 284 -4.05 -36.27 12.79
N GLY E 285 -3.30 -37.16 12.16
CA GLY E 285 -3.58 -37.42 10.76
C GLY E 285 -2.80 -38.62 10.29
N GLY E 286 -3.10 -39.03 9.05
CA GLY E 286 -2.40 -40.16 8.46
C GLY E 286 -3.19 -40.79 7.33
N LYS E 287 -3.15 -42.13 7.29
CA LYS E 287 -3.73 -42.89 6.19
C LYS E 287 -5.21 -42.57 6.01
N ARG E 288 -5.60 -42.30 4.75
CA ARG E 288 -6.95 -41.83 4.47
CA ARG E 288 -6.94 -41.84 4.45
C ARG E 288 -7.99 -42.85 4.93
N GLU E 289 -7.76 -44.15 4.70
CA GLU E 289 -8.73 -45.17 5.07
C GLU E 289 -9.00 -45.19 6.56
N ILE E 290 -8.00 -44.84 7.37
CA ILE E 290 -8.18 -44.80 8.82
C ILE E 290 -8.87 -43.51 9.22
N MET E 291 -8.41 -42.37 8.69
CA MET E 291 -8.94 -41.07 9.08
C MET E 291 -10.40 -40.90 8.68
N GLN E 292 -10.84 -41.52 7.57
CA GLN E 292 -12.21 -41.34 7.11
CA GLN E 292 -12.21 -41.33 7.12
C GLN E 292 -13.25 -41.94 8.06
N GLN E 293 -12.83 -42.67 9.10
CA GLN E 293 -13.78 -43.14 10.09
C GLN E 293 -14.23 -42.04 11.03
N ILE E 294 -13.52 -40.91 11.09
CA ILE E 294 -13.83 -39.91 12.10
C ILE E 294 -15.13 -39.19 11.75
N SER E 295 -15.86 -38.77 12.78
CA SER E 295 -17.05 -37.95 12.58
C SER E 295 -16.70 -36.69 11.80
N PRO E 296 -17.60 -36.18 10.94
CA PRO E 296 -18.99 -36.59 10.73
C PRO E 296 -19.20 -37.67 9.69
N LEU E 297 -18.22 -37.94 8.83
CA LEU E 297 -18.45 -38.89 7.75
C LEU E 297 -18.34 -40.34 8.20
N GLY E 298 -17.58 -40.62 9.25
CA GLY E 298 -17.57 -41.93 9.86
C GLY E 298 -18.11 -41.90 11.27
N PRO E 299 -18.14 -43.05 11.94
CA PRO E 299 -18.80 -43.18 13.24
C PRO E 299 -17.94 -42.94 14.47
N VAL E 300 -16.65 -42.72 14.32
CA VAL E 300 -15.75 -42.57 15.46
C VAL E 300 -15.75 -41.12 15.93
N TYR E 301 -16.03 -40.93 17.23
CA TYR E 301 -16.03 -39.60 17.83
C TYR E 301 -14.61 -39.06 17.99
N GLN E 302 -14.45 -37.76 17.79
CA GLN E 302 -13.17 -37.09 17.95
C GLN E 302 -13.06 -36.52 19.35
N ALA E 303 -11.88 -36.66 19.96
CA ALA E 303 -11.61 -35.99 21.23
C ALA E 303 -11.10 -34.59 20.94
N GLY E 304 -11.76 -33.58 21.50
CA GLY E 304 -11.16 -32.27 21.53
C GLY E 304 -11.36 -31.35 20.34
N THR E 305 -12.55 -31.37 19.76
CA THR E 305 -12.85 -30.50 18.62
C THR E 305 -12.56 -29.04 18.93
N LEU E 306 -11.83 -28.38 18.03
CA LEU E 306 -11.41 -26.99 18.22
C LEU E 306 -12.28 -26.04 17.41
N ASN E 309 -8.59 -22.34 15.63
CA ASN E 309 -8.55 -20.99 16.22
C ASN E 309 -7.57 -20.12 15.43
N PRO E 310 -8.01 -18.91 15.07
CA PRO E 310 -7.38 -18.19 13.94
C PRO E 310 -5.98 -17.66 14.24
N LEU E 311 -5.69 -17.27 15.49
CA LEU E 311 -4.34 -16.81 15.79
C LEU E 311 -3.33 -17.95 15.72
N ALA E 312 -3.73 -19.15 16.17
CA ALA E 312 -2.83 -20.29 16.04
C ALA E 312 -2.66 -20.69 14.58
N MET E 313 -3.72 -20.61 13.77
CA MET E 313 -3.55 -20.91 12.36
C MET E 313 -2.64 -19.89 11.69
N ALA E 314 -2.81 -18.60 12.00
CA ALA E 314 -1.94 -17.58 11.43
C ALA E 314 -0.49 -17.79 11.87
N ALA E 315 -0.27 -17.95 13.18
CA ALA E 315 1.09 -18.17 13.66
C ALA E 315 1.70 -19.45 13.08
N GLY E 316 0.90 -20.51 12.99
CA GLY E 316 1.44 -21.77 12.51
C GLY E 316 1.79 -21.74 11.03
N LEU E 317 0.91 -21.17 10.21
CA LEU E 317 1.18 -21.07 8.79
C LEU E 317 2.45 -20.28 8.53
N THR E 318 2.62 -19.17 9.25
CA THR E 318 3.81 -18.35 9.07
C THR E 318 5.06 -19.13 9.47
N THR E 319 4.97 -19.85 10.60
CA THR E 319 6.09 -20.62 11.09
C THR E 319 6.46 -21.75 10.13
N LEU E 320 5.45 -22.52 9.68
CA LEU E 320 5.73 -23.65 8.81
C LEU E 320 6.37 -23.18 7.51
N ARG E 321 5.93 -22.05 6.99
CA ARG E 321 6.53 -21.51 5.76
CA ARG E 321 6.53 -21.55 5.75
C ARG E 321 7.96 -21.06 6.00
N LEU E 322 8.22 -20.42 7.15
CA LEU E 322 9.58 -19.96 7.42
C LEU E 322 10.56 -21.11 7.59
N ILE E 323 10.14 -22.21 8.23
CA ILE E 323 11.09 -23.29 8.46
C ILE E 323 11.30 -24.15 7.22
N SER E 324 10.54 -23.91 6.16
CA SER E 324 10.68 -24.59 4.88
C SER E 324 11.81 -24.02 4.04
N ARG E 325 12.46 -22.96 4.52
CA ARG E 325 13.59 -22.39 3.81
C ARG E 325 14.68 -23.45 3.63
N PRO E 326 15.27 -23.57 2.44
CA PRO E 326 16.30 -24.58 2.22
C PRO E 326 17.42 -24.48 3.24
N GLY E 327 17.75 -25.62 3.86
CA GLY E 327 18.86 -25.68 4.78
C GLY E 327 18.54 -25.36 6.23
N PHE E 328 17.29 -24.99 6.54
CA PHE E 328 16.92 -24.60 7.90
C PHE E 328 17.36 -25.63 8.92
N HIS E 329 16.95 -26.88 8.74
CA HIS E 329 17.24 -27.89 9.76
C HIS E 329 18.70 -28.30 9.75
N ASP E 330 19.35 -28.24 8.58
CA ASP E 330 20.79 -28.46 8.53
C ASP E 330 21.53 -27.44 9.40
N GLU E 331 21.13 -26.17 9.32
CA GLU E 331 21.75 -25.15 10.17
C GLU E 331 21.46 -25.43 11.64
N LEU E 332 20.22 -25.78 11.96
CA LEU E 332 19.85 -26.06 13.34
C LEU E 332 20.65 -27.24 13.88
N THR E 333 20.74 -28.31 13.08
CA THR E 333 21.49 -29.48 13.49
C THR E 333 22.97 -29.15 13.70
N ALA E 334 23.52 -28.28 12.84
CA ALA E 334 24.94 -27.96 12.95
C ALA E 334 25.25 -27.17 14.20
N TYR E 335 24.39 -26.20 14.55
CA TYR E 335 24.55 -25.51 15.84
C TYR E 335 24.50 -26.51 16.98
N THR E 336 23.48 -27.39 16.96
CA THR E 336 23.28 -28.30 18.07
C THR E 336 24.48 -29.22 18.24
N THR E 337 25.05 -29.71 17.13
CA THR E 337 26.22 -30.57 17.22
C THR E 337 27.45 -29.81 17.72
N ARG E 338 27.68 -28.58 17.23
CA ARG E 338 28.78 -27.78 17.77
C ARG E 338 28.64 -27.59 19.27
N MET E 339 27.42 -27.33 19.75
CA MET E 339 27.19 -27.13 21.17
C MET E 339 27.48 -28.41 21.96
N LEU E 340 26.94 -29.55 21.50
CA LEU E 340 27.14 -30.79 22.23
C LEU E 340 28.61 -31.19 22.23
N ASP E 341 29.29 -31.00 21.10
CA ASP E 341 30.72 -31.24 21.04
C ASP E 341 31.46 -30.40 22.06
N GLY E 342 31.11 -29.11 22.15
CA GLY E 342 31.79 -28.23 23.09
C GLY E 342 31.50 -28.59 24.53
N LEU E 343 30.27 -29.03 24.80
CA LEU E 343 29.93 -29.49 26.15
C LEU E 343 30.70 -30.77 26.50
N GLN E 344 30.79 -31.71 25.55
CA GLN E 344 31.50 -32.96 25.82
C GLN E 344 32.98 -32.71 26.06
N GLN E 345 33.58 -31.79 25.30
CA GLN E 345 34.99 -31.52 25.47
C GLN E 345 35.27 -30.94 26.85
N ARG E 346 34.39 -30.04 27.33
CA ARG E 346 34.57 -29.45 28.65
C ARG E 346 34.31 -30.46 29.75
N ALA E 347 33.31 -31.34 29.57
CA ALA E 347 33.08 -32.38 30.56
C ALA E 347 34.26 -33.34 30.64
N ASP E 348 34.76 -33.78 29.47
CA ASP E 348 35.91 -34.65 29.44
C ASP E 348 37.11 -33.99 30.11
N ALA E 349 37.35 -32.71 29.83
CA ALA E 349 38.46 -32.00 30.44
C ALA E 349 38.35 -31.97 31.95
N ALA E 350 37.14 -31.78 32.47
CA ALA E 350 36.90 -31.71 33.90
C ALA E 350 36.81 -33.09 34.56
N GLY E 351 36.90 -34.16 33.78
CA GLY E 351 36.76 -35.49 34.33
C GLY E 351 35.37 -35.79 34.87
N ILE E 352 34.34 -35.30 34.21
CA ILE E 352 32.95 -35.51 34.59
CA ILE E 352 32.95 -35.53 34.61
C ILE E 352 32.33 -36.49 33.61
N PRO E 353 31.94 -37.69 34.04
CA PRO E 353 31.24 -38.61 33.11
C PRO E 353 30.02 -37.93 32.52
N PHE E 354 29.94 -37.97 31.18
CA PHE E 354 29.00 -37.14 30.45
C PHE E 354 28.76 -37.79 29.09
N VAL E 355 27.51 -37.82 28.65
CA VAL E 355 27.17 -38.37 27.34
C VAL E 355 25.99 -37.59 26.79
N THR E 356 25.94 -37.44 25.47
CA THR E 356 24.89 -36.65 24.85
C THR E 356 24.13 -37.49 23.82
N THR E 357 22.93 -37.00 23.49
CA THR E 357 22.13 -37.55 22.40
C THR E 357 21.66 -36.40 21.53
N GLN E 358 21.40 -36.70 20.26
CA GLN E 358 20.92 -35.64 19.37
C GLN E 358 20.02 -36.23 18.29
N ALA E 359 18.98 -35.47 17.94
CA ALA E 359 18.14 -35.74 16.77
C ALA E 359 17.74 -34.38 16.19
N GLY E 360 18.50 -33.90 15.21
CA GLY E 360 18.19 -32.59 14.63
C GLY E 360 18.33 -31.49 15.67
N GLY E 361 17.25 -30.74 15.90
CA GLY E 361 17.28 -29.65 16.86
C GLY E 361 16.84 -30.07 18.26
N MET E 362 16.93 -31.37 18.52
CA MET E 362 16.56 -31.99 19.77
C MET E 362 17.80 -32.60 20.39
N PHE E 363 17.99 -32.47 21.71
CA PHE E 363 19.20 -33.03 22.30
C PHE E 363 18.97 -33.44 23.75
N GLY E 364 19.89 -34.28 24.24
CA GLY E 364 19.87 -34.73 25.62
C GLY E 364 21.25 -34.63 26.25
N LEU E 365 21.30 -34.21 27.51
CA LEU E 365 22.53 -34.22 28.31
C LEU E 365 22.36 -35.20 29.46
N TYR E 366 23.38 -36.03 29.68
CA TYR E 366 23.35 -37.07 30.70
C TYR E 366 24.66 -37.11 31.46
N PHE E 367 24.56 -37.15 32.78
CA PHE E 367 25.71 -37.42 33.63
C PHE E 367 25.75 -38.92 33.86
N SER E 368 26.52 -39.60 33.02
CA SER E 368 26.48 -41.06 32.95
C SER E 368 27.81 -41.57 32.40
N GLY E 369 28.21 -42.73 32.88
CA GLY E 369 29.36 -43.40 32.31
C GLY E 369 29.04 -44.30 31.16
N ALA E 370 27.77 -44.36 30.74
CA ALA E 370 27.40 -45.22 29.62
C ALA E 370 28.04 -44.71 28.33
N ASP E 371 28.33 -45.65 27.42
CA ASP E 371 28.83 -45.26 26.11
C ASP E 371 27.76 -44.55 25.31
N ALA E 372 26.50 -44.89 25.51
CA ALA E 372 25.39 -44.29 24.80
C ALA E 372 24.11 -44.53 25.60
N ILE E 373 23.14 -43.66 25.40
CA ILE E 373 21.84 -43.79 26.05
C ILE E 373 20.90 -44.44 25.05
N VAL E 374 20.47 -45.66 25.35
CA VAL E 374 19.64 -46.44 24.43
C VAL E 374 18.32 -46.81 25.06
N THR E 375 18.30 -47.10 26.36
CA THR E 375 17.16 -47.68 27.03
C THR E 375 16.66 -46.78 28.15
N PHE E 376 15.43 -47.05 28.57
CA PHE E 376 14.89 -46.42 29.77
C PHE E 376 15.79 -46.67 30.99
N GLU E 377 16.39 -47.86 31.06
CA GLU E 377 17.32 -48.15 32.16
C GLU E 377 18.51 -47.21 32.15
N ASP E 378 19.07 -46.95 30.96
CA ASP E 378 20.20 -46.03 30.84
C ASP E 378 19.87 -44.67 31.41
N VAL E 379 18.65 -44.17 31.13
CA VAL E 379 18.25 -42.86 31.62
C VAL E 379 18.15 -42.86 33.14
N MET E 380 17.47 -43.87 33.70
CA MET E 380 17.29 -43.93 35.14
C MET E 380 18.59 -44.20 35.88
N ALA E 381 19.58 -44.82 35.21
CA ALA E 381 20.88 -45.07 35.80
C ALA E 381 21.78 -43.84 35.84
N SER E 382 21.41 -42.77 35.15
CA SER E 382 22.27 -41.60 35.12
C SER E 382 22.21 -40.89 36.47
N ASP E 383 23.13 -39.94 36.63
CA ASP E 383 23.35 -39.23 37.89
C ASP E 383 22.40 -38.05 37.93
N VAL E 384 21.17 -38.30 38.40
CA VAL E 384 20.13 -37.28 38.33
C VAL E 384 20.45 -36.10 39.25
N GLU E 385 20.96 -36.38 40.45
CA GLU E 385 21.29 -35.29 41.37
C GLU E 385 22.39 -34.39 40.80
N ARG E 386 23.32 -34.97 40.04
CA ARG E 386 24.33 -34.13 39.40
C ARG E 386 23.70 -33.26 38.33
N PHE E 387 22.73 -33.78 37.58
CA PHE E 387 22.05 -32.92 36.61
C PHE E 387 21.39 -31.74 37.32
N LYS E 388 20.73 -32.00 38.44
CA LYS E 388 20.05 -30.91 39.15
C LYS E 388 21.03 -29.80 39.52
N ARG E 389 22.20 -30.19 40.06
CA ARG E 389 23.22 -29.19 40.38
C ARG E 389 23.65 -28.45 39.12
N PHE E 390 23.91 -29.19 38.05
CA PHE E 390 24.31 -28.59 36.77
C PHE E 390 23.27 -27.58 36.32
N PHE E 391 21.99 -27.93 36.44
CA PHE E 391 20.93 -27.04 36.01
C PHE E 391 21.04 -25.69 36.71
N HIS E 392 21.17 -25.71 38.04
CA HIS E 392 21.25 -24.46 38.78
C HIS E 392 22.57 -23.73 38.51
N LEU E 393 23.67 -24.47 38.32
CA LEU E 393 24.92 -23.81 37.96
C LEU E 393 24.81 -23.13 36.60
N MET E 394 24.10 -23.76 35.67
CA MET E 394 23.90 -23.15 34.36
C MET E 394 22.98 -21.93 34.46
N LEU E 395 21.97 -21.98 35.34
CA LEU E 395 21.15 -20.78 35.59
C LEU E 395 22.01 -19.62 36.05
N ASP E 396 22.97 -19.90 36.95
CA ASP E 396 23.87 -18.85 37.41
C ASP E 396 24.63 -18.24 36.23
N GLY E 397 25.00 -19.06 35.26
CA GLY E 397 25.72 -18.63 34.08
C GLY E 397 24.87 -18.12 32.96
N GLY E 398 23.57 -17.90 33.18
CA GLY E 398 22.73 -17.29 32.17
C GLY E 398 22.20 -18.22 31.11
N VAL E 399 22.02 -19.51 31.44
CA VAL E 399 21.50 -20.50 30.52
C VAL E 399 20.34 -21.21 31.17
N TYR E 400 19.23 -21.36 30.43
CA TYR E 400 18.03 -22.03 30.96
C TYR E 400 17.87 -23.37 30.25
N LEU E 401 18.30 -24.45 30.90
CA LEU E 401 18.08 -25.79 30.40
C LEU E 401 16.70 -26.28 30.80
N ALA E 402 16.31 -27.43 30.29
CA ALA E 402 15.05 -28.04 30.73
C ALA E 402 15.14 -28.31 32.24
N PRO E 403 14.17 -27.88 33.00
CA PRO E 403 14.24 -28.06 34.47
C PRO E 403 13.85 -29.46 34.91
N SER E 404 14.56 -30.47 34.37
CA SER E 404 14.35 -31.87 34.67
C SER E 404 15.40 -32.69 33.96
N ALA E 405 15.91 -33.74 34.64
CA ALA E 405 16.81 -34.67 33.96
C ALA E 405 16.05 -35.61 33.02
N PHE E 406 14.73 -35.50 32.97
CA PHE E 406 13.93 -36.40 32.14
C PHE E 406 13.19 -35.64 31.05
N GLU E 407 13.72 -34.50 30.62
CA GLU E 407 13.16 -33.75 29.50
C GLU E 407 14.26 -33.43 28.49
N ALA E 408 13.93 -33.56 27.22
CA ALA E 408 14.85 -33.19 26.15
C ALA E 408 15.01 -31.68 26.07
N GLY E 409 16.16 -31.25 25.55
CA GLY E 409 16.41 -29.86 25.25
C GLY E 409 16.18 -29.53 23.79
N PHE E 410 16.02 -28.23 23.51
CA PHE E 410 15.64 -27.76 22.19
C PHE E 410 16.48 -26.56 21.81
N THR E 411 17.00 -26.55 20.58
CA THR E 411 17.68 -25.38 20.04
C THR E 411 16.76 -24.66 19.06
N SER E 412 17.11 -23.41 18.75
CA SER E 412 16.32 -22.63 17.81
C SER E 412 17.23 -22.01 16.75
N ILE E 413 16.61 -21.55 15.65
CA ILE E 413 17.39 -20.92 14.60
C ILE E 413 18.00 -19.60 15.06
N ALA E 414 17.48 -19.03 16.15
CA ALA E 414 18.02 -17.80 16.72
C ALA E 414 19.30 -18.01 17.51
N HIS E 415 19.65 -19.25 17.85
CA HIS E 415 20.91 -19.51 18.56
C HIS E 415 22.09 -19.40 17.60
N GLY E 416 23.02 -18.50 17.92
CA GLY E 416 24.20 -18.32 17.09
C GLY E 416 25.47 -18.23 17.90
N ASP E 417 26.51 -17.62 17.31
CA ASP E 417 27.85 -17.65 17.92
C ASP E 417 27.83 -17.08 19.33
N LYS E 418 27.05 -16.01 19.56
CA LYS E 418 27.05 -15.39 20.88
C LYS E 418 26.43 -16.30 21.92
N GLU E 419 25.34 -16.99 21.55
CA GLU E 419 24.67 -17.89 22.49
C GLU E 419 25.51 -19.13 22.75
N LEU E 420 26.22 -19.62 21.74
CA LEU E 420 27.09 -20.76 21.95
C LEU E 420 28.18 -20.43 22.95
N GLU E 421 28.77 -19.24 22.82
CA GLU E 421 29.86 -18.86 23.72
C GLU E 421 29.35 -18.73 25.16
N ILE E 422 28.20 -18.08 25.36
CA ILE E 422 27.59 -18.01 26.68
C ILE E 422 27.37 -19.42 27.22
N THR E 423 26.81 -20.29 26.39
CA THR E 423 26.48 -21.65 26.82
C THR E 423 27.73 -22.42 27.23
N LEU E 424 28.76 -22.40 26.38
CA LEU E 424 29.95 -23.20 26.67
C LEU E 424 30.73 -22.63 27.86
N ASN E 425 30.80 -21.30 27.97
CA ASN E 425 31.47 -20.70 29.12
C ASN E 425 30.74 -21.02 30.43
N ALA E 426 29.41 -20.96 30.41
CA ALA E 426 28.64 -21.34 31.59
C ALA E 426 28.89 -22.79 31.96
N ALA E 427 28.99 -23.67 30.96
CA ALA E 427 29.22 -25.09 31.23
C ALA E 427 30.62 -25.32 31.77
N GLU E 428 31.61 -24.58 31.27
CA GLU E 428 32.97 -24.73 31.78
C GLU E 428 33.02 -24.45 33.28
N LYS E 429 32.39 -23.36 33.71
CA LYS E 429 32.34 -23.05 35.14
C LYS E 429 31.53 -24.09 35.90
N ALA E 430 30.39 -24.51 35.35
CA ALA E 430 29.55 -25.48 36.06
C ALA E 430 30.29 -26.80 36.26
N PHE E 431 30.96 -27.28 35.20
CA PHE E 431 31.74 -28.50 35.32
C PHE E 431 32.83 -28.34 36.37
N ALA E 432 33.45 -27.16 36.41
CA ALA E 432 34.52 -26.90 37.38
C ALA E 432 33.99 -26.96 38.80
N ALA E 433 32.76 -26.49 39.01
CA ALA E 433 32.15 -26.46 40.34
C ALA E 433 31.57 -27.80 40.77
N LEU E 434 31.43 -28.76 39.87
CA LEU E 434 30.91 -30.08 40.23
C LEU E 434 32.01 -30.94 40.84
N MET F 9 -20.57 -21.12 -8.05
CA MET F 9 -20.21 -21.55 -6.70
C MET F 9 -19.68 -20.41 -5.83
N SER F 10 -20.28 -20.23 -4.66
CA SER F 10 -19.86 -19.19 -3.74
C SER F 10 -18.47 -19.48 -3.20
N ARG F 11 -17.91 -18.49 -2.49
CA ARG F 11 -16.60 -18.69 -1.88
C ARG F 11 -16.65 -19.76 -0.81
N SER F 12 -17.76 -19.81 -0.05
CA SER F 12 -17.90 -20.85 0.96
C SER F 12 -18.04 -22.24 0.34
N GLU F 13 -18.79 -22.35 -0.77
CA GLU F 13 -18.92 -23.64 -1.42
C GLU F 13 -17.58 -24.10 -1.99
N THR F 14 -16.81 -23.18 -2.57
CA THR F 14 -15.49 -23.52 -3.10
C THR F 14 -14.56 -23.97 -1.98
N LEU F 15 -14.55 -23.24 -0.88
CA LEU F 15 -13.70 -23.65 0.24
C LEU F 15 -14.12 -25.01 0.78
N PHE F 16 -15.43 -25.28 0.84
CA PHE F 16 -15.88 -26.56 1.36
C PHE F 16 -15.43 -27.70 0.46
N ASN F 17 -15.56 -27.53 -0.85
CA ASN F 17 -15.11 -28.55 -1.79
CA ASN F 17 -15.12 -28.57 -1.76
C ASN F 17 -13.61 -28.82 -1.63
N ASN F 18 -12.81 -27.75 -1.58
CA ASN F 18 -11.37 -27.90 -1.42
C ASN F 18 -11.00 -28.49 -0.06
N ALA F 19 -11.77 -28.18 0.98
CA ALA F 19 -11.43 -28.71 2.30
C ALA F 19 -11.60 -30.22 2.40
N GLN F 20 -12.42 -30.81 1.53
CA GLN F 20 -12.70 -32.25 1.62
C GLN F 20 -11.46 -33.10 1.36
N LYS F 21 -10.50 -32.59 0.58
CA LYS F 21 -9.36 -33.40 0.16
C LYS F 21 -8.55 -33.85 1.37
N HIS F 22 -8.25 -32.92 2.28
CA HIS F 22 -7.35 -33.23 3.38
C HIS F 22 -7.96 -33.08 4.77
N ILE F 23 -9.19 -32.57 4.89
CA ILE F 23 -9.88 -32.52 6.19
C ILE F 23 -11.09 -33.44 6.10
N PRO F 24 -11.22 -34.42 7.00
CA PRO F 24 -12.41 -35.30 6.94
C PRO F 24 -13.69 -34.49 7.05
N GLY F 25 -14.58 -34.71 6.06
CA GLY F 25 -15.81 -33.94 6.00
C GLY F 25 -15.64 -32.47 5.72
N GLY F 26 -14.41 -32.01 5.50
CA GLY F 26 -14.15 -30.62 5.20
C GLY F 26 -14.15 -29.70 6.40
N VAL F 27 -14.27 -30.23 7.62
CA VAL F 27 -14.33 -29.42 8.83
C VAL F 27 -13.50 -30.08 9.93
N ASN F 28 -12.92 -29.24 10.79
CA ASN F 28 -12.24 -29.75 11.98
C ASN F 28 -13.21 -30.03 13.11
N SER F 29 -14.33 -29.32 13.16
CA SER F 29 -15.35 -29.54 14.18
C SER F 29 -16.54 -30.21 13.51
N PRO F 30 -16.84 -31.47 13.85
CA PRO F 30 -17.89 -32.22 13.12
C PRO F 30 -19.23 -31.50 12.92
N VAL F 31 -19.75 -30.78 13.91
CA VAL F 31 -21.03 -30.09 13.73
C VAL F 31 -20.94 -29.02 12.66
N ARG F 32 -19.72 -28.53 12.37
CA ARG F 32 -19.52 -27.45 11.42
C ARG F 32 -19.80 -27.84 9.97
N ALA F 33 -20.05 -29.13 9.70
CA ALA F 33 -20.31 -29.57 8.34
C ALA F 33 -21.76 -29.43 7.93
N PHE F 34 -22.61 -28.87 8.81
CA PHE F 34 -24.04 -28.66 8.58
C PHE F 34 -24.81 -29.97 8.41
N LYS F 35 -24.25 -31.10 8.86
CA LYS F 35 -24.97 -32.37 8.75
C LYS F 35 -26.27 -32.34 9.53
N SER F 36 -26.34 -31.52 10.58
CA SER F 36 -27.54 -31.45 11.40
CA SER F 36 -27.54 -31.45 11.40
C SER F 36 -28.58 -30.47 10.85
N VAL F 37 -28.20 -29.61 9.91
CA VAL F 37 -29.18 -28.70 9.29
C VAL F 37 -29.23 -28.83 7.78
N GLY F 38 -28.37 -29.63 7.17
CA GLY F 38 -28.33 -29.76 5.73
C GLY F 38 -27.63 -28.59 5.07
N GLY F 39 -27.20 -28.83 3.83
CA GLY F 39 -26.57 -27.80 3.03
C GLY F 39 -25.07 -27.70 3.23
N THR F 40 -24.48 -26.74 2.52
CA THR F 40 -23.05 -26.47 2.60
C THR F 40 -22.77 -25.52 3.77
N PRO F 41 -21.77 -25.77 4.60
CA PRO F 41 -21.48 -24.85 5.69
C PRO F 41 -20.95 -23.52 5.18
N LEU F 42 -21.22 -22.48 5.95
CA LEU F 42 -20.65 -21.17 5.68
C LEU F 42 -19.25 -21.10 6.25
N PHE F 43 -18.34 -20.49 5.51
CA PHE F 43 -17.02 -20.18 6.03
C PHE F 43 -16.98 -18.73 6.48
N PHE F 44 -16.33 -18.47 7.60
CA PHE F 44 -16.33 -17.14 8.19
C PHE F 44 -14.94 -16.55 8.18
N LYS F 45 -14.87 -15.22 8.05
CA LYS F 45 -13.58 -14.54 7.94
C LYS F 45 -13.45 -13.30 8.81
N HIS F 46 -14.52 -12.85 9.47
CA HIS F 46 -14.44 -11.63 10.27
C HIS F 46 -15.63 -11.62 11.22
N ALA F 47 -15.44 -11.00 12.38
CA ALA F 47 -16.55 -10.85 13.32
C ALA F 47 -16.33 -9.59 14.12
N GLU F 48 -17.43 -8.93 14.46
CA GLU F 48 -17.35 -7.69 15.23
C GLU F 48 -18.69 -7.48 15.92
N GLY F 49 -18.65 -7.20 17.21
CA GLY F 49 -19.88 -6.97 17.95
C GLY F 49 -20.79 -8.18 17.89
N ALA F 50 -22.04 -7.95 17.52
CA ALA F 50 -23.03 -9.01 17.46
C ALA F 50 -23.06 -9.74 16.11
N TYR F 51 -22.08 -9.49 15.24
CA TYR F 51 -22.11 -9.97 13.87
C TYR F 51 -20.94 -10.87 13.51
N VAL F 52 -21.22 -11.87 12.66
CA VAL F 52 -20.20 -12.64 11.96
C VAL F 52 -20.37 -12.42 10.46
N LEU F 53 -19.25 -12.43 9.73
CA LEU F 53 -19.19 -12.15 8.31
C LEU F 53 -18.64 -13.36 7.57
N ASP F 54 -19.36 -13.82 6.54
CA ASP F 54 -18.93 -15.02 5.86
C ASP F 54 -17.99 -14.66 4.71
N GLU F 55 -17.46 -15.70 4.03
CA GLU F 55 -16.43 -15.45 3.03
C GLU F 55 -16.98 -14.70 1.82
N ASP F 56 -18.30 -14.65 1.68
CA ASP F 56 -18.94 -13.89 0.63
C ASP F 56 -19.38 -12.52 1.11
N ASP F 57 -18.90 -12.10 2.28
CA ASP F 57 -19.12 -10.77 2.84
C ASP F 57 -20.54 -10.55 3.35
N LYS F 58 -21.34 -11.60 3.51
CA LYS F 58 -22.65 -11.42 4.09
C LYS F 58 -22.54 -11.33 5.61
N ARG F 59 -23.33 -10.45 6.19
CA ARG F 59 -23.27 -10.17 7.62
C ARG F 59 -24.46 -10.84 8.31
N TYR F 60 -24.22 -11.48 9.45
CA TYR F 60 -25.26 -12.21 10.19
C TYR F 60 -25.24 -11.80 11.65
N VAL F 61 -26.43 -11.63 12.23
CA VAL F 61 -26.55 -11.52 13.68
C VAL F 61 -26.23 -12.90 14.28
N ASP F 62 -25.27 -12.93 15.19
CA ASP F 62 -24.66 -14.16 15.67
C ASP F 62 -25.31 -14.60 16.99
N TYR F 63 -25.93 -15.79 17.02
CA TYR F 63 -26.41 -16.37 18.27
C TYR F 63 -25.67 -17.64 18.62
N VAL F 64 -24.48 -17.83 18.06
CA VAL F 64 -23.59 -18.91 18.45
C VAL F 64 -22.47 -18.40 19.35
N GLY F 65 -21.88 -17.26 19.01
CA GLY F 65 -20.86 -16.63 19.85
C GLY F 65 -19.67 -17.52 20.13
N SER F 66 -19.22 -18.27 19.11
CA SER F 66 -18.18 -19.29 19.27
C SER F 66 -18.55 -20.33 20.33
N TRP F 67 -19.86 -20.48 20.59
CA TRP F 67 -20.45 -21.45 21.52
C TRP F 67 -20.36 -21.03 22.98
N GLY F 68 -20.47 -19.73 23.27
CA GLY F 68 -20.46 -19.28 24.64
C GLY F 68 -19.44 -18.20 25.01
N PRO F 69 -18.20 -18.26 24.48
CA PRO F 69 -17.19 -17.34 25.02
C PRO F 69 -17.41 -15.90 24.65
N MET F 70 -18.09 -15.59 23.54
CA MET F 70 -18.05 -14.19 23.07
C MET F 70 -19.19 -13.34 23.65
N ILE F 71 -19.30 -13.39 24.98
CA ILE F 71 -20.38 -12.71 25.67
C ILE F 71 -20.26 -11.19 25.58
N LEU F 72 -19.06 -10.67 25.34
CA LEU F 72 -18.88 -9.24 25.11
C LEU F 72 -19.15 -8.84 23.66
N GLY F 73 -19.61 -9.80 22.85
CA GLY F 73 -19.54 -9.67 21.41
C GLY F 73 -18.14 -9.96 20.91
N HIS F 74 -18.02 -9.98 19.58
CA HIS F 74 -16.73 -10.25 18.96
C HIS F 74 -15.88 -9.00 18.94
N SER F 75 -14.56 -9.20 18.98
CA SER F 75 -13.60 -8.11 18.77
C SER F 75 -13.87 -6.91 19.68
N HIS F 76 -14.14 -7.17 20.95
CA HIS F 76 -14.23 -6.05 21.87
C HIS F 76 -12.89 -5.32 21.92
N PRO F 77 -12.87 -3.99 21.75
CA PRO F 77 -11.58 -3.28 21.64
C PRO F 77 -10.66 -3.43 22.84
N ASP F 78 -11.18 -3.44 24.09
CA ASP F 78 -10.29 -3.62 25.24
C ASP F 78 -9.65 -4.99 25.23
N VAL F 79 -10.38 -6.00 24.78
CA VAL F 79 -9.85 -7.35 24.73
C VAL F 79 -8.79 -7.48 23.65
N LEU F 80 -9.08 -6.97 22.45
CA LEU F 80 -8.08 -7.00 21.38
C LEU F 80 -6.84 -6.22 21.78
N ASP F 81 -7.02 -5.06 22.43
CA ASP F 81 -5.87 -4.28 22.88
C ASP F 81 -5.03 -5.04 23.90
N ALA F 82 -5.69 -5.74 24.83
CA ALA F 82 -4.95 -6.51 25.82
C ALA F 82 -4.11 -7.59 25.16
N VAL F 83 -4.69 -8.28 24.18
CA VAL F 83 -3.92 -9.30 23.46
C VAL F 83 -2.79 -8.65 22.67
N ARG F 84 -3.07 -7.51 22.03
CA ARG F 84 -2.04 -6.85 21.23
C ARG F 84 -0.85 -6.46 22.08
N ARG F 85 -1.11 -5.91 23.26
CA ARG F 85 -0.02 -5.49 24.14
CA ARG F 85 0.00 -5.49 24.11
C ARG F 85 0.73 -6.69 24.70
N GLN F 86 0.00 -7.77 25.02
CA GLN F 86 0.67 -8.94 25.55
C GLN F 86 1.54 -9.61 24.50
N LEU F 87 1.11 -9.56 23.23
CA LEU F 87 1.86 -10.11 22.10
C LEU F 87 3.31 -9.65 22.10
N ASP F 88 3.55 -8.38 22.44
CA ASP F 88 4.90 -7.82 22.44
C ASP F 88 5.89 -8.65 23.23
N HIS F 89 5.41 -9.40 24.22
CA HIS F 89 6.31 -10.14 25.09
C HIS F 89 6.53 -11.58 24.64
N GLY F 90 5.88 -12.02 23.56
CA GLY F 90 6.00 -13.40 23.11
C GLY F 90 4.70 -14.19 23.17
N LEU F 91 4.62 -15.23 22.34
CA LEU F 91 3.41 -16.06 22.29
C LEU F 91 3.34 -17.03 23.45
N SER F 92 4.50 -17.52 23.87
N SER F 92 4.46 -17.52 23.96
CA SER F 92 4.68 -18.37 25.04
CA SER F 92 4.36 -18.44 25.09
C SER F 92 6.10 -18.14 25.54
C SER F 92 5.73 -18.63 25.73
N TYR F 93 6.30 -17.01 26.24
N TYR F 93 5.71 -19.14 26.96
CA TYR F 93 7.61 -16.64 26.76
CA TYR F 93 6.90 -19.57 27.69
C TYR F 93 8.00 -17.50 27.95
C TYR F 93 6.65 -20.99 28.20
N GLY F 94 7.51 -18.73 27.98
N GLY F 94 7.71 -21.62 28.70
CA GLY F 94 7.72 -19.61 29.10
CA GLY F 94 7.54 -22.94 29.29
C GLY F 94 6.55 -19.61 30.06
C GLY F 94 7.51 -22.95 30.80
N ALA F 95 6.80 -20.21 31.21
N ALA F 95 7.07 -21.86 31.42
CA ALA F 95 5.80 -20.33 32.27
CA ALA F 95 7.25 -21.66 32.85
C ALA F 95 6.51 -20.87 33.49
C ALA F 95 6.15 -20.75 33.37
N PRO F 96 5.98 -20.65 34.69
CA PRO F 96 4.83 -19.88 35.20
C PRO F 96 4.98 -18.38 34.95
N THR F 97 3.86 -17.69 35.07
CA THR F 97 3.79 -16.25 34.81
C THR F 97 2.93 -15.58 35.86
N ALA F 98 3.16 -14.27 36.02
CA ALA F 98 2.35 -13.48 36.94
C ALA F 98 0.88 -13.48 36.51
N LEU F 99 0.62 -13.48 35.20
CA LEU F 99 -0.75 -13.44 34.70
C LEU F 99 -1.57 -14.63 35.19
N GLU F 100 -0.92 -15.79 35.33
CA GLU F 100 -1.64 -16.99 35.76
C GLU F 100 -2.06 -16.87 37.22
N VAL F 101 -1.23 -16.22 38.03
CA VAL F 101 -1.58 -15.99 39.42
C VAL F 101 -2.76 -15.02 39.49
N GLU F 102 -2.70 -13.96 38.70
CA GLU F 102 -3.80 -12.99 38.63
C GLU F 102 -5.09 -13.67 38.22
N MET F 103 -5.03 -14.57 37.24
CA MET F 103 -6.24 -15.23 36.74
C MET F 103 -6.81 -16.18 37.80
N ALA F 104 -5.97 -16.99 38.43
CA ALA F 104 -6.47 -17.92 39.44
C ALA F 104 -7.12 -17.17 40.59
N ASP F 105 -6.50 -16.08 41.04
CA ASP F 105 -7.09 -15.36 42.15
C ASP F 105 -8.41 -14.72 41.75
N LEU F 106 -8.49 -14.20 40.52
CA LEU F 106 -9.73 -13.58 40.07
C LEU F 106 -10.84 -14.61 39.92
N VAL F 107 -10.56 -15.76 39.30
CA VAL F 107 -11.59 -16.79 39.14
C VAL F 107 -12.08 -17.27 40.50
N CYS F 108 -11.16 -17.53 41.44
CA CYS F 108 -11.60 -18.03 42.73
C CYS F 108 -12.36 -16.97 43.52
N SER F 109 -12.11 -15.69 43.26
CA SER F 109 -12.90 -14.69 43.97
C SER F 109 -14.30 -14.55 43.35
N MET F 110 -14.44 -14.84 42.06
CA MET F 110 -15.73 -14.69 41.38
C MET F 110 -16.62 -15.90 41.57
N VAL F 111 -16.03 -17.06 41.78
CA VAL F 111 -16.76 -18.32 41.92
C VAL F 111 -16.31 -18.95 43.24
N PRO F 112 -16.98 -18.62 44.37
CA PRO F 112 -16.45 -19.03 45.69
C PRO F 112 -16.31 -20.53 45.90
N SER F 113 -17.07 -21.37 45.18
CA SER F 113 -16.84 -22.81 45.29
C SER F 113 -15.42 -23.20 44.87
N MET F 114 -14.76 -22.38 44.05
CA MET F 114 -13.40 -22.63 43.58
C MET F 114 -12.42 -22.11 44.62
N GLU F 115 -11.95 -23.00 45.49
CA GLU F 115 -10.90 -22.63 46.42
C GLU F 115 -9.52 -22.79 45.82
N MET F 116 -9.38 -23.71 44.87
CA MET F 116 -8.18 -23.80 44.04
C MET F 116 -8.63 -24.08 42.61
N VAL F 117 -7.79 -23.70 41.64
CA VAL F 117 -8.16 -23.85 40.24
C VAL F 117 -6.91 -24.16 39.41
N ARG F 118 -7.10 -24.97 38.36
CA ARG F 118 -6.07 -25.29 37.38
C ARG F 118 -6.55 -24.90 35.98
N MET F 119 -5.65 -24.34 35.19
CA MET F 119 -5.89 -24.06 33.77
C MET F 119 -5.34 -25.22 32.95
N VAL F 120 -6.13 -25.68 31.97
CA VAL F 120 -5.71 -26.72 31.04
C VAL F 120 -6.05 -26.24 29.62
N SER F 121 -5.89 -27.09 28.62
N SER F 121 -5.89 -27.10 28.62
CA SER F 121 -6.08 -26.61 27.26
CA SER F 121 -6.05 -26.64 27.24
C SER F 121 -7.54 -26.61 26.82
C SER F 121 -7.50 -26.73 26.73
N SER F 122 -8.39 -27.44 27.41
CA SER F 122 -9.75 -27.60 26.90
C SER F 122 -10.70 -28.04 27.99
N GLY F 123 -11.99 -27.85 27.71
CA GLY F 123 -13.02 -28.39 28.59
C GLY F 123 -12.99 -29.90 28.67
N THR F 124 -12.61 -30.56 27.57
CA THR F 124 -12.49 -32.02 27.59
C THR F 124 -11.46 -32.45 28.63
N GLU F 125 -10.28 -31.80 28.62
CA GLU F 125 -9.26 -32.15 29.60
C GLU F 125 -9.68 -31.79 31.01
N ALA F 126 -10.42 -30.69 31.18
CA ALA F 126 -10.89 -30.31 32.50
C ALA F 126 -11.80 -31.38 33.08
N THR F 127 -12.68 -31.95 32.26
CA THR F 127 -13.55 -33.03 32.70
C THR F 127 -12.76 -34.26 33.11
N MET F 128 -11.81 -34.67 32.27
CA MET F 128 -10.96 -35.82 32.58
C MET F 128 -10.27 -35.64 33.92
N SER F 129 -9.71 -34.47 34.16
CA SER F 129 -9.02 -34.20 35.42
C SER F 129 -9.99 -34.19 36.60
N ALA F 130 -11.16 -33.56 36.42
CA ALA F 130 -12.11 -33.47 37.54
C ALA F 130 -12.64 -34.83 37.94
N ILE F 131 -13.03 -35.65 36.96
CA ILE F 131 -13.54 -36.98 37.28
C ILE F 131 -12.45 -37.82 37.94
N ARG F 132 -11.21 -37.71 37.45
CA ARG F 132 -10.10 -38.46 38.05
C ARG F 132 -9.85 -38.03 39.48
N LEU F 133 -9.92 -36.72 39.77
CA LEU F 133 -9.84 -36.27 41.15
C LEU F 133 -10.96 -36.84 42.01
N ALA F 134 -12.18 -36.88 41.48
CA ALA F 134 -13.29 -37.39 42.29
C ALA F 134 -13.10 -38.87 42.60
N ARG F 135 -12.63 -39.62 41.63
CA ARG F 135 -12.32 -41.04 41.85
C ARG F 135 -11.21 -41.19 42.88
N GLY F 136 -10.16 -40.39 42.76
CA GLY F 136 -9.07 -40.47 43.74
C GLY F 136 -9.52 -40.08 45.13
N TYR F 137 -10.37 -39.08 45.23
CA TYR F 137 -10.78 -38.58 46.53
C TYR F 137 -11.65 -39.58 47.26
N THR F 138 -12.57 -40.25 46.53
CA THR F 138 -13.54 -41.17 47.12
C THR F 138 -13.07 -42.61 47.13
N GLY F 139 -12.09 -42.96 46.31
CA GLY F 139 -11.70 -44.35 46.16
C GLY F 139 -12.72 -45.20 45.45
N ARG F 140 -13.64 -44.57 44.71
CA ARG F 140 -14.70 -45.25 43.97
C ARG F 140 -14.46 -45.09 42.46
N ASP F 141 -14.99 -46.03 41.69
CA ASP F 141 -14.69 -46.07 40.26
C ASP F 141 -15.79 -45.53 39.37
N SER F 142 -17.04 -45.55 39.80
CA SER F 142 -18.13 -45.30 38.87
C SER F 142 -18.57 -43.85 38.90
N ILE F 143 -19.18 -43.41 37.81
CA ILE F 143 -19.69 -42.05 37.71
C ILE F 143 -21.11 -42.09 37.21
N ILE F 144 -21.87 -41.05 37.53
CA ILE F 144 -23.20 -40.84 36.98
C ILE F 144 -23.14 -39.62 36.07
N LYS F 145 -23.60 -39.78 34.83
CA LYS F 145 -23.84 -38.68 33.92
C LYS F 145 -25.29 -38.77 33.44
N PHE F 146 -25.73 -37.74 32.72
CA PHE F 146 -27.11 -37.65 32.27
C PHE F 146 -27.21 -37.69 30.76
N GLU F 147 -28.20 -38.42 30.25
CA GLU F 147 -28.36 -38.54 28.81
C GLU F 147 -28.64 -37.18 28.20
N GLY F 148 -27.89 -36.83 27.15
CA GLY F 148 -28.00 -35.54 26.52
C GLY F 148 -26.95 -34.54 26.96
N CYS F 149 -26.27 -34.80 28.07
CA CYS F 149 -25.18 -33.91 28.48
C CYS F 149 -23.89 -34.30 27.79
N TYR F 150 -23.00 -33.32 27.61
CA TYR F 150 -21.75 -33.48 26.90
C TYR F 150 -20.64 -32.87 27.75
N HIS F 151 -19.59 -33.65 28.00
CA HIS F 151 -18.48 -33.23 28.85
C HIS F 151 -17.15 -33.47 28.14
N GLY F 152 -17.17 -33.63 26.84
CA GLY F 152 -16.00 -34.03 26.08
C GLY F 152 -16.05 -35.50 25.68
N HIS F 153 -15.37 -35.82 24.59
CA HIS F 153 -15.41 -37.18 24.03
C HIS F 153 -14.18 -37.98 24.51
N SER F 154 -14.14 -38.19 25.81
CA SER F 154 -13.22 -39.15 26.39
C SER F 154 -13.92 -40.50 26.49
N ASP F 155 -13.12 -41.58 26.44
CA ASP F 155 -13.67 -42.92 26.23
C ASP F 155 -14.75 -43.27 27.23
N SER F 156 -14.53 -42.95 28.51
CA SER F 156 -15.48 -43.41 29.52
C SER F 156 -16.78 -42.61 29.52
N LEU F 157 -16.87 -41.56 28.68
CA LEU F 157 -18.10 -40.84 28.47
C LEU F 157 -18.78 -41.19 27.14
N LEU F 158 -18.12 -41.96 26.27
CA LEU F 158 -18.73 -42.38 25.01
C LEU F 158 -19.53 -43.66 25.23
N VAL F 159 -20.57 -43.51 26.05
CA VAL F 159 -21.27 -44.67 26.58
CA VAL F 159 -21.25 -44.64 26.66
C VAL F 159 -22.76 -44.40 26.60
N LYS F 160 -23.53 -45.48 26.58
CA LYS F 160 -24.96 -45.42 26.82
C LYS F 160 -25.30 -46.40 27.93
N ALA F 161 -26.53 -46.32 28.44
CA ALA F 161 -26.92 -47.18 29.55
C ALA F 161 -26.86 -48.66 29.15
N GLY F 162 -26.39 -49.50 30.07
CA GLY F 162 -26.43 -50.93 29.84
C GLY F 162 -27.81 -51.52 30.11
N SER F 163 -28.15 -52.55 29.34
CA SER F 163 -29.45 -53.24 29.50
C SER F 163 -29.51 -54.10 30.76
N THR F 167 -21.58 -53.69 32.08
CA THR F 167 -22.46 -53.63 33.25
C THR F 167 -23.26 -52.33 33.29
N PHE F 168 -22.71 -51.30 33.93
CA PHE F 168 -23.44 -50.04 34.08
C PHE F 168 -23.64 -49.35 32.74
N GLY F 169 -22.63 -49.39 31.87
CA GLY F 169 -22.73 -48.76 30.57
C GLY F 169 -22.05 -49.60 29.50
N VAL F 170 -22.43 -49.35 28.26
CA VAL F 170 -21.78 -49.97 27.10
C VAL F 170 -21.37 -48.86 26.14
N PRO F 171 -20.37 -49.13 25.29
CA PRO F 171 -19.91 -48.08 24.37
C PRO F 171 -21.02 -47.66 23.42
N ASN F 172 -21.02 -46.37 23.07
CA ASN F 172 -22.03 -45.82 22.20
C ASN F 172 -21.53 -45.64 20.77
N SER F 173 -20.29 -46.01 20.49
CA SER F 173 -19.65 -45.73 19.21
C SER F 173 -18.41 -46.60 19.10
N PRO F 174 -17.87 -46.76 17.89
CA PRO F 174 -16.72 -47.66 17.71
C PRO F 174 -15.43 -47.10 18.31
N GLY F 175 -14.49 -48.02 18.54
CA GLY F 175 -13.16 -47.66 19.03
C GLY F 175 -13.05 -47.49 20.52
N VAL F 176 -14.10 -47.84 21.26
CA VAL F 176 -14.18 -47.69 22.70
C VAL F 176 -14.34 -49.07 23.30
N PRO F 177 -13.34 -49.61 24.00
CA PRO F 177 -13.46 -50.93 24.62
C PRO F 177 -14.61 -51.00 25.61
N ALA F 178 -15.28 -52.16 25.62
CA ALA F 178 -16.40 -52.38 26.54
C ALA F 178 -16.00 -52.09 27.98
N ALA F 179 -14.77 -52.46 28.36
CA ALA F 179 -14.34 -52.25 29.74
C ALA F 179 -14.32 -50.78 30.11
N PHE F 180 -14.12 -49.89 29.14
CA PHE F 180 -14.03 -48.48 29.49
C PHE F 180 -15.41 -47.88 29.76
N ALA F 181 -16.48 -48.58 29.41
CA ALA F 181 -17.82 -48.09 29.62
C ALA F 181 -18.46 -48.63 30.90
N LYS F 182 -17.91 -49.69 31.48
CA LYS F 182 -18.64 -50.41 32.53
C LYS F 182 -18.81 -49.59 33.81
N HIS F 183 -18.04 -48.52 33.99
CA HIS F 183 -18.15 -47.70 35.20
C HIS F 183 -18.93 -46.42 35.00
N THR F 184 -19.63 -46.26 33.89
CA THR F 184 -20.38 -45.03 33.65
C THR F 184 -21.87 -45.33 33.60
N LEU F 185 -22.62 -44.73 34.52
CA LEU F 185 -24.07 -44.84 34.59
C LEU F 185 -24.67 -43.63 33.90
N THR F 186 -25.72 -43.87 33.10
CA THR F 186 -26.41 -42.80 32.38
C THR F 186 -27.85 -42.73 32.85
N LEU F 187 -28.25 -41.59 33.40
CA LEU F 187 -29.55 -41.36 33.99
C LEU F 187 -30.27 -40.23 33.27
N PRO F 188 -31.59 -40.07 33.46
CA PRO F 188 -32.31 -39.01 32.76
C PRO F 188 -32.09 -37.66 33.43
N PHE F 189 -31.71 -36.68 32.63
CA PHE F 189 -31.63 -35.30 33.09
C PHE F 189 -32.96 -34.88 33.71
N ASN F 190 -32.90 -34.16 34.83
CA ASN F 190 -34.04 -33.61 35.54
C ASN F 190 -34.91 -34.67 36.21
N ASP F 191 -34.37 -35.85 36.47
CA ASP F 191 -35.11 -36.94 37.13
C ASP F 191 -34.41 -37.25 38.45
N ILE F 192 -34.75 -36.48 39.48
CA ILE F 192 -34.06 -36.67 40.76
C ILE F 192 -34.40 -38.04 41.36
N GLU F 193 -35.62 -38.54 41.15
CA GLU F 193 -35.94 -39.82 41.78
C GLU F 193 -35.10 -40.95 41.21
N ALA F 194 -34.74 -40.88 39.91
CA ALA F 194 -33.88 -41.89 39.34
C ALA F 194 -32.48 -41.83 39.93
N VAL F 195 -31.98 -40.62 40.21
CA VAL F 195 -30.69 -40.49 40.87
C VAL F 195 -30.72 -41.10 42.26
N ARG F 196 -31.77 -40.78 43.04
CA ARG F 196 -31.86 -41.32 44.39
CA ARG F 196 -31.89 -41.32 44.39
C ARG F 196 -31.98 -42.84 44.37
N LYS F 197 -32.75 -43.39 43.43
CA LYS F 197 -32.89 -44.84 43.34
C LYS F 197 -31.56 -45.51 43.00
N THR F 198 -30.82 -44.94 42.05
CA THR F 198 -29.52 -45.48 41.68
C THR F 198 -28.54 -45.44 42.86
N LEU F 199 -28.47 -44.29 43.55
CA LEU F 199 -27.55 -44.20 44.68
C LEU F 199 -27.97 -45.11 45.83
N GLY F 200 -29.27 -45.36 45.98
CA GLY F 200 -29.69 -46.35 46.96
C GLY F 200 -29.18 -47.74 46.62
N GLU F 201 -29.04 -48.05 45.34
CA GLU F 201 -28.61 -49.37 44.91
C GLU F 201 -27.09 -49.48 44.86
N VAL F 202 -26.39 -48.49 44.30
CA VAL F 202 -24.95 -48.64 44.06
C VAL F 202 -24.13 -47.44 44.50
N GLY F 203 -24.65 -46.66 45.45
CA GLY F 203 -24.01 -45.40 45.80
C GLY F 203 -22.58 -45.55 46.29
N LYS F 204 -22.28 -46.65 46.98
CA LYS F 204 -20.91 -46.83 47.47
C LYS F 204 -19.92 -47.05 46.35
N GLU F 205 -20.41 -47.24 45.12
CA GLU F 205 -19.54 -47.37 43.96
C GLU F 205 -19.35 -46.07 43.20
N VAL F 206 -20.11 -45.02 43.51
CA VAL F 206 -20.19 -43.84 42.66
C VAL F 206 -19.28 -42.75 43.20
N ALA F 207 -18.24 -42.42 42.42
CA ALA F 207 -17.31 -41.36 42.80
C ALA F 207 -17.91 -39.98 42.59
N CYS F 208 -18.64 -39.77 41.50
CA CYS F 208 -19.10 -38.43 41.20
C CYS F 208 -20.38 -38.48 40.40
N ILE F 209 -21.14 -37.40 40.51
CA ILE F 209 -22.20 -37.05 39.56
C ILE F 209 -21.70 -35.85 38.79
N ILE F 210 -21.67 -35.95 37.48
CA ILE F 210 -21.30 -34.81 36.64
C ILE F 210 -22.53 -34.37 35.86
N VAL F 211 -22.74 -33.06 35.80
CA VAL F 211 -23.96 -32.52 35.18
C VAL F 211 -23.65 -31.14 34.64
N GLU F 212 -24.20 -30.83 33.45
CA GLU F 212 -24.37 -29.45 33.03
C GLU F 212 -25.54 -28.86 33.79
N PRO F 213 -25.33 -27.89 34.67
CA PRO F 213 -26.48 -27.41 35.47
C PRO F 213 -27.61 -26.84 34.63
N VAL F 214 -27.30 -26.23 33.50
CA VAL F 214 -28.25 -25.99 32.43
C VAL F 214 -27.71 -26.77 31.24
N ALA F 215 -28.50 -27.72 30.74
CA ALA F 215 -28.03 -28.48 29.59
C ALA F 215 -27.94 -27.56 28.37
N GLY F 216 -26.86 -27.68 27.62
CA GLY F 216 -26.68 -26.84 26.44
C GLY F 216 -26.32 -27.60 25.19
N ASN F 217 -26.16 -28.91 25.32
CA ASN F 217 -25.78 -29.78 24.21
C ASN F 217 -26.89 -30.74 23.83
N MET F 218 -28.11 -30.50 24.33
CA MET F 218 -29.33 -31.09 23.79
C MET F 218 -30.35 -30.00 23.60
N ASN F 219 -29.91 -28.95 22.89
CA ASN F 219 -30.51 -27.63 22.97
C ASN F 219 -30.42 -27.18 24.43
N CYS F 220 -31.10 -26.08 24.77
CA CYS F 220 -31.00 -25.49 26.11
C CYS F 220 -32.07 -26.10 27.02
N VAL F 221 -31.65 -26.80 28.06
CA VAL F 221 -32.64 -27.38 28.98
C VAL F 221 -32.33 -26.95 30.41
N PRO F 222 -33.03 -25.96 30.94
CA PRO F 222 -32.80 -25.53 32.33
C PRO F 222 -33.18 -26.62 33.32
N PRO F 223 -32.62 -26.58 34.52
CA PRO F 223 -32.97 -27.57 35.54
C PRO F 223 -34.38 -27.40 36.06
N ALA F 224 -35.05 -28.53 36.28
CA ALA F 224 -36.37 -28.51 36.88
C ALA F 224 -36.29 -28.07 38.34
N PRO F 225 -37.35 -27.50 38.89
CA PRO F 225 -37.33 -27.14 40.31
C PRO F 225 -36.93 -28.33 41.17
N GLY F 226 -35.96 -28.10 42.05
CA GLY F 226 -35.51 -29.12 42.97
C GLY F 226 -34.45 -30.06 42.45
N PHE F 227 -34.16 -30.04 41.14
CA PHE F 227 -33.24 -31.04 40.59
C PHE F 227 -31.81 -30.84 41.11
N LEU F 228 -31.26 -29.63 40.95
CA LEU F 228 -29.87 -29.42 41.37
C LEU F 228 -29.74 -29.49 42.89
N GLU F 229 -30.71 -28.91 43.61
CA GLU F 229 -30.74 -29.07 45.06
C GLU F 229 -30.79 -30.54 45.45
N GLY F 230 -31.57 -31.34 44.72
CA GLY F 230 -31.63 -32.76 45.01
C GLY F 230 -30.31 -33.47 44.75
N LEU F 231 -29.59 -33.03 43.71
CA LEU F 231 -28.27 -33.62 43.47
C LEU F 231 -27.31 -33.31 44.61
N ARG F 232 -27.31 -32.06 45.08
CA ARG F 232 -26.46 -31.68 46.20
C ARG F 232 -26.78 -32.53 47.43
N GLU F 233 -28.06 -32.67 47.76
CA GLU F 233 -28.47 -33.45 48.94
C GLU F 233 -28.14 -34.93 48.77
N ALA F 234 -28.41 -35.51 47.60
CA ALA F 234 -28.06 -36.91 47.39
C ALA F 234 -26.55 -37.13 47.46
N CYS F 235 -25.77 -36.23 46.86
CA CYS F 235 -24.32 -36.38 46.93
C CYS F 235 -23.83 -36.29 48.38
N ASP F 236 -24.38 -35.34 49.15
CA ASP F 236 -24.04 -35.25 50.57
C ASP F 236 -24.34 -36.56 51.29
N GLU F 237 -25.52 -37.12 51.05
CA GLU F 237 -25.94 -38.33 51.74
C GLU F 237 -25.02 -39.51 51.44
N HIS F 238 -24.53 -39.59 50.21
CA HIS F 238 -23.83 -40.80 49.76
C HIS F 238 -22.33 -40.63 49.62
N GLY F 239 -21.78 -39.48 49.96
CA GLY F 239 -20.34 -39.26 49.89
C GLY F 239 -19.82 -39.07 48.49
N VAL F 240 -20.67 -38.57 47.59
CA VAL F 240 -20.39 -38.46 46.16
C VAL F 240 -19.92 -37.04 45.86
N VAL F 241 -18.94 -36.91 44.98
CA VAL F 241 -18.49 -35.60 44.53
C VAL F 241 -19.45 -35.07 43.48
N LEU F 242 -19.97 -33.86 43.69
CA LEU F 242 -20.84 -33.21 42.71
C LEU F 242 -20.00 -32.31 41.81
N ILE F 243 -20.03 -32.57 40.50
CA ILE F 243 -19.25 -31.81 39.52
C ILE F 243 -20.22 -31.06 38.62
N PHE F 244 -20.07 -29.74 38.54
CA PHE F 244 -20.84 -28.92 37.59
C PHE F 244 -19.97 -28.63 36.37
N ASP F 245 -20.46 -29.02 35.20
CA ASP F 245 -19.82 -28.64 33.93
C ASP F 245 -20.35 -27.27 33.54
N GLU F 246 -19.55 -26.23 33.76
CA GLU F 246 -19.94 -24.84 33.46
C GLU F 246 -19.17 -24.31 32.24
N VAL F 247 -18.75 -25.21 31.35
CA VAL F 247 -18.08 -24.80 30.13
C VAL F 247 -18.96 -23.87 29.29
N MET F 248 -20.26 -24.10 29.27
CA MET F 248 -21.16 -23.17 28.62
C MET F 248 -21.82 -22.19 29.58
N THR F 249 -22.21 -22.65 30.77
CA THR F 249 -22.99 -21.81 31.67
C THR F 249 -22.12 -20.82 32.42
N GLY F 250 -20.84 -21.15 32.61
CA GLY F 250 -19.94 -20.34 33.41
C GLY F 250 -19.82 -18.92 32.91
N PHE F 251 -20.02 -17.98 33.81
CA PHE F 251 -19.93 -16.54 33.54
C PHE F 251 -20.97 -16.08 32.53
N ARG F 252 -22.00 -16.89 32.23
CA ARG F 252 -22.96 -16.53 31.20
C ARG F 252 -24.41 -16.56 31.68
N VAL F 253 -24.78 -17.64 32.35
CA VAL F 253 -26.09 -17.68 33.03
C VAL F 253 -26.15 -16.58 34.08
N ALA F 254 -25.04 -16.36 34.77
CA ALA F 254 -24.88 -15.30 35.76
C ALA F 254 -23.38 -15.07 35.90
N LEU F 255 -23.01 -13.97 36.57
CA LEU F 255 -21.58 -13.72 36.74
C LEU F 255 -20.91 -14.88 37.44
N GLY F 256 -21.54 -15.42 38.49
CA GLY F 256 -21.00 -16.55 39.23
C GLY F 256 -21.43 -17.91 38.69
N GLY F 257 -21.94 -17.92 37.46
CA GLY F 257 -22.29 -19.14 36.77
C GLY F 257 -23.67 -19.64 37.15
N ALA F 258 -24.03 -20.80 36.57
CA ALA F 258 -25.30 -21.41 36.95
C ALA F 258 -25.34 -21.73 38.44
N GLN F 259 -24.18 -22.05 39.03
CA GLN F 259 -24.20 -22.40 40.45
C GLN F 259 -24.58 -21.21 41.32
N ALA F 260 -24.16 -20.00 40.94
CA ALA F 260 -24.66 -18.81 41.63
C ALA F 260 -26.12 -18.55 41.31
N TYR F 261 -26.49 -18.70 40.04
CA TYR F 261 -27.85 -18.36 39.60
C TYR F 261 -28.89 -19.20 40.30
N TYR F 262 -28.65 -20.52 40.45
CA TYR F 262 -29.58 -21.42 41.11
C TYR F 262 -29.25 -21.65 42.57
N GLY F 263 -28.13 -21.14 43.05
CA GLY F 263 -27.77 -21.21 44.45
C GLY F 263 -27.46 -22.61 44.93
N VAL F 264 -26.70 -23.38 44.14
CA VAL F 264 -26.30 -24.72 44.53
C VAL F 264 -24.78 -24.79 44.38
N THR F 265 -24.09 -25.25 45.43
CA THR F 265 -22.63 -25.23 45.43
C THR F 265 -22.09 -26.61 45.09
N PRO F 266 -21.39 -26.79 43.97
CA PRO F 266 -20.78 -28.09 43.67
C PRO F 266 -19.44 -28.24 44.38
N ASP F 267 -18.92 -29.47 44.34
CA ASP F 267 -17.59 -29.73 44.89
C ASP F 267 -16.48 -29.44 43.89
N LEU F 268 -16.73 -29.66 42.61
CA LEU F 268 -15.80 -29.31 41.54
C LEU F 268 -16.60 -28.68 40.41
N SER F 269 -15.95 -27.82 39.63
CA SER F 269 -16.54 -27.23 38.44
C SER F 269 -15.54 -27.24 37.30
N THR F 270 -16.06 -27.29 36.07
CA THR F 270 -15.22 -27.09 34.91
C THR F 270 -15.70 -25.83 34.20
N PHE F 271 -14.73 -25.12 33.59
CA PHE F 271 -14.99 -23.89 32.87
C PHE F 271 -14.28 -23.93 31.53
N GLY F 272 -14.78 -23.14 30.59
CA GLY F 272 -14.32 -23.19 29.20
C GLY F 272 -13.67 -21.92 28.70
N LYS F 273 -13.85 -21.60 27.41
CA LYS F 273 -12.99 -20.60 26.78
C LYS F 273 -13.30 -19.15 27.18
N ILE F 274 -14.44 -18.89 27.83
CA ILE F 274 -14.75 -17.55 28.30
CA ILE F 274 -14.75 -17.54 28.28
C ILE F 274 -13.67 -17.03 29.23
N ILE F 275 -13.06 -17.92 30.02
CA ILE F 275 -11.97 -17.48 30.86
C ILE F 275 -10.72 -17.18 30.06
N GLY F 276 -10.68 -17.58 28.79
CA GLY F 276 -9.68 -17.15 27.84
C GLY F 276 -10.12 -16.02 26.93
N GLY F 277 -11.23 -15.36 27.24
CA GLY F 277 -11.72 -14.29 26.41
C GLY F 277 -12.16 -14.74 25.04
N GLY F 278 -12.27 -16.05 24.81
CA GLY F 278 -12.53 -16.61 23.52
C GLY F 278 -11.40 -17.47 23.00
N MET F 279 -10.18 -17.27 23.52
CA MET F 279 -9.08 -18.12 23.13
CA MET F 279 -9.05 -18.11 23.16
C MET F 279 -9.20 -19.49 23.78
N PRO F 280 -8.65 -20.52 23.14
CA PRO F 280 -8.80 -21.88 23.67
C PRO F 280 -8.14 -22.04 25.01
N VAL F 281 -8.93 -22.51 25.98
CA VAL F 281 -8.45 -22.79 27.33
C VAL F 281 -9.58 -23.53 28.03
N GLY F 282 -9.24 -24.23 29.10
CA GLY F 282 -10.25 -24.78 29.99
C GLY F 282 -9.74 -24.70 31.41
N ALA F 283 -10.61 -25.01 32.36
CA ALA F 283 -10.19 -24.95 33.76
C ALA F 283 -11.03 -25.90 34.58
N PHE F 284 -10.45 -26.38 35.69
CA PHE F 284 -11.23 -27.11 36.69
C PHE F 284 -10.81 -26.64 38.06
N GLY F 285 -11.76 -26.61 38.99
CA GLY F 285 -11.40 -26.22 40.34
C GLY F 285 -12.52 -26.57 41.29
N GLY F 286 -12.29 -26.30 42.57
CA GLY F 286 -13.34 -26.57 43.54
C GLY F 286 -12.75 -26.65 44.95
N LYS F 287 -13.35 -27.54 45.75
CA LYS F 287 -12.97 -27.68 47.15
C LYS F 287 -11.47 -27.97 47.30
N ARG F 288 -10.82 -27.24 48.20
CA ARG F 288 -9.37 -27.37 48.39
C ARG F 288 -8.96 -28.81 48.68
N GLU F 289 -9.70 -29.49 49.56
CA GLU F 289 -9.35 -30.87 49.94
C GLU F 289 -9.31 -31.80 48.73
N ILE F 290 -10.21 -31.58 47.76
CA ILE F 290 -10.20 -32.42 46.57
C ILE F 290 -9.07 -32.00 45.63
N MET F 291 -8.93 -30.68 45.41
CA MET F 291 -7.96 -30.17 44.44
C MET F 291 -6.53 -30.45 44.87
N GLN F 292 -6.26 -30.50 46.17
CA GLN F 292 -4.88 -30.69 46.62
CA GLN F 292 -4.88 -30.68 46.61
C GLN F 292 -4.34 -32.07 46.30
N GLN F 293 -5.16 -32.99 45.80
CA GLN F 293 -4.60 -34.26 45.35
C GLN F 293 -3.87 -34.16 44.03
N ILE F 294 -4.02 -33.06 43.28
CA ILE F 294 -3.48 -33.01 41.94
C ILE F 294 -1.96 -32.81 42.01
N SER F 295 -1.27 -33.42 41.05
CA SER F 295 0.17 -33.25 40.92
C SER F 295 0.51 -31.76 40.79
N PRO F 296 1.61 -31.28 41.38
CA PRO F 296 2.60 -32.02 42.16
C PRO F 296 2.34 -32.10 43.67
N LEU F 297 1.32 -31.42 44.19
CA LEU F 297 0.99 -31.55 45.60
C LEU F 297 0.66 -32.99 45.96
N GLY F 298 -0.26 -33.60 45.21
CA GLY F 298 -0.68 -34.94 45.48
C GLY F 298 -0.38 -35.86 44.32
N PRO F 299 -0.94 -37.07 44.36
CA PRO F 299 -0.55 -38.11 43.41
C PRO F 299 -1.37 -38.21 42.13
N VAL F 300 -2.44 -37.42 41.98
CA VAL F 300 -3.33 -37.57 40.82
C VAL F 300 -2.76 -36.81 39.64
N TYR F 301 -2.61 -37.49 38.50
CA TYR F 301 -2.13 -36.84 37.29
C TYR F 301 -3.22 -35.97 36.67
N GLN F 302 -2.79 -34.84 36.10
CA GLN F 302 -3.68 -33.91 35.41
C GLN F 302 -3.69 -34.19 33.92
N ALA F 303 -4.88 -34.12 33.30
CA ALA F 303 -5.00 -34.20 31.86
C ALA F 303 -4.78 -32.80 31.29
N GLY F 304 -3.80 -32.66 30.42
CA GLY F 304 -3.57 -31.35 29.85
C GLY F 304 -2.44 -30.61 30.55
N THR F 305 -1.77 -29.74 29.79
CA THR F 305 -0.65 -28.98 30.31
C THR F 305 -0.24 -27.86 29.35
N GLY F 308 -0.80 -21.68 31.46
CA GLY F 308 -1.72 -20.78 30.80
C GLY F 308 -1.05 -19.88 29.76
N ASN F 309 -1.50 -20.00 28.51
CA ASN F 309 -0.89 -19.20 27.46
CA ASN F 309 -0.94 -19.19 27.42
C ASN F 309 -1.16 -17.71 27.72
N PRO F 310 -0.15 -16.86 27.59
CA PRO F 310 -0.30 -15.45 28.00
C PRO F 310 -1.35 -14.69 27.24
N LEU F 311 -1.56 -14.96 25.95
CA LEU F 311 -2.59 -14.23 25.24
C LEU F 311 -3.97 -14.57 25.77
N ALA F 312 -4.22 -15.85 26.11
CA ALA F 312 -5.52 -16.21 26.69
C ALA F 312 -5.70 -15.64 28.08
N MET F 313 -4.63 -15.62 28.88
CA MET F 313 -4.75 -15.00 30.20
C MET F 313 -5.06 -13.51 30.09
N ALA F 314 -4.40 -12.82 29.15
CA ALA F 314 -4.65 -11.39 28.99
C ALA F 314 -6.08 -11.14 28.52
N ALA F 315 -6.53 -11.91 27.52
CA ALA F 315 -7.89 -11.73 27.01
C ALA F 315 -8.92 -12.10 28.06
N GLY F 316 -8.64 -13.15 28.82
CA GLY F 316 -9.58 -13.61 29.83
C GLY F 316 -9.68 -12.67 31.00
N LEU F 317 -8.54 -12.16 31.47
CA LEU F 317 -8.58 -11.20 32.58
C LEU F 317 -9.39 -9.97 32.19
N THR F 318 -9.17 -9.46 30.98
CA THR F 318 -9.91 -8.29 30.52
C THR F 318 -11.40 -8.59 30.43
N THR F 319 -11.73 -9.77 29.89
CA THR F 319 -13.13 -10.15 29.74
C THR F 319 -13.84 -10.29 31.08
N LEU F 320 -13.20 -11.00 32.02
CA LEU F 320 -13.84 -11.24 33.30
C LEU F 320 -14.06 -9.93 34.06
N ARG F 321 -13.16 -8.97 33.90
CA ARG F 321 -13.39 -7.69 34.58
C ARG F 321 -14.51 -6.91 33.91
N LEU F 322 -14.57 -6.93 32.58
CA LEU F 322 -15.62 -6.20 31.89
C LEU F 322 -17.01 -6.73 32.19
N ILE F 323 -17.16 -8.07 32.24
CA ILE F 323 -18.48 -8.61 32.53
C ILE F 323 -18.86 -8.47 33.99
N SER F 324 -17.94 -8.01 34.84
CA SER F 324 -18.25 -7.74 36.25
C SER F 324 -18.96 -6.41 36.46
N ARG F 325 -19.18 -5.64 35.40
CA ARG F 325 -19.93 -4.39 35.53
C ARG F 325 -21.30 -4.66 36.14
N PRO F 326 -21.78 -3.82 37.06
CA PRO F 326 -23.07 -4.09 37.73
C PRO F 326 -24.21 -4.19 36.73
N GLY F 327 -25.02 -5.24 36.84
CA GLY F 327 -26.17 -5.39 35.96
C GLY F 327 -25.89 -5.97 34.58
N PHE F 328 -24.64 -6.34 34.29
CA PHE F 328 -24.30 -6.89 32.98
C PHE F 328 -25.21 -8.06 32.61
N HIS F 329 -25.32 -9.04 33.52
CA HIS F 329 -26.10 -10.22 33.16
C HIS F 329 -27.60 -9.92 33.18
N ASP F 330 -28.03 -8.97 34.02
CA ASP F 330 -29.43 -8.56 33.96
C ASP F 330 -29.76 -8.00 32.58
N GLU F 331 -28.85 -7.20 32.01
CA GLU F 331 -29.09 -6.62 30.70
C GLU F 331 -29.11 -7.70 29.63
N LEU F 332 -28.19 -8.66 29.72
CA LEU F 332 -28.18 -9.80 28.81
C LEU F 332 -29.48 -10.57 28.88
N THR F 333 -29.92 -10.86 30.10
CA THR F 333 -31.17 -11.59 30.30
C THR F 333 -32.36 -10.82 29.73
N ALA F 334 -32.39 -9.50 29.93
CA ALA F 334 -33.54 -8.72 29.47
C ALA F 334 -33.65 -8.74 27.96
N TYR F 335 -32.53 -8.57 27.25
CA TYR F 335 -32.55 -8.70 25.80
C TYR F 335 -33.10 -10.06 25.40
N THR F 336 -32.55 -11.12 26.00
CA THR F 336 -32.91 -12.48 25.63
C THR F 336 -34.39 -12.72 25.84
N THR F 337 -34.95 -12.21 26.95
CA THR F 337 -36.38 -12.39 27.17
C THR F 337 -37.21 -11.61 26.15
N ARG F 338 -36.82 -10.37 25.83
CA ARG F 338 -37.52 -9.62 24.78
C ARG F 338 -37.49 -10.38 23.46
N MET F 339 -36.34 -10.97 23.13
CA MET F 339 -36.21 -11.73 21.89
C MET F 339 -37.11 -12.95 21.91
N LEU F 340 -37.05 -13.73 22.99
CA LEU F 340 -37.85 -14.95 23.03
C LEU F 340 -39.34 -14.63 23.05
N ASP F 341 -39.73 -13.57 23.77
CA ASP F 341 -41.14 -13.17 23.76
C ASP F 341 -41.59 -12.79 22.36
N GLY F 342 -40.77 -11.98 21.67
CA GLY F 342 -41.10 -11.58 20.31
C GLY F 342 -41.19 -12.77 19.37
N LEU F 343 -40.30 -13.75 19.53
CA LEU F 343 -40.36 -14.94 18.69
C LEU F 343 -41.61 -15.74 18.97
N GLN F 344 -41.95 -15.92 20.25
CA GLN F 344 -43.17 -16.64 20.61
C GLN F 344 -44.40 -15.95 20.06
N GLN F 345 -44.44 -14.62 20.12
CA GLN F 345 -45.58 -13.87 19.58
C GLN F 345 -45.74 -14.16 18.09
N ARG F 346 -44.64 -14.13 17.34
CA ARG F 346 -44.74 -14.33 15.89
C ARG F 346 -45.03 -15.77 15.54
N ALA F 347 -44.51 -16.73 16.31
CA ALA F 347 -44.85 -18.12 16.04
C ALA F 347 -46.33 -18.39 16.32
N ASP F 348 -46.85 -17.84 17.43
CA ASP F 348 -48.27 -17.99 17.76
C ASP F 348 -49.14 -17.40 16.66
N ALA F 349 -48.77 -16.21 16.17
CA ALA F 349 -49.54 -15.57 15.10
C ALA F 349 -49.54 -16.39 13.82
N ALA F 350 -48.43 -17.08 13.56
CA ALA F 350 -48.30 -17.92 12.37
C ALA F 350 -48.89 -19.31 12.56
N GLY F 351 -49.40 -19.62 13.75
CA GLY F 351 -49.89 -20.97 14.00
C GLY F 351 -48.81 -22.02 13.96
N ILE F 352 -47.63 -21.71 14.47
CA ILE F 352 -46.49 -22.63 14.50
C ILE F 352 -46.28 -23.07 15.94
N PRO F 353 -46.46 -24.34 16.28
CA PRO F 353 -46.13 -24.79 17.64
C PRO F 353 -44.67 -24.48 17.95
N PHE F 354 -44.46 -23.83 19.09
CA PHE F 354 -43.18 -23.20 19.38
C PHE F 354 -43.08 -23.02 20.89
N VAL F 355 -41.91 -23.32 21.45
CA VAL F 355 -41.70 -23.10 22.87
C VAL F 355 -40.23 -22.77 23.05
N THR F 356 -39.92 -22.00 24.10
CA THR F 356 -38.54 -21.57 24.34
C THR F 356 -38.12 -21.91 25.74
N THR F 357 -36.80 -21.89 25.94
CA THR F 357 -36.17 -22.01 27.24
C THR F 357 -35.14 -20.90 27.38
N GLN F 358 -34.84 -20.54 28.62
CA GLN F 358 -33.89 -19.47 28.87
C GLN F 358 -33.21 -19.66 30.21
N ALA F 359 -31.90 -19.38 30.24
CA ALA F 359 -31.14 -19.27 31.48
C ALA F 359 -30.17 -18.12 31.28
N GLY F 360 -30.55 -16.93 31.73
CA GLY F 360 -29.69 -15.78 31.55
C GLY F 360 -29.48 -15.48 30.08
N GLY F 361 -28.22 -15.48 29.66
CA GLY F 361 -27.88 -15.23 28.26
C GLY F 361 -27.77 -16.49 27.41
N MET F 362 -28.44 -17.53 27.87
CA MET F 362 -28.49 -18.82 27.19
C MET F 362 -29.96 -19.10 26.85
N PHE F 363 -30.24 -19.60 25.64
CA PHE F 363 -31.63 -19.83 25.27
C PHE F 363 -31.76 -21.03 24.35
N GLY F 364 -33.00 -21.54 24.25
CA GLY F 364 -33.28 -22.63 23.33
C GLY F 364 -34.58 -22.38 22.59
N LEU F 365 -34.63 -22.70 21.30
CA LEU F 365 -35.84 -22.58 20.50
C LEU F 365 -36.28 -23.98 20.08
N TYR F 366 -37.57 -24.27 20.22
CA TYR F 366 -38.10 -25.59 19.96
C TYR F 366 -39.37 -25.49 19.13
N PHE F 367 -39.44 -26.30 18.09
CA PHE F 367 -40.69 -26.44 17.35
C PHE F 367 -41.42 -27.62 17.99
N SER F 368 -42.27 -27.30 18.97
CA SER F 368 -42.83 -28.33 19.82
C SER F 368 -44.15 -27.83 20.39
N GLY F 369 -45.07 -28.77 20.57
CA GLY F 369 -46.33 -28.50 21.24
C GLY F 369 -46.30 -28.71 22.73
N ALA F 370 -45.15 -29.08 23.30
CA ALA F 370 -45.07 -29.28 24.74
C ALA F 370 -45.23 -27.96 25.46
N ASP F 371 -45.78 -28.02 26.68
CA ASP F 371 -45.94 -26.80 27.47
C ASP F 371 -44.60 -26.28 27.96
N ALA F 372 -43.63 -27.16 28.12
CA ALA F 372 -42.28 -26.78 28.54
C ALA F 372 -41.34 -27.92 28.14
N ILE F 373 -40.07 -27.58 27.95
CA ILE F 373 -39.03 -28.57 27.65
C ILE F 373 -38.31 -28.89 28.95
N VAL F 374 -38.45 -30.12 29.43
CA VAL F 374 -37.91 -30.53 30.71
C VAL F 374 -36.97 -31.72 30.58
N THR F 375 -37.27 -32.63 29.67
CA THR F 375 -36.54 -33.89 29.59
C THR F 375 -35.87 -34.04 28.23
N PHE F 376 -34.90 -34.95 28.19
CA PHE F 376 -34.34 -35.39 26.92
C PHE F 376 -35.43 -35.86 25.96
N GLU F 377 -36.46 -36.55 26.48
CA GLU F 377 -37.58 -36.98 25.65
C GLU F 377 -38.27 -35.79 25.00
N ASP F 378 -38.50 -34.71 25.76
CA ASP F 378 -39.09 -33.51 25.19
C ASP F 378 -38.26 -32.98 24.03
N VAL F 379 -36.93 -33.00 24.17
CA VAL F 379 -36.06 -32.46 23.14
C VAL F 379 -36.15 -33.31 21.88
N MET F 380 -36.04 -34.62 22.04
CA MET F 380 -36.02 -35.52 20.89
C MET F 380 -37.36 -35.54 20.19
N ALA F 381 -38.43 -35.30 20.92
CA ALA F 381 -39.76 -35.30 20.34
C ALA F 381 -40.07 -34.03 19.54
N SER F 382 -39.22 -33.00 19.61
CA SER F 382 -39.53 -31.78 18.89
C SER F 382 -39.36 -31.98 17.38
N ASP F 383 -39.84 -31.00 16.63
CA ASP F 383 -39.93 -31.06 15.16
C ASP F 383 -38.58 -30.64 14.59
N VAL F 384 -37.66 -31.59 14.48
CA VAL F 384 -36.27 -31.27 14.10
C VAL F 384 -36.18 -30.82 12.66
N GLU F 385 -36.96 -31.44 11.76
CA GLU F 385 -36.90 -31.02 10.36
C GLU F 385 -37.38 -29.58 10.20
N ARG F 386 -38.38 -29.18 10.99
CA ARG F 386 -38.82 -27.79 10.91
C ARG F 386 -37.72 -26.85 11.39
N PHE F 387 -37.00 -27.23 12.45
CA PHE F 387 -35.88 -26.37 12.87
C PHE F 387 -34.87 -26.21 11.76
N LYS F 388 -34.52 -27.30 11.06
CA LYS F 388 -33.59 -27.20 9.95
C LYS F 388 -34.04 -26.18 8.92
N ARG F 389 -35.31 -26.27 8.50
CA ARG F 389 -35.84 -25.28 7.55
CA ARG F 389 -35.82 -25.28 7.54
C ARG F 389 -35.75 -23.88 8.12
N PHE F 390 -36.16 -23.73 9.39
CA PHE F 390 -36.10 -22.44 10.07
C PHE F 390 -34.68 -21.89 10.04
N PHE F 391 -33.71 -22.75 10.32
CA PHE F 391 -32.32 -22.29 10.34
C PHE F 391 -31.94 -21.64 9.03
N HIS F 392 -32.26 -22.28 7.92
CA HIS F 392 -31.86 -21.75 6.62
C HIS F 392 -32.66 -20.51 6.26
N LEU F 393 -33.94 -20.47 6.63
CA LEU F 393 -34.71 -19.25 6.41
C LEU F 393 -34.14 -18.09 7.20
N MET F 394 -33.68 -18.35 8.42
CA MET F 394 -33.10 -17.28 9.23
C MET F 394 -31.77 -16.81 8.67
N LEU F 395 -30.96 -17.73 8.12
CA LEU F 395 -29.75 -17.30 7.42
C LEU F 395 -30.08 -16.32 6.31
N ASP F 396 -31.11 -16.61 5.52
CA ASP F 396 -31.54 -15.68 4.47
C ASP F 396 -31.83 -14.30 5.06
N GLY F 397 -32.48 -14.26 6.21
CA GLY F 397 -32.77 -13.01 6.89
C GLY F 397 -31.62 -12.40 7.65
N GLY F 398 -30.40 -12.93 7.49
CA GLY F 398 -29.23 -12.34 8.12
C GLY F 398 -29.05 -12.68 9.58
N VAL F 399 -29.49 -13.86 10.01
CA VAL F 399 -29.39 -14.34 11.37
C VAL F 399 -28.74 -15.71 11.35
N TYR F 400 -27.69 -15.89 12.17
CA TYR F 400 -26.96 -17.15 12.27
C TYR F 400 -27.28 -17.82 13.61
N LEU F 401 -28.21 -18.76 13.58
CA LEU F 401 -28.53 -19.55 14.77
C LEU F 401 -27.53 -20.69 14.91
N ALA F 402 -27.64 -21.44 15.99
CA ALA F 402 -26.83 -22.64 16.12
C ALA F 402 -27.23 -23.61 15.01
N PRO F 403 -26.27 -24.17 14.25
CA PRO F 403 -26.60 -25.05 13.13
C PRO F 403 -26.92 -26.48 13.57
N SER F 404 -27.83 -26.61 14.52
CA SER F 404 -28.27 -27.88 15.05
C SER F 404 -29.49 -27.65 15.91
N ALA F 405 -30.49 -28.52 15.80
CA ALA F 405 -31.60 -28.44 16.73
C ALA F 405 -31.20 -28.87 18.15
N PHE F 406 -29.96 -29.31 18.34
CA PHE F 406 -29.53 -29.86 19.63
C PHE F 406 -28.40 -29.04 20.23
N GLU F 407 -28.32 -27.75 19.90
CA GLU F 407 -27.38 -26.83 20.52
C GLU F 407 -28.11 -25.60 21.03
N ALA F 408 -27.77 -25.17 22.24
CA ALA F 408 -28.29 -23.92 22.79
C ALA F 408 -27.77 -22.72 22.00
N GLY F 409 -28.53 -21.63 22.06
CA GLY F 409 -28.10 -20.36 21.51
C GLY F 409 -27.63 -19.42 22.60
N PHE F 410 -26.94 -18.38 22.18
CA PHE F 410 -26.24 -17.48 23.10
C PHE F 410 -26.39 -16.05 22.63
N THR F 411 -26.67 -15.15 23.56
CA THR F 411 -26.73 -13.73 23.27
C THR F 411 -25.49 -13.05 23.82
N SER F 412 -25.22 -11.84 23.34
CA SER F 412 -24.08 -11.08 23.80
C SER F 412 -24.52 -9.69 24.21
N ILE F 413 -23.66 -9.02 24.98
CA ILE F 413 -23.97 -7.66 25.39
C ILE F 413 -23.99 -6.70 24.21
N ALA F 414 -23.46 -7.10 23.05
CA ALA F 414 -23.49 -6.25 21.88
C ALA F 414 -24.80 -6.34 21.10
N HIS F 415 -25.65 -7.30 21.42
CA HIS F 415 -26.97 -7.37 20.81
C HIS F 415 -27.87 -6.28 21.40
N GLY F 416 -28.42 -5.45 20.54
CA GLY F 416 -29.28 -4.36 20.96
C GLY F 416 -30.51 -4.26 20.09
N ASP F 417 -31.14 -3.08 20.05
CA ASP F 417 -32.42 -2.94 19.36
C ASP F 417 -32.30 -3.25 17.86
N LYS F 418 -31.22 -2.84 17.22
CA LYS F 418 -31.07 -3.11 15.79
C LYS F 418 -31.04 -4.60 15.51
N GLU F 419 -30.34 -5.35 16.37
CA GLU F 419 -30.24 -6.79 16.20
C GLU F 419 -31.55 -7.48 16.53
N LEU F 420 -32.24 -6.99 17.56
CA LEU F 420 -33.55 -7.56 17.89
C LEU F 420 -34.51 -7.41 16.72
N GLU F 421 -34.53 -6.22 16.10
CA GLU F 421 -35.41 -5.98 14.96
C GLU F 421 -35.09 -6.92 13.80
N ILE F 422 -33.80 -7.06 13.47
CA ILE F 422 -33.39 -7.96 12.40
C ILE F 422 -33.83 -9.39 12.71
N THR F 423 -33.61 -9.82 13.95
CA THR F 423 -33.96 -11.17 14.34
C THR F 423 -35.46 -11.40 14.24
N LEU F 424 -36.24 -10.47 14.80
CA LEU F 424 -37.68 -10.67 14.87
C LEU F 424 -38.30 -10.60 13.47
N ASN F 425 -37.84 -9.67 12.63
CA ASN F 425 -38.35 -9.60 11.27
C ASN F 425 -37.97 -10.84 10.46
N ALA F 426 -36.74 -11.34 10.63
CA ALA F 426 -36.35 -12.56 9.93
C ALA F 426 -37.19 -13.74 10.37
N ALA F 427 -37.50 -13.82 11.66
CA ALA F 427 -38.32 -14.93 12.14
C ALA F 427 -39.75 -14.82 11.63
N GLU F 428 -40.29 -13.60 11.57
CA GLU F 428 -41.64 -13.41 11.05
C GLU F 428 -41.74 -13.92 9.62
N LYS F 429 -40.79 -13.55 8.76
CA LYS F 429 -40.77 -14.07 7.40
C LYS F 429 -40.57 -15.59 7.39
N ALA F 430 -39.70 -16.09 8.26
CA ALA F 430 -39.44 -17.54 8.28
C ALA F 430 -40.68 -18.33 8.68
N PHE F 431 -41.39 -17.87 9.73
CA PHE F 431 -42.60 -18.57 10.16
C PHE F 431 -43.62 -18.59 9.03
N ALA F 432 -43.69 -17.50 8.26
CA ALA F 432 -44.65 -17.41 7.17
C ALA F 432 -44.36 -18.43 6.07
N ALA F 433 -43.09 -18.65 5.77
CA ALA F 433 -42.68 -19.29 4.52
C ALA F 433 -43.18 -20.72 4.33
#